data_6N4G
# 
_entry.id   6N4G 
# 
_audit_conform.dict_name       mmcif_pdbx.dic 
_audit_conform.dict_version    5.387 
_audit_conform.dict_location   http://mmcif.pdb.org/dictionaries/ascii/mmcif_pdbx.dic 
# 
loop_
_database_2.database_id 
_database_2.database_code 
_database_2.pdbx_database_accession 
_database_2.pdbx_DOI 
PDB   6N4G         pdb_00006n4g 10.2210/pdb6n4g/pdb 
WWPDB D_1000238159 ?            ?                   
# 
loop_
_pdbx_audit_revision_history.ordinal 
_pdbx_audit_revision_history.data_content_type 
_pdbx_audit_revision_history.major_revision 
_pdbx_audit_revision_history.minor_revision 
_pdbx_audit_revision_history.revision_date 
1 'Structure model' 1 0 2018-12-05 
2 'Structure model' 1 1 2018-12-12 
3 'Structure model' 1 2 2019-11-27 
4 'Structure model' 1 3 2024-03-13 
# 
_pdbx_audit_revision_details.ordinal             1 
_pdbx_audit_revision_details.revision_ordinal    1 
_pdbx_audit_revision_details.data_content_type   'Structure model' 
_pdbx_audit_revision_details.provider            repository 
_pdbx_audit_revision_details.type                'Initial release' 
_pdbx_audit_revision_details.description         ? 
_pdbx_audit_revision_details.details             ? 
# 
loop_
_pdbx_audit_revision_group.ordinal 
_pdbx_audit_revision_group.revision_ordinal 
_pdbx_audit_revision_group.data_content_type 
_pdbx_audit_revision_group.group 
1 2 'Structure model' 'Data collection'            
2 2 'Structure model' 'Database references'        
3 3 'Structure model' 'Author supporting evidence' 
4 4 'Structure model' 'Data collection'            
5 4 'Structure model' 'Database references'        
6 4 'Structure model' 'Derived calculations'       
# 
loop_
_pdbx_audit_revision_category.ordinal 
_pdbx_audit_revision_category.revision_ordinal 
_pdbx_audit_revision_category.data_content_type 
_pdbx_audit_revision_category.category 
1 2 'Structure model' citation               
2 2 'Structure model' citation_author        
3 3 'Structure model' pdbx_audit_support     
4 4 'Structure model' chem_comp_atom         
5 4 'Structure model' chem_comp_bond         
6 4 'Structure model' database_2             
7 4 'Structure model' pdbx_struct_conn_angle 
8 4 'Structure model' struct_conn            
# 
loop_
_pdbx_audit_revision_item.ordinal 
_pdbx_audit_revision_item.revision_ordinal 
_pdbx_audit_revision_item.data_content_type 
_pdbx_audit_revision_item.item 
1  2 'Structure model' '_citation.journal_volume'                    
2  2 'Structure model' '_citation.page_first'                        
3  2 'Structure model' '_citation.page_last'                         
4  2 'Structure model' '_citation.pdbx_database_id_PubMed'           
5  2 'Structure model' '_citation_author.identifier_ORCID'           
6  3 'Structure model' '_pdbx_audit_support.funding_organization'    
7  4 'Structure model' '_database_2.pdbx_DOI'                        
8  4 'Structure model' '_database_2.pdbx_database_accession'         
9  4 'Structure model' '_pdbx_struct_conn_angle.ptnr1_auth_asym_id'  
10 4 'Structure model' '_pdbx_struct_conn_angle.ptnr1_auth_comp_id'  
11 4 'Structure model' '_pdbx_struct_conn_angle.ptnr1_auth_seq_id'   
12 4 'Structure model' '_pdbx_struct_conn_angle.ptnr1_label_alt_id'  
13 4 'Structure model' '_pdbx_struct_conn_angle.ptnr1_label_asym_id' 
14 4 'Structure model' '_pdbx_struct_conn_angle.ptnr1_label_atom_id' 
15 4 'Structure model' '_pdbx_struct_conn_angle.ptnr1_label_comp_id' 
16 4 'Structure model' '_pdbx_struct_conn_angle.ptnr1_label_seq_id'  
17 4 'Structure model' '_pdbx_struct_conn_angle.ptnr1_symmetry'      
18 4 'Structure model' '_pdbx_struct_conn_angle.ptnr2_auth_asym_id'  
19 4 'Structure model' '_pdbx_struct_conn_angle.ptnr2_auth_seq_id'   
20 4 'Structure model' '_pdbx_struct_conn_angle.ptnr2_label_alt_id'  
21 4 'Structure model' '_pdbx_struct_conn_angle.ptnr2_label_asym_id' 
22 4 'Structure model' '_pdbx_struct_conn_angle.ptnr3_auth_asym_id'  
23 4 'Structure model' '_pdbx_struct_conn_angle.ptnr3_auth_comp_id'  
24 4 'Structure model' '_pdbx_struct_conn_angle.ptnr3_auth_seq_id'   
25 4 'Structure model' '_pdbx_struct_conn_angle.ptnr3_label_alt_id'  
26 4 'Structure model' '_pdbx_struct_conn_angle.ptnr3_label_asym_id' 
27 4 'Structure model' '_pdbx_struct_conn_angle.ptnr3_label_atom_id' 
28 4 'Structure model' '_pdbx_struct_conn_angle.ptnr3_label_comp_id' 
29 4 'Structure model' '_pdbx_struct_conn_angle.ptnr3_label_seq_id'  
30 4 'Structure model' '_pdbx_struct_conn_angle.ptnr3_symmetry'      
31 4 'Structure model' '_pdbx_struct_conn_angle.value'               
32 4 'Structure model' '_struct_conn.pdbx_dist_value'                
33 4 'Structure model' '_struct_conn.pdbx_ptnr1_label_alt_id'        
34 4 'Structure model' '_struct_conn.pdbx_ptnr2_label_alt_id'        
35 4 'Structure model' '_struct_conn.ptnr1_auth_asym_id'             
36 4 'Structure model' '_struct_conn.ptnr1_auth_comp_id'             
37 4 'Structure model' '_struct_conn.ptnr1_auth_seq_id'              
38 4 'Structure model' '_struct_conn.ptnr1_label_asym_id'            
39 4 'Structure model' '_struct_conn.ptnr1_label_atom_id'            
40 4 'Structure model' '_struct_conn.ptnr1_label_comp_id'            
41 4 'Structure model' '_struct_conn.ptnr1_label_seq_id'             
42 4 'Structure model' '_struct_conn.ptnr1_symmetry'                 
43 4 'Structure model' '_struct_conn.ptnr2_auth_asym_id'             
44 4 'Structure model' '_struct_conn.ptnr2_auth_comp_id'             
45 4 'Structure model' '_struct_conn.ptnr2_auth_seq_id'              
46 4 'Structure model' '_struct_conn.ptnr2_label_asym_id'            
47 4 'Structure model' '_struct_conn.ptnr2_label_atom_id'            
48 4 'Structure model' '_struct_conn.ptnr2_label_comp_id'            
49 4 'Structure model' '_struct_conn.ptnr2_label_seq_id'             
50 4 'Structure model' '_struct_conn.ptnr2_symmetry'                 
# 
_pdbx_database_PDB_obs_spr.id               SPRSDE 
_pdbx_database_PDB_obs_spr.date             2018-12-05 
_pdbx_database_PDB_obs_spr.pdb_id           6N4G 
_pdbx_database_PDB_obs_spr.replace_pdb_id   6MC5 
_pdbx_database_PDB_obs_spr.details          ? 
# 
_pdbx_database_status.status_code                     REL 
_pdbx_database_status.status_code_sf                  REL 
_pdbx_database_status.status_code_mr                  ? 
_pdbx_database_status.entry_id                        6N4G 
_pdbx_database_status.recvd_initial_deposition_date   2018-11-19 
_pdbx_database_status.SG_entry                        N 
_pdbx_database_status.deposit_site                    RCSB 
_pdbx_database_status.process_site                    RCSB 
_pdbx_database_status.status_code_cs                  ? 
_pdbx_database_status.methods_development_category    ? 
_pdbx_database_status.pdb_format_compatible           Y 
_pdbx_database_status.status_code_nmr_data            ? 
# 
loop_
_pdbx_database_related.db_name 
_pdbx_database_related.details 
_pdbx_database_related.db_id 
_pdbx_database_related.content_type 
PDB . 6MC2 unspecified 
PDB . 6MC3 unspecified 
PDB . 6MC4 unspecified 
# 
loop_
_audit_author.name 
_audit_author.pdbx_ordinal 
_audit_author.identifier_ORCID 
'Chu, B.'          1 0000-0002-9429-8893 
'Paukstelis, P.J.' 2 0000-0001-8536-4361 
# 
_citation.abstract                  ? 
_citation.abstract_id_CAS           ? 
_citation.book_id_ISBN              ? 
_citation.book_publisher            ? 
_citation.book_publisher_city       ? 
_citation.book_title                ? 
_citation.coordinate_linkage        ? 
_citation.country                   US 
_citation.database_id_Medline       ? 
_citation.details                   ? 
_citation.id                        primary 
_citation.journal_abbrev            'J. Am. Chem. Soc.' 
_citation.journal_id_ASTM           JACSAT 
_citation.journal_id_CSD            ? 
_citation.journal_id_ISSN           1520-5126 
_citation.journal_full              ? 
_citation.journal_issue             ? 
_citation.journal_volume            140 
_citation.language                  ? 
_citation.page_first                16291 
_citation.page_last                 16298 
_citation.title                     'Crystal Structure of a Tetrameric DNA Fold-Back Quadruplex.' 
_citation.year                      2018 
_citation.database_id_CSD           ? 
_citation.pdbx_database_id_DOI      10.1021/jacs.8b10153 
_citation.pdbx_database_id_PubMed   30384604 
_citation.unpublished_flag          ? 
# 
loop_
_citation_author.citation_id 
_citation_author.name 
_citation_author.ordinal 
_citation_author.identifier_ORCID 
primary 'Chu, B.'          1 ? 
primary 'Zhang, D.'        2 ? 
primary 'Hwang, W.'        3 ? 
primary 'Paukstelis, P.J.' 4 ? 
# 
loop_
_entity.id 
_entity.type 
_entity.src_method 
_entity.pdbx_description 
_entity.formula_weight 
_entity.pdbx_number_of_molecules 
_entity.pdbx_ec 
_entity.pdbx_mutation 
_entity.pdbx_fragment 
_entity.details 
1 polymer     syn 
;DNA (5'-D(*CP*GP*TP*TP*AP*GP*GP*CP*G)-3')
;
2771.822 2   ? ? ? ? 
2 non-polymer syn 'BARIUM ION'                                137.327  9   ? ? ? ? 
3 water       nat water                                       18.015   136 ? ? ? ? 
# 
_entity_poly.entity_id                      1 
_entity_poly.type                           polydeoxyribonucleotide 
_entity_poly.nstd_linkage                   no 
_entity_poly.nstd_monomer                   no 
_entity_poly.pdbx_seq_one_letter_code       '(DC)(DG)(DT)(DT)(DA)(DG)(DG)(DC)(DG)' 
_entity_poly.pdbx_seq_one_letter_code_can   CGTTAGGCG 
_entity_poly.pdbx_strand_id                 A,B 
_entity_poly.pdbx_target_identifier         ? 
# 
loop_
_pdbx_entity_nonpoly.entity_id 
_pdbx_entity_nonpoly.name 
_pdbx_entity_nonpoly.comp_id 
2 'BARIUM ION' BA  
3 water        HOH 
# 
loop_
_entity_poly_seq.entity_id 
_entity_poly_seq.num 
_entity_poly_seq.mon_id 
_entity_poly_seq.hetero 
1 1 DC n 
1 2 DG n 
1 3 DT n 
1 4 DT n 
1 5 DA n 
1 6 DG n 
1 7 DG n 
1 8 DC n 
1 9 DG n 
# 
_pdbx_entity_src_syn.entity_id              1 
_pdbx_entity_src_syn.pdbx_src_id            1 
_pdbx_entity_src_syn.pdbx_alt_source_flag   sample 
_pdbx_entity_src_syn.pdbx_beg_seq_num       1 
_pdbx_entity_src_syn.pdbx_end_seq_num       9 
_pdbx_entity_src_syn.organism_scientific    'synthetic construct' 
_pdbx_entity_src_syn.organism_common_name   ? 
_pdbx_entity_src_syn.ncbi_taxonomy_id       32630 
_pdbx_entity_src_syn.details                ? 
# 
loop_
_chem_comp.id 
_chem_comp.type 
_chem_comp.mon_nstd_flag 
_chem_comp.name 
_chem_comp.pdbx_synonyms 
_chem_comp.formula 
_chem_comp.formula_weight 
BA  non-polymer   . 'BARIUM ION'                         ? 'Ba 2'            137.327 
DA  'DNA linking' y "2'-DEOXYADENOSINE-5'-MONOPHOSPHATE" ? 'C10 H14 N5 O6 P' 331.222 
DC  'DNA linking' y "2'-DEOXYCYTIDINE-5'-MONOPHOSPHATE"  ? 'C9 H14 N3 O7 P'  307.197 
DG  'DNA linking' y "2'-DEOXYGUANOSINE-5'-MONOPHOSPHATE" ? 'C10 H14 N5 O7 P' 347.221 
DT  'DNA linking' y "THYMIDINE-5'-MONOPHOSPHATE"         ? 'C10 H15 N2 O8 P' 322.208 
HOH non-polymer   . WATER                                ? 'H2 O'            18.015  
# 
loop_
_pdbx_poly_seq_scheme.asym_id 
_pdbx_poly_seq_scheme.entity_id 
_pdbx_poly_seq_scheme.seq_id 
_pdbx_poly_seq_scheme.mon_id 
_pdbx_poly_seq_scheme.ndb_seq_num 
_pdbx_poly_seq_scheme.pdb_seq_num 
_pdbx_poly_seq_scheme.auth_seq_num 
_pdbx_poly_seq_scheme.pdb_mon_id 
_pdbx_poly_seq_scheme.auth_mon_id 
_pdbx_poly_seq_scheme.pdb_strand_id 
_pdbx_poly_seq_scheme.pdb_ins_code 
_pdbx_poly_seq_scheme.hetero 
A 1 1 DC 1 1 1 DC DC A . n 
A 1 2 DG 2 2 2 DG DG A . n 
A 1 3 DT 3 3 3 DT DT A . n 
A 1 4 DT 4 4 4 DT DT A . n 
A 1 5 DA 5 5 5 DA DA A . n 
A 1 6 DG 6 6 6 DG DG A . n 
A 1 7 DG 7 7 7 DG DG A . n 
A 1 8 DC 8 8 8 DC DC A . n 
A 1 9 DG 9 9 9 DG DG A . n 
B 1 1 DC 1 1 1 DC DC B . n 
B 1 2 DG 2 2 2 DG DG B . n 
B 1 3 DT 3 3 3 DT DT B . n 
B 1 4 DT 4 4 4 DT DT B . n 
B 1 5 DA 5 5 5 DA DA B . n 
B 1 6 DG 6 6 6 DG DG B . n 
B 1 7 DG 7 7 7 DG DG B . n 
B 1 8 DC 8 8 8 DC DC B . n 
B 1 9 DG 9 9 9 DG DG B . n 
# 
loop_
_pdbx_nonpoly_scheme.asym_id 
_pdbx_nonpoly_scheme.entity_id 
_pdbx_nonpoly_scheme.mon_id 
_pdbx_nonpoly_scheme.ndb_seq_num 
_pdbx_nonpoly_scheme.pdb_seq_num 
_pdbx_nonpoly_scheme.auth_seq_num 
_pdbx_nonpoly_scheme.pdb_mon_id 
_pdbx_nonpoly_scheme.auth_mon_id 
_pdbx_nonpoly_scheme.pdb_strand_id 
_pdbx_nonpoly_scheme.pdb_ins_code 
C 2 BA  1  101 2   BA  BA  A . 
D 2 BA  1  102 5   BA  BA  A . 
E 2 BA  1  103 6   BA  BA  A . 
F 2 BA  1  104 7   BA  BA  A . 
G 2 BA  1  105 9   BA  BA  A . 
H 2 BA  1  101 1   BA  BA  B . 
I 2 BA  1  102 3   BA  BA  B . 
J 2 BA  1  103 4   BA  BA  B . 
K 2 BA  1  104 8   BA  BA  B . 
L 3 HOH 1  201 81  HOH HOH A . 
L 3 HOH 2  202 103 HOH HOH A . 
L 3 HOH 3  203 41  HOH HOH A . 
L 3 HOH 4  204 129 HOH HOH A . 
L 3 HOH 5  205 7   HOH HOH A . 
L 3 HOH 6  206 82  HOH HOH A . 
L 3 HOH 7  207 130 HOH HOH A . 
L 3 HOH 8  208 99  HOH HOH A . 
L 3 HOH 9  209 128 HOH HOH A . 
L 3 HOH 10 210 2   HOH HOH A . 
L 3 HOH 11 211 53  HOH HOH A . 
L 3 HOH 12 212 8   HOH HOH A . 
L 3 HOH 13 213 120 HOH HOH A . 
L 3 HOH 14 214 47  HOH HOH A . 
L 3 HOH 15 215 79  HOH HOH A . 
L 3 HOH 16 216 45  HOH HOH A . 
L 3 HOH 17 217 21  HOH HOH A . 
L 3 HOH 18 218 80  HOH HOH A . 
L 3 HOH 19 219 39  HOH HOH A . 
L 3 HOH 20 220 22  HOH HOH A . 
L 3 HOH 21 221 78  HOH HOH A . 
L 3 HOH 22 222 40  HOH HOH A . 
L 3 HOH 23 223 63  HOH HOH A . 
L 3 HOH 24 224 118 HOH HOH A . 
L 3 HOH 25 225 50  HOH HOH A . 
L 3 HOH 26 226 49  HOH HOH A . 
L 3 HOH 27 227 106 HOH HOH A . 
L 3 HOH 28 228 109 HOH HOH A . 
L 3 HOH 29 229 76  HOH HOH A . 
L 3 HOH 30 230 136 HOH HOH A . 
L 3 HOH 31 231 115 HOH HOH A . 
L 3 HOH 32 232 57  HOH HOH A . 
L 3 HOH 33 233 51  HOH HOH A . 
L 3 HOH 34 234 65  HOH HOH A . 
L 3 HOH 35 235 111 HOH HOH A . 
L 3 HOH 36 236 117 HOH HOH A . 
L 3 HOH 37 237 5   HOH HOH A . 
L 3 HOH 38 238 58  HOH HOH A . 
L 3 HOH 39 239 74  HOH HOH A . 
L 3 HOH 40 240 70  HOH HOH A . 
L 3 HOH 41 241 134 HOH HOH A . 
L 3 HOH 42 242 62  HOH HOH A . 
L 3 HOH 43 243 75  HOH HOH A . 
L 3 HOH 44 244 110 HOH HOH A . 
L 3 HOH 45 245 116 HOH HOH A . 
L 3 HOH 46 246 64  HOH HOH A . 
L 3 HOH 47 247 113 HOH HOH A . 
L 3 HOH 48 248 104 HOH HOH A . 
L 3 HOH 49 249 107 HOH HOH A . 
L 3 HOH 50 250 126 HOH HOH A . 
L 3 HOH 51 251 92  HOH HOH A . 
L 3 HOH 52 252 73  HOH HOH A . 
L 3 HOH 53 253 119 HOH HOH A . 
L 3 HOH 54 254 125 HOH HOH A . 
L 3 HOH 55 255 132 HOH HOH A . 
L 3 HOH 56 256 43  HOH HOH A . 
L 3 HOH 57 257 87  HOH HOH A . 
L 3 HOH 58 258 48  HOH HOH A . 
L 3 HOH 59 259 114 HOH HOH A . 
L 3 HOH 60 260 28  HOH HOH A . 
L 3 HOH 61 261 27  HOH HOH A . 
L 3 HOH 62 262 93  HOH HOH A . 
L 3 HOH 63 263 100 HOH HOH A . 
L 3 HOH 64 264 3   HOH HOH A . 
L 3 HOH 65 265 135 HOH HOH A . 
L 3 HOH 66 266 11  HOH HOH A . 
L 3 HOH 67 267 90  HOH HOH A . 
L 3 HOH 68 268 68  HOH HOH A . 
L 3 HOH 69 269 91  HOH HOH A . 
M 3 HOH 1  201 88  HOH HOH B . 
M 3 HOH 2  202 131 HOH HOH B . 
M 3 HOH 3  203 25  HOH HOH B . 
M 3 HOH 4  204 127 HOH HOH B . 
M 3 HOH 5  205 54  HOH HOH B . 
M 3 HOH 6  206 20  HOH HOH B . 
M 3 HOH 7  207 96  HOH HOH B . 
M 3 HOH 8  208 77  HOH HOH B . 
M 3 HOH 9  209 98  HOH HOH B . 
M 3 HOH 10 210 94  HOH HOH B . 
M 3 HOH 11 211 35  HOH HOH B . 
M 3 HOH 12 212 108 HOH HOH B . 
M 3 HOH 13 213 19  HOH HOH B . 
M 3 HOH 14 214 97  HOH HOH B . 
M 3 HOH 15 215 31  HOH HOH B . 
M 3 HOH 16 216 9   HOH HOH B . 
M 3 HOH 17 217 32  HOH HOH B . 
M 3 HOH 18 218 44  HOH HOH B . 
M 3 HOH 19 219 1   HOH HOH B . 
M 3 HOH 20 220 122 HOH HOH B . 
M 3 HOH 21 221 24  HOH HOH B . 
M 3 HOH 22 222 18  HOH HOH B . 
M 3 HOH 23 223 121 HOH HOH B . 
M 3 HOH 24 224 36  HOH HOH B . 
M 3 HOH 25 225 4   HOH HOH B . 
M 3 HOH 26 226 95  HOH HOH B . 
M 3 HOH 27 227 23  HOH HOH B . 
M 3 HOH 28 228 46  HOH HOH B . 
M 3 HOH 29 229 29  HOH HOH B . 
M 3 HOH 30 230 14  HOH HOH B . 
M 3 HOH 31 231 33  HOH HOH B . 
M 3 HOH 32 232 6   HOH HOH B . 
M 3 HOH 33 233 38  HOH HOH B . 
M 3 HOH 34 234 34  HOH HOH B . 
M 3 HOH 35 235 59  HOH HOH B . 
M 3 HOH 36 236 12  HOH HOH B . 
M 3 HOH 37 237 84  HOH HOH B . 
M 3 HOH 38 238 42  HOH HOH B . 
M 3 HOH 39 239 55  HOH HOH B . 
M 3 HOH 40 240 105 HOH HOH B . 
M 3 HOH 41 241 66  HOH HOH B . 
M 3 HOH 42 242 72  HOH HOH B . 
M 3 HOH 43 243 52  HOH HOH B . 
M 3 HOH 44 244 16  HOH HOH B . 
M 3 HOH 45 245 10  HOH HOH B . 
M 3 HOH 46 246 83  HOH HOH B . 
M 3 HOH 47 247 56  HOH HOH B . 
M 3 HOH 48 248 101 HOH HOH B . 
M 3 HOH 49 249 102 HOH HOH B . 
M 3 HOH 50 250 123 HOH HOH B . 
M 3 HOH 51 251 26  HOH HOH B . 
M 3 HOH 52 252 17  HOH HOH B . 
M 3 HOH 53 253 133 HOH HOH B . 
M 3 HOH 54 254 112 HOH HOH B . 
M 3 HOH 55 255 13  HOH HOH B . 
M 3 HOH 56 256 124 HOH HOH B . 
M 3 HOH 57 257 89  HOH HOH B . 
M 3 HOH 58 258 85  HOH HOH B . 
M 3 HOH 59 259 37  HOH HOH B . 
M 3 HOH 60 260 67  HOH HOH B . 
M 3 HOH 61 261 61  HOH HOH B . 
M 3 HOH 62 262 30  HOH HOH B . 
M 3 HOH 63 263 60  HOH HOH B . 
M 3 HOH 64 264 15  HOH HOH B . 
M 3 HOH 65 265 86  HOH HOH B . 
M 3 HOH 66 266 69  HOH HOH B . 
M 3 HOH 67 267 71  HOH HOH B . 
# 
loop_
_software.citation_id 
_software.classification 
_software.compiler_name 
_software.compiler_version 
_software.contact_author 
_software.contact_author_email 
_software.date 
_software.description 
_software.dependencies 
_software.hardware 
_software.language 
_software.location 
_software.mods 
_software.name 
_software.os 
_software.os_version 
_software.type 
_software.version 
_software.pdbx_ordinal 
? refinement       ? ? ? ? ? ? ? ? ? ? ? REFMAC  ? ? ? 5.8.0155 1 
? 'data reduction' ? ? ? ? ? ? ? ? ? ? ? XDS     ? ? ? .        2 
? 'data scaling'   ? ? ? ? ? ? ? ? ? ? ? Aimless ? ? ? .        3 
? phasing          ? ? ? ? ? ? ? ? ? ? ? PHASER  ? ? ? .        4 
# 
_cell.angle_alpha                  90.00 
_cell.angle_alpha_esd              ? 
_cell.angle_beta                   102.04 
_cell.angle_beta_esd               ? 
_cell.angle_gamma                  90.00 
_cell.angle_gamma_esd              ? 
_cell.entry_id                     6N4G 
_cell.details                      ? 
_cell.formula_units_Z              ? 
_cell.length_a                     26.329 
_cell.length_a_esd                 ? 
_cell.length_b                     53.705 
_cell.length_b_esd                 ? 
_cell.length_c                     34.233 
_cell.length_c_esd                 ? 
_cell.volume                       ? 
_cell.volume_esd                   ? 
_cell.Z_PDB                        8 
_cell.reciprocal_angle_alpha       ? 
_cell.reciprocal_angle_beta        ? 
_cell.reciprocal_angle_gamma       ? 
_cell.reciprocal_angle_alpha_esd   ? 
_cell.reciprocal_angle_beta_esd    ? 
_cell.reciprocal_angle_gamma_esd   ? 
_cell.reciprocal_length_a          ? 
_cell.reciprocal_length_b          ? 
_cell.reciprocal_length_c          ? 
_cell.reciprocal_length_a_esd      ? 
_cell.reciprocal_length_b_esd      ? 
_cell.reciprocal_length_c_esd      ? 
_cell.pdbx_unique_axis             ? 
# 
_symmetry.entry_id                         6N4G 
_symmetry.cell_setting                     ? 
_symmetry.Int_Tables_number                5 
_symmetry.space_group_name_Hall            ? 
_symmetry.space_group_name_H-M             'I 1 2 1' 
_symmetry.pdbx_full_space_group_name_H-M   ? 
# 
_exptl.absorpt_coefficient_mu     ? 
_exptl.absorpt_correction_T_max   ? 
_exptl.absorpt_correction_T_min   ? 
_exptl.absorpt_correction_type    ? 
_exptl.absorpt_process_details    ? 
_exptl.entry_id                   6N4G 
_exptl.crystals_number            1 
_exptl.details                    ? 
_exptl.method                     'X-RAY DIFFRACTION' 
_exptl.method_details             ? 
# 
_exptl_crystal.colour                      ? 
_exptl_crystal.density_diffrn              ? 
_exptl_crystal.density_Matthews            2.13 
_exptl_crystal.density_method              ? 
_exptl_crystal.density_percent_sol         42.39 
_exptl_crystal.description                 ? 
_exptl_crystal.F_000                       ? 
_exptl_crystal.id                          1 
_exptl_crystal.preparation                 ? 
_exptl_crystal.size_max                    ? 
_exptl_crystal.size_mid                    ? 
_exptl_crystal.size_min                    ? 
_exptl_crystal.size_rad                    ? 
_exptl_crystal.colour_lustre               ? 
_exptl_crystal.colour_modifier             ? 
_exptl_crystal.colour_primary              ? 
_exptl_crystal.density_meas                ? 
_exptl_crystal.density_meas_esd            ? 
_exptl_crystal.density_meas_gt             ? 
_exptl_crystal.density_meas_lt             ? 
_exptl_crystal.density_meas_temp           ? 
_exptl_crystal.density_meas_temp_esd       ? 
_exptl_crystal.density_meas_temp_gt        ? 
_exptl_crystal.density_meas_temp_lt        ? 
_exptl_crystal.pdbx_crystal_image_url      ? 
_exptl_crystal.pdbx_crystal_image_format   ? 
_exptl_crystal.pdbx_mosaicity              ? 
_exptl_crystal.pdbx_mosaicity_esd          ? 
# 
_exptl_crystal_grow.apparatus       ? 
_exptl_crystal_grow.atmosphere      ? 
_exptl_crystal_grow.crystal_id      1 
_exptl_crystal_grow.details         ? 
_exptl_crystal_grow.method          'VAPOR DIFFUSION, SITTING DROP' 
_exptl_crystal_grow.method_ref      ? 
_exptl_crystal_grow.pH              6.4 
_exptl_crystal_grow.pressure        ? 
_exptl_crystal_grow.pressure_esd    ? 
_exptl_crystal_grow.seeding         ? 
_exptl_crystal_grow.seeding_ref     ? 
_exptl_crystal_grow.temp            295 
_exptl_crystal_grow.temp_details    ? 
_exptl_crystal_grow.temp_esd        ? 
_exptl_crystal_grow.time            ? 
_exptl_crystal_grow.pdbx_details    '15% MPD, 120 mM barium chloride, 30 mM sodium cacodylate, equilibrated against 20% MPD' 
_exptl_crystal_grow.pdbx_pH_range   ? 
# 
_diffrn.ambient_environment              ? 
_diffrn.ambient_temp                     100 
_diffrn.ambient_temp_details             ? 
_diffrn.ambient_temp_esd                 ? 
_diffrn.crystal_id                       1 
_diffrn.crystal_support                  ? 
_diffrn.crystal_treatment                ? 
_diffrn.details                          ? 
_diffrn.id                               1 
_diffrn.ambient_pressure                 ? 
_diffrn.ambient_pressure_esd             ? 
_diffrn.ambient_pressure_gt              ? 
_diffrn.ambient_pressure_lt              ? 
_diffrn.ambient_temp_gt                  ? 
_diffrn.ambient_temp_lt                  ? 
_diffrn.pdbx_serial_crystal_experiment   N 
# 
_diffrn_detector.details                      ? 
_diffrn_detector.detector                     PIXEL 
_diffrn_detector.diffrn_id                    1 
_diffrn_detector.type                         'DECTRIS PILATUS3 S 6M' 
_diffrn_detector.area_resol_mean              ? 
_diffrn_detector.dtime                        ? 
_diffrn_detector.pdbx_frames_total            ? 
_diffrn_detector.pdbx_collection_time_total   ? 
_diffrn_detector.pdbx_collection_date         2017-04-23 
_diffrn_detector.pdbx_frequency               ? 
# 
_diffrn_radiation.collimation                      ? 
_diffrn_radiation.diffrn_id                        1 
_diffrn_radiation.filter_edge                      ? 
_diffrn_radiation.inhomogeneity                    ? 
_diffrn_radiation.monochromator                    ? 
_diffrn_radiation.polarisn_norm                    ? 
_diffrn_radiation.polarisn_ratio                   ? 
_diffrn_radiation.probe                            ? 
_diffrn_radiation.type                             ? 
_diffrn_radiation.xray_symbol                      ? 
_diffrn_radiation.wavelength_id                    1 
_diffrn_radiation.pdbx_monochromatic_or_laue_m_l   M 
_diffrn_radiation.pdbx_wavelength_list             ? 
_diffrn_radiation.pdbx_wavelength                  ? 
_diffrn_radiation.pdbx_diffrn_protocol             'SINGLE WAVELENGTH' 
_diffrn_radiation.pdbx_analyzer                    ? 
_diffrn_radiation.pdbx_scattering_type             x-ray 
# 
_diffrn_radiation_wavelength.id           1 
_diffrn_radiation_wavelength.wavelength   0.92 
_diffrn_radiation_wavelength.wt           1.0 
# 
_diffrn_source.current                     ? 
_diffrn_source.details                     ? 
_diffrn_source.diffrn_id                   1 
_diffrn_source.power                       ? 
_diffrn_source.size                        ? 
_diffrn_source.source                      SYNCHROTRON 
_diffrn_source.target                      ? 
_diffrn_source.type                        'APS BEAMLINE 23-ID-D' 
_diffrn_source.voltage                     ? 
_diffrn_source.take-off_angle              ? 
_diffrn_source.pdbx_wavelength_list        0.92 
_diffrn_source.pdbx_wavelength             ? 
_diffrn_source.pdbx_synchrotron_beamline   23-ID-D 
_diffrn_source.pdbx_synchrotron_site       APS 
# 
_reflns.B_iso_Wilson_estimate            ? 
_reflns.entry_id                         6N4G 
_reflns.data_reduction_details           ? 
_reflns.data_reduction_method            ? 
_reflns.d_resolution_high                1.40 
_reflns.d_resolution_low                 28.41 
_reflns.details                          ? 
_reflns.limit_h_max                      ? 
_reflns.limit_h_min                      ? 
_reflns.limit_k_max                      ? 
_reflns.limit_k_min                      ? 
_reflns.limit_l_max                      ? 
_reflns.limit_l_min                      ? 
_reflns.number_all                       ? 
_reflns.number_obs                       9187 
_reflns.observed_criterion               ? 
_reflns.observed_criterion_F_max         ? 
_reflns.observed_criterion_F_min         ? 
_reflns.observed_criterion_I_max         ? 
_reflns.observed_criterion_I_min         ? 
_reflns.observed_criterion_sigma_F       ? 
_reflns.observed_criterion_sigma_I       ? 
_reflns.percent_possible_obs             99.5 
_reflns.R_free_details                   ? 
_reflns.Rmerge_F_all                     ? 
_reflns.Rmerge_F_obs                     ? 
_reflns.Friedel_coverage                 ? 
_reflns.number_gt                        ? 
_reflns.threshold_expression             ? 
_reflns.pdbx_redundancy                  3.3 
_reflns.pdbx_Rmerge_I_obs                0.080 
_reflns.pdbx_Rmerge_I_all                ? 
_reflns.pdbx_Rsym_value                  ? 
_reflns.pdbx_netI_over_av_sigmaI         ? 
_reflns.pdbx_netI_over_sigmaI            8.1 
_reflns.pdbx_res_netI_over_av_sigmaI_2   ? 
_reflns.pdbx_res_netI_over_sigmaI_2      ? 
_reflns.pdbx_chi_squared                 ? 
_reflns.pdbx_scaling_rejects             ? 
_reflns.pdbx_d_res_high_opt              ? 
_reflns.pdbx_d_res_low_opt               ? 
_reflns.pdbx_d_res_opt_method            ? 
_reflns.phase_calculation_details        ? 
_reflns.pdbx_Rrim_I_all                  ? 
_reflns.pdbx_Rpim_I_all                  0.052 
_reflns.pdbx_d_opt                       ? 
_reflns.pdbx_number_measured_all         ? 
_reflns.pdbx_diffrn_id                   1 
_reflns.pdbx_ordinal                     1 
_reflns.pdbx_CC_half                     ? 
_reflns.pdbx_R_split                     ? 
# 
_reflns_shell.d_res_high                  1.40 
_reflns_shell.d_res_low                   1.42 
_reflns_shell.meanI_over_sigI_all         ? 
_reflns_shell.meanI_over_sigI_obs         ? 
_reflns_shell.number_measured_all         ? 
_reflns_shell.number_measured_obs         ? 
_reflns_shell.number_possible             ? 
_reflns_shell.number_unique_all           ? 
_reflns_shell.number_unique_obs           452 
_reflns_shell.percent_possible_all        ? 
_reflns_shell.percent_possible_obs        ? 
_reflns_shell.Rmerge_F_all                ? 
_reflns_shell.Rmerge_F_obs                ? 
_reflns_shell.Rmerge_I_all                ? 
_reflns_shell.Rmerge_I_obs                0.336 
_reflns_shell.meanI_over_sigI_gt          ? 
_reflns_shell.meanI_over_uI_all           ? 
_reflns_shell.meanI_over_uI_gt            ? 
_reflns_shell.number_measured_gt          ? 
_reflns_shell.number_unique_gt            ? 
_reflns_shell.percent_possible_gt         ? 
_reflns_shell.Rmerge_F_gt                 ? 
_reflns_shell.Rmerge_I_gt                 ? 
_reflns_shell.pdbx_redundancy             ? 
_reflns_shell.pdbx_Rsym_value             ? 
_reflns_shell.pdbx_chi_squared            ? 
_reflns_shell.pdbx_netI_over_sigmaI_all   ? 
_reflns_shell.pdbx_netI_over_sigmaI_obs   ? 
_reflns_shell.pdbx_Rrim_I_all             ? 
_reflns_shell.pdbx_Rpim_I_all             0.224 
_reflns_shell.pdbx_rejects                ? 
_reflns_shell.pdbx_ordinal                1 
_reflns_shell.pdbx_diffrn_id              1 
_reflns_shell.pdbx_CC_half                ? 
_reflns_shell.pdbx_R_split                ? 
# 
_refine.aniso_B[1][1]                            1.92 
_refine.aniso_B[1][2]                            -0.00 
_refine.aniso_B[1][3]                            0.24 
_refine.aniso_B[2][2]                            -2.09 
_refine.aniso_B[2][3]                            0.00 
_refine.aniso_B[3][3]                            0.05 
_refine.B_iso_max                                ? 
_refine.B_iso_mean                               18.634 
_refine.B_iso_min                                ? 
_refine.correlation_coeff_Fo_to_Fc               0.976 
_refine.correlation_coeff_Fo_to_Fc_free          0.953 
_refine.details                                  'HYDROGENS HAVE BEEN ADDED IN THE RIDING POSITIONS' 
_refine.diff_density_max                         ? 
_refine.diff_density_max_esd                     ? 
_refine.diff_density_min                         ? 
_refine.diff_density_min_esd                     ? 
_refine.diff_density_rms                         ? 
_refine.diff_density_rms_esd                     ? 
_refine.entry_id                                 6N4G 
_refine.pdbx_refine_id                           'X-RAY DIFFRACTION' 
_refine.ls_abs_structure_details                 ? 
_refine.ls_abs_structure_Flack                   ? 
_refine.ls_abs_structure_Flack_esd               ? 
_refine.ls_abs_structure_Rogers                  ? 
_refine.ls_abs_structure_Rogers_esd              ? 
_refine.ls_d_res_high                            1.40 
_refine.ls_d_res_low                             28.41 
_refine.ls_extinction_coef                       ? 
_refine.ls_extinction_coef_esd                   ? 
_refine.ls_extinction_expression                 ? 
_refine.ls_extinction_method                     ? 
_refine.ls_goodness_of_fit_all                   ? 
_refine.ls_goodness_of_fit_all_esd               ? 
_refine.ls_goodness_of_fit_obs                   ? 
_refine.ls_goodness_of_fit_obs_esd               ? 
_refine.ls_hydrogen_treatment                    ? 
_refine.ls_matrix_type                           ? 
_refine.ls_number_constraints                    ? 
_refine.ls_number_parameters                     ? 
_refine.ls_number_reflns_all                     ? 
_refine.ls_number_reflns_obs                     8753 
_refine.ls_number_reflns_R_free                  433 
_refine.ls_number_reflns_R_work                  ? 
_refine.ls_number_restraints                     ? 
_refine.ls_percent_reflns_obs                    99.44 
_refine.ls_percent_reflns_R_free                 4.7 
_refine.ls_R_factor_all                          ? 
_refine.ls_R_factor_obs                          0.15053 
_refine.ls_R_factor_R_free                       0.21915 
_refine.ls_R_factor_R_free_error                 ? 
_refine.ls_R_factor_R_free_error_details         ? 
_refine.ls_R_factor_R_work                       0.14690 
_refine.ls_R_Fsqd_factor_obs                     ? 
_refine.ls_R_I_factor_obs                        ? 
_refine.ls_redundancy_reflns_all                 ? 
_refine.ls_redundancy_reflns_obs                 ? 
_refine.ls_restrained_S_all                      ? 
_refine.ls_restrained_S_obs                      ? 
_refine.ls_shift_over_esd_max                    ? 
_refine.ls_shift_over_esd_mean                   ? 
_refine.ls_structure_factor_coef                 ? 
_refine.ls_weighting_details                     ? 
_refine.ls_weighting_scheme                      ? 
_refine.ls_wR_factor_all                         ? 
_refine.ls_wR_factor_obs                         ? 
_refine.ls_wR_factor_R_free                      ? 
_refine.ls_wR_factor_R_work                      ? 
_refine.occupancy_max                            ? 
_refine.occupancy_min                            ? 
_refine.solvent_model_details                    ? 
_refine.solvent_model_param_bsol                 ? 
_refine.solvent_model_param_ksol                 ? 
_refine.ls_R_factor_gt                           ? 
_refine.ls_goodness_of_fit_gt                    ? 
_refine.ls_goodness_of_fit_ref                   ? 
_refine.ls_shift_over_su_max                     ? 
_refine.ls_shift_over_su_max_lt                  ? 
_refine.ls_shift_over_su_mean                    ? 
_refine.ls_shift_over_su_mean_lt                 ? 
_refine.pdbx_ls_sigma_I                          ? 
_refine.pdbx_ls_sigma_F                          ? 
_refine.pdbx_ls_sigma_Fsqd                       ? 
_refine.pdbx_data_cutoff_high_absF               ? 
_refine.pdbx_data_cutoff_high_rms_absF           ? 
_refine.pdbx_data_cutoff_low_absF                ? 
_refine.pdbx_isotropic_thermal_model             ? 
_refine.pdbx_ls_cross_valid_method               THROUGHOUT 
_refine.pdbx_method_to_determine_struct          'MOLECULAR REPLACEMENT' 
_refine.pdbx_starting_model                      ? 
_refine.pdbx_stereochemistry_target_values       ? 
_refine.pdbx_R_Free_selection_details            RANDOM 
_refine.pdbx_stereochem_target_val_spec_case     ? 
_refine.pdbx_overall_ESU_R                       0.074 
_refine.pdbx_overall_ESU_R_Free                  0.076 
_refine.pdbx_solvent_vdw_probe_radii             1.20 
_refine.pdbx_solvent_ion_probe_radii             0.80 
_refine.pdbx_solvent_shrinkage_radii             0.80 
_refine.pdbx_real_space_R                        ? 
_refine.pdbx_density_correlation                 ? 
_refine.pdbx_pd_number_of_powder_patterns        ? 
_refine.pdbx_pd_number_of_points                 ? 
_refine.pdbx_pd_meas_number_of_points            ? 
_refine.pdbx_pd_proc_ls_prof_R_factor            ? 
_refine.pdbx_pd_proc_ls_prof_wR_factor           ? 
_refine.pdbx_pd_Marquardt_correlation_coeff      ? 
_refine.pdbx_pd_Fsqrd_R_factor                   ? 
_refine.pdbx_pd_ls_matrix_band_width             ? 
_refine.pdbx_overall_phase_error                 ? 
_refine.pdbx_overall_SU_R_free_Cruickshank_DPI   ? 
_refine.pdbx_overall_SU_R_free_Blow_DPI          ? 
_refine.pdbx_overall_SU_R_Blow_DPI               ? 
_refine.pdbx_TLS_residual_ADP_flag               ? 
_refine.pdbx_diffrn_id                           1 
_refine.overall_SU_B                             3.388 
_refine.overall_SU_ML                            0.060 
_refine.overall_SU_R_Cruickshank_DPI             ? 
_refine.overall_SU_R_free                        ? 
_refine.overall_FOM_free_R_set                   ? 
_refine.overall_FOM_work_R_set                   ? 
_refine.pdbx_average_fsc_overall                 ? 
_refine.pdbx_average_fsc_work                    ? 
_refine.pdbx_average_fsc_free                    ? 
# 
_refine_hist.pdbx_refine_id                   'X-RAY DIFFRACTION' 
_refine_hist.cycle_id                         1 
_refine_hist.pdbx_number_atoms_protein        0 
_refine_hist.pdbx_number_atoms_nucleic_acid   368 
_refine_hist.pdbx_number_atoms_ligand         9 
_refine_hist.number_atoms_solvent             136 
_refine_hist.number_atoms_total               513 
_refine_hist.d_res_high                       1.40 
_refine_hist.d_res_low                        28.41 
# 
loop_
_refine_ls_restr.pdbx_refine_id 
_refine_ls_restr.criterion 
_refine_ls_restr.dev_ideal 
_refine_ls_restr.dev_ideal_target 
_refine_ls_restr.number 
_refine_ls_restr.rejects 
_refine_ls_restr.type 
_refine_ls_restr.weight 
_refine_ls_restr.pdbx_restraint_function 
'X-RAY DIFFRACTION' ? 0.013  0.011  412 ? r_bond_refined_d             ? ? 
'X-RAY DIFFRACTION' ? 0.003  0.020  204 ? r_bond_other_d               ? ? 
'X-RAY DIFFRACTION' ? 1.806  1.151  634 ? r_angle_refined_deg          ? ? 
'X-RAY DIFFRACTION' ? 1.822  3.000  482 ? r_angle_other_deg            ? ? 
'X-RAY DIFFRACTION' ? ?      ?      ?   ? r_dihedral_angle_1_deg       ? ? 
'X-RAY DIFFRACTION' ? ?      ?      ?   ? r_dihedral_angle_2_deg       ? ? 
'X-RAY DIFFRACTION' ? ?      ?      ?   ? r_dihedral_angle_3_deg       ? ? 
'X-RAY DIFFRACTION' ? ?      ?      ?   ? r_dihedral_angle_4_deg       ? ? 
'X-RAY DIFFRACTION' ? 0.079  0.200  54  ? r_chiral_restr               ? ? 
'X-RAY DIFFRACTION' ? 0.034  0.020  218 ? r_gen_planes_refined         ? ? 
'X-RAY DIFFRACTION' ? 0.006  0.020  88  ? r_gen_planes_other           ? ? 
'X-RAY DIFFRACTION' ? ?      ?      ?   ? r_nbd_refined                ? ? 
'X-RAY DIFFRACTION' ? ?      ?      ?   ? r_nbd_other                  ? ? 
'X-RAY DIFFRACTION' ? ?      ?      ?   ? r_nbtor_refined              ? ? 
'X-RAY DIFFRACTION' ? ?      ?      ?   ? r_nbtor_other                ? ? 
'X-RAY DIFFRACTION' ? ?      ?      ?   ? r_xyhbond_nbd_refined        ? ? 
'X-RAY DIFFRACTION' ? ?      ?      ?   ? r_xyhbond_nbd_other          ? ? 
'X-RAY DIFFRACTION' ? ?      ?      ?   ? r_metal_ion_refined          ? ? 
'X-RAY DIFFRACTION' ? ?      ?      ?   ? r_metal_ion_other            ? ? 
'X-RAY DIFFRACTION' ? ?      ?      ?   ? r_symmetry_vdw_refined       ? ? 
'X-RAY DIFFRACTION' ? ?      ?      ?   ? r_symmetry_vdw_other         ? ? 
'X-RAY DIFFRACTION' ? ?      ?      ?   ? r_symmetry_hbond_refined     ? ? 
'X-RAY DIFFRACTION' ? ?      ?      ?   ? r_symmetry_hbond_other       ? ? 
'X-RAY DIFFRACTION' ? ?      ?      ?   ? r_symmetry_metal_ion_refined ? ? 
'X-RAY DIFFRACTION' ? ?      ?      ?   ? r_symmetry_metal_ion_other   ? ? 
'X-RAY DIFFRACTION' ? ?      ?      ?   ? r_mcbond_it                  ? ? 
'X-RAY DIFFRACTION' ? ?      ?      ?   ? r_mcbond_other               ? ? 
'X-RAY DIFFRACTION' ? ?      ?      ?   ? r_mcangle_it                 ? ? 
'X-RAY DIFFRACTION' ? ?      ?      ?   ? r_mcangle_other              ? ? 
'X-RAY DIFFRACTION' ? 2.437  1.641  412 ? r_scbond_it                  ? ? 
'X-RAY DIFFRACTION' ? 2.439  1.641  411 ? r_scbond_other               ? ? 
'X-RAY DIFFRACTION' ? ?      ?      ?   ? r_scangle_it                 ? ? 
'X-RAY DIFFRACTION' ? 2.885  2.476  635 ? r_scangle_other              ? ? 
'X-RAY DIFFRACTION' ? 4.598  18.346 685 ? r_long_range_B_refined       ? ? 
'X-RAY DIFFRACTION' ? 3.820  16.611 634 ? r_long_range_B_other         ? ? 
'X-RAY DIFFRACTION' ? 4.247  3.000  616 ? r_rigid_bond_restr           ? ? 
'X-RAY DIFFRACTION' ? 19.886 5.000  72  ? r_sphericity_free            ? ? 
'X-RAY DIFFRACTION' ? 9.447  5.000  649 ? r_sphericity_bonded          ? ? 
# 
_refine_ls_shell.pdbx_refine_id                   'X-RAY DIFFRACTION' 
_refine_ls_shell.d_res_high                       1.4 
_refine_ls_shell.d_res_low                        1.436 
_refine_ls_shell.number_reflns_all                ? 
_refine_ls_shell.number_reflns_obs                ? 
_refine_ls_shell.number_reflns_R_free             34 
_refine_ls_shell.number_reflns_R_work             645 
_refine_ls_shell.percent_reflns_obs               98.12 
_refine_ls_shell.percent_reflns_R_free            ? 
_refine_ls_shell.R_factor_all                     ? 
_refine_ls_shell.R_factor_obs                     ? 
_refine_ls_shell.R_factor_R_free                  0.244 
_refine_ls_shell.R_factor_R_free_error            ? 
_refine_ls_shell.R_factor_R_work                  0.198 
_refine_ls_shell.redundancy_reflns_all            ? 
_refine_ls_shell.redundancy_reflns_obs            ? 
_refine_ls_shell.wR_factor_all                    ? 
_refine_ls_shell.wR_factor_obs                    ? 
_refine_ls_shell.wR_factor_R_free                 ? 
_refine_ls_shell.wR_factor_R_work                 ? 
_refine_ls_shell.pdbx_total_number_of_bins_used   20 
_refine_ls_shell.pdbx_phase_error                 ? 
_refine_ls_shell.pdbx_fsc_work                    ? 
_refine_ls_shell.pdbx_fsc_free                    ? 
# 
_struct.entry_id                     6N4G 
_struct.title                        'Crystal structure of a tetrameric DNA fold-back quadruplex' 
_struct.pdbx_model_details           ? 
_struct.pdbx_formula_weight          ? 
_struct.pdbx_formula_weight_method   ? 
_struct.pdbx_model_type_details      ? 
_struct.pdbx_CASP_flag               N 
# 
_struct_keywords.entry_id        6N4G 
_struct_keywords.text            'quadruplex, fold-back, hexad, non-canonical, DNA' 
_struct_keywords.pdbx_keywords   DNA 
# 
loop_
_struct_asym.id 
_struct_asym.pdbx_blank_PDB_chainid_flag 
_struct_asym.pdbx_modified 
_struct_asym.entity_id 
_struct_asym.details 
A N N 1 ? 
B N N 1 ? 
C N N 2 ? 
D N N 2 ? 
E N N 2 ? 
F N N 2 ? 
G N N 2 ? 
H N N 2 ? 
I N N 2 ? 
J N N 2 ? 
K N N 2 ? 
L N N 3 ? 
M N N 3 ? 
# 
_struct_ref.id                         1 
_struct_ref.db_name                    PDB 
_struct_ref.db_code                    6N4G 
_struct_ref.pdbx_db_accession          6N4G 
_struct_ref.pdbx_db_isoform            ? 
_struct_ref.entity_id                  1 
_struct_ref.pdbx_seq_one_letter_code   ? 
_struct_ref.pdbx_align_begin           1 
# 
loop_
_struct_ref_seq.align_id 
_struct_ref_seq.ref_id 
_struct_ref_seq.pdbx_PDB_id_code 
_struct_ref_seq.pdbx_strand_id 
_struct_ref_seq.seq_align_beg 
_struct_ref_seq.pdbx_seq_align_beg_ins_code 
_struct_ref_seq.seq_align_end 
_struct_ref_seq.pdbx_seq_align_end_ins_code 
_struct_ref_seq.pdbx_db_accession 
_struct_ref_seq.db_align_beg 
_struct_ref_seq.pdbx_db_align_beg_ins_code 
_struct_ref_seq.db_align_end 
_struct_ref_seq.pdbx_db_align_end_ins_code 
_struct_ref_seq.pdbx_auth_seq_align_beg 
_struct_ref_seq.pdbx_auth_seq_align_end 
1 1 6N4G A 1 ? 9 ? 6N4G 1 ? 9 ? 1 9 
2 1 6N4G B 1 ? 9 ? 6N4G 1 ? 9 ? 1 9 
# 
_pdbx_struct_assembly.id                   1 
_pdbx_struct_assembly.details              author_and_software_defined_assembly 
_pdbx_struct_assembly.method_details       PISA 
_pdbx_struct_assembly.oligomeric_details   tetrameric 
_pdbx_struct_assembly.oligomeric_count     4 
# 
loop_
_pdbx_struct_assembly_prop.biol_id 
_pdbx_struct_assembly_prop.type 
_pdbx_struct_assembly_prop.value 
_pdbx_struct_assembly_prop.details 
1 'ABSA (A^2)' 5920 ? 
1 MORE         -82  ? 
1 'SSA (A^2)'  5410 ? 
# 
_pdbx_struct_assembly_gen.assembly_id       1 
_pdbx_struct_assembly_gen.oper_expression   1,2 
_pdbx_struct_assembly_gen.asym_id_list      A,B,C,D,E,F,G,H,I,J,K,L,M 
# 
_pdbx_struct_assembly_auth_evidence.id                     1 
_pdbx_struct_assembly_auth_evidence.assembly_id            1 
_pdbx_struct_assembly_auth_evidence.experimental_support   SAXS 
_pdbx_struct_assembly_auth_evidence.details                ? 
# 
loop_
_pdbx_struct_oper_list.id 
_pdbx_struct_oper_list.type 
_pdbx_struct_oper_list.name 
_pdbx_struct_oper_list.symmetry_operation 
_pdbx_struct_oper_list.matrix[1][1] 
_pdbx_struct_oper_list.matrix[1][2] 
_pdbx_struct_oper_list.matrix[1][3] 
_pdbx_struct_oper_list.vector[1] 
_pdbx_struct_oper_list.matrix[2][1] 
_pdbx_struct_oper_list.matrix[2][2] 
_pdbx_struct_oper_list.matrix[2][3] 
_pdbx_struct_oper_list.vector[2] 
_pdbx_struct_oper_list.matrix[3][1] 
_pdbx_struct_oper_list.matrix[3][2] 
_pdbx_struct_oper_list.matrix[3][3] 
_pdbx_struct_oper_list.vector[3] 
1 'identity operation'         1_555 x,y,z       1.0000000000  0.0000000000 0.0000000000  0.0000000000   0.0000000000 1.0000000000 0.0000000000  0.0000000000 0.0000000000  0.0000000000  1.0000000000  0.0000000000  
2 'crystal symmetry operation' 2_757 -x+2,y,-z+2 -0.9282747945 0.3069538530 -0.2099648496 -13.2528745436 0.3069538530 0.3136339895 -0.8985616577 0.2515610656 -0.2099648496 -0.8985616577 -0.3853591950 -4.1594939053 
# 
loop_
_struct_conn.id 
_struct_conn.conn_type_id 
_struct_conn.pdbx_leaving_atom_flag 
_struct_conn.pdbx_PDB_id 
_struct_conn.ptnr1_label_asym_id 
_struct_conn.ptnr1_label_comp_id 
_struct_conn.ptnr1_label_seq_id 
_struct_conn.ptnr1_label_atom_id 
_struct_conn.pdbx_ptnr1_label_alt_id 
_struct_conn.pdbx_ptnr1_PDB_ins_code 
_struct_conn.pdbx_ptnr1_standard_comp_id 
_struct_conn.ptnr1_symmetry 
_struct_conn.ptnr2_label_asym_id 
_struct_conn.ptnr2_label_comp_id 
_struct_conn.ptnr2_label_seq_id 
_struct_conn.ptnr2_label_atom_id 
_struct_conn.pdbx_ptnr2_label_alt_id 
_struct_conn.pdbx_ptnr2_PDB_ins_code 
_struct_conn.ptnr1_auth_asym_id 
_struct_conn.ptnr1_auth_comp_id 
_struct_conn.ptnr1_auth_seq_id 
_struct_conn.ptnr2_auth_asym_id 
_struct_conn.ptnr2_auth_comp_id 
_struct_conn.ptnr2_auth_seq_id 
_struct_conn.ptnr2_symmetry 
_struct_conn.pdbx_ptnr3_label_atom_id 
_struct_conn.pdbx_ptnr3_label_seq_id 
_struct_conn.pdbx_ptnr3_label_comp_id 
_struct_conn.pdbx_ptnr3_label_asym_id 
_struct_conn.pdbx_ptnr3_label_alt_id 
_struct_conn.pdbx_ptnr3_PDB_ins_code 
_struct_conn.details 
_struct_conn.pdbx_dist_value 
_struct_conn.pdbx_value_order 
_struct_conn.pdbx_role 
metalc1  metalc ? ? A DG  2 OP1 ? ? ? 1_555 F BA  . BA ? ? A DG  2   A BA  104 1_555 ? ? ? ? ? ? ?            2.713 ? ? 
metalc2  metalc ? ? A DT  3 O2  ? ? ? 1_555 G BA  . BA ? ? A DT  3   A BA  105 1_555 ? ? ? ? ? ? ?            2.542 ? ? 
metalc3  metalc ? ? A DG  7 O6  ? ? ? 1_555 C BA  . BA B ? A DG  7   A BA  101 1_555 ? ? ? ? ? ? ?            2.899 ? ? 
metalc4  metalc ? ? A DG  7 O6  ? ? ? 1_555 C BA  . BA B ? A DG  7   A BA  101 2_757 ? ? ? ? ? ? ?            2.993 ? ? 
metalc5  metalc ? ? C BA  . BA  A ? ? 1_555 L HOH . O  ? ? A BA  101 A HOH 228 2_757 ? ? ? ? ? ? ?            2.990 ? ? 
metalc6  metalc ? ? C BA  . BA  B ? ? 1_555 L HOH . O  ? ? A BA  101 A HOH 228 2_757 ? ? ? ? ? ? ?            2.844 ? ? 
metalc7  metalc ? ? C BA  . BA  A ? ? 1_555 L HOH . O  ? ? A BA  101 A HOH 264 1_555 ? ? ? ? ? ? ?            2.693 ? ? 
metalc8  metalc ? ? C BA  . BA  A ? ? 1_555 L HOH . O  ? ? A BA  101 A HOH 264 2_757 ? ? ? ? ? ? ?            2.791 ? ? 
metalc9  metalc ? ? C BA  . BA  B ? ? 1_555 L HOH . O  ? ? A BA  101 A HOH 264 2_757 ? ? ? ? ? ? ?            2.960 ? ? 
metalc10 metalc ? ? C BA  . BA  A ? ? 1_555 B DG  7 O6 ? ? A BA  101 B DG  7   1_555 ? ? ? ? ? ? ?            2.764 ? ? 
metalc11 metalc ? ? C BA  . BA  A ? ? 2_757 B DG  7 O6 ? ? A BA  101 B DG  7   1_555 ? ? ? ? ? ? ?            3.089 ? ? 
metalc12 metalc ? ? C BA  . BA  A ? ? 1_555 M HOH . O  ? ? A BA  101 B HOH 225 2_757 ? ? ? ? ? ? ?            3.025 ? ? 
metalc13 metalc ? ? D BA  . BA  ? ? ? 1_555 L HOH . O  ? ? A BA  102 A HOH 235 2_657 ? ? ? ? ? ? ?            3.107 ? ? 
metalc14 metalc ? ? D BA  . BA  ? ? ? 1_555 L HOH . O  ? ? A BA  102 A HOH 238 1_555 ? ? ? ? ? ? ?            2.648 ? ? 
metalc15 metalc ? ? D BA  . BA  ? ? ? 1_555 L HOH . O  ? ? A BA  102 A HOH 239 1_555 ? ? ? ? ? ? ?            2.961 ? ? 
metalc16 metalc ? ? D BA  . BA  ? ? ? 1_555 L HOH . O  ? ? A BA  102 A HOH 243 1_555 ? ? ? ? ? ? ?            2.810 ? ? 
metalc17 metalc ? ? D BA  . BA  ? ? ? 1_555 L HOH . O  ? ? A BA  102 A HOH 260 1_555 ? ? ? ? ? ? ?            2.776 ? ? 
metalc18 metalc ? ? D BA  . BA  ? ? ? 1_555 L HOH . O  ? ? A BA  102 A HOH 261 1_555 ? ? ? ? ? ? ?            2.628 ? ? 
metalc19 metalc ? ? D BA  . BA  ? ? ? 1_555 M HOH . O  ? ? A BA  102 B HOH 218 1_455 ? ? ? ? ? ? ?            2.812 ? ? 
metalc20 metalc ? ? E BA  . BA  ? ? ? 1_555 L HOH . O  ? ? A BA  103 A HOH 223 1_555 ? ? ? ? ? ? ?            2.595 ? ? 
metalc21 metalc ? ? E BA  . BA  ? ? ? 1_555 L HOH . O  ? ? A BA  103 A HOH 237 1_555 ? ? ? ? ? ? ?            2.607 ? ? 
metalc22 metalc ? ? E BA  . BA  ? ? ? 1_555 L HOH . O  ? ? A BA  103 A HOH 266 1_555 ? ? ? ? ? ? ?            2.836 ? ? 
metalc23 metalc ? ? E BA  . BA  ? ? ? 1_555 L HOH . O  ? ? A BA  103 A HOH 267 1_555 ? ? ? ? ? ? ?            2.698 ? ? 
metalc24 metalc ? ? F BA  . BA  ? ? ? 1_555 L HOH . O  ? ? A BA  104 A HOH 209 1_555 ? ? ? ? ? ? ?            2.817 ? ? 
metalc25 metalc ? ? F BA  . BA  ? ? ? 1_555 L HOH . O  ? ? A BA  104 A HOH 211 1_555 ? ? ? ? ? ? ?            2.850 ? ? 
metalc26 metalc ? ? F BA  . BA  ? ? ? 1_555 L HOH . O  ? ? A BA  104 A HOH 245 1_555 ? ? ? ? ? ? ?            2.868 ? ? 
metalc27 metalc ? ? F BA  . BA  ? ? ? 1_555 L HOH . O  A ? A BA  104 A HOH 259 1_555 ? ? ? ? ? ? ?            2.662 ? ? 
metalc28 metalc ? ? G BA  . BA  ? ? ? 1_555 L HOH . O  ? ? A BA  105 A HOH 248 1_555 ? ? ? ? ? ? ?            2.951 ? ? 
metalc29 metalc ? ? G BA  . BA  ? ? ? 1_555 M HOH . O  ? ? A BA  105 B HOH 233 1_555 ? ? ? ? ? ? ?            2.790 ? ? 
metalc30 metalc ? ? L HOH . O   ? ? ? 1_555 I BA  . BA B ? A HOH 217 B BA  102 1_555 ? ? ? ? ? ? ?            3.162 ? ? 
metalc31 metalc ? ? L HOH . O   ? ? ? 1_555 I BA  . BA A ? A HOH 220 B BA  102 1_555 ? ? ? ? ? ? ?            2.919 ? ? 
metalc32 metalc ? ? L HOH . O   ? ? ? 1_555 I BA  . BA B ? A HOH 220 B BA  102 1_555 ? ? ? ? ? ? ?            3.055 ? ? 
metalc33 metalc ? ? L HOH . O   ? ? ? 1_555 I BA  . BA A ? A HOH 257 B BA  102 1_555 ? ? ? ? ? ? ?            2.635 ? ? 
metalc34 metalc ? ? B DG  2 OP1 ? ? ? 1_555 H BA  . BA ? ? B DG  2   B BA  101 1_555 ? ? ? ? ? ? ?            2.714 ? ? 
metalc35 metalc ? ? B DT  3 O2  ? ? ? 1_555 I BA  . BA A ? B DT  3   B BA  102 1_555 ? ? ? ? ? ? ?            3.137 ? ? 
metalc36 metalc ? ? B DT  3 O2  ? ? ? 1_555 I BA  . BA B ? B DT  3   B BA  102 1_555 ? ? ? ? ? ? ?            2.506 ? ? 
metalc37 metalc ? ? B DT  4 O2  ? ? ? 1_555 J BA  . BA ? ? B DT  4   B BA  103 1_555 ? ? ? ? ? ? ?            2.815 ? ? 
metalc38 metalc ? ? B DT  4 O2  ? ? ? 1_555 J BA  . BA ? ? B DT  4   B BA  103 2_756 ? ? ? ? ? ? ?            2.740 ? ? 
metalc39 metalc ? ? H BA  . BA  ? ? ? 1_555 M HOH . O  ? ? B BA  101 B HOH 203 1_555 ? ? ? ? ? ? ?            2.867 ? ? 
metalc40 metalc ? ? H BA  . BA  ? ? ? 1_555 M HOH . O  ? ? B BA  101 B HOH 221 2_756 ? ? ? ? ? ? ?            2.856 ? ? 
metalc41 metalc ? ? H BA  . BA  ? ? ? 1_555 M HOH . O  ? ? B BA  101 B HOH 237 2_756 ? ? ? ? ? ? ?            2.761 ? ? 
metalc42 metalc ? ? H BA  . BA  ? ? ? 1_555 M HOH . O  ? ? B BA  101 B HOH 238 1_555 ? ? ? ? ? ? ?            3.013 ? ? 
metalc43 metalc ? ? H BA  . BA  ? ? ? 1_555 M HOH . O  ? ? B BA  101 B HOH 251 1_555 ? ? ? ? ? ? ?            2.869 ? ? 
metalc44 metalc ? ? I BA  . BA  A ? ? 1_555 M HOH . O  ? ? B BA  102 B HOH 243 1_555 ? ? ? ? ? ? ?            2.770 ? ? 
metalc45 metalc ? ? I BA  . BA  A ? ? 1_555 M HOH . O  ? ? B BA  102 B HOH 260 1_555 ? ? ? ? ? ? ?            3.440 ? ? 
metalc46 metalc ? ? J BA  . BA  ? ? ? 1_555 M HOH . O  ? ? B BA  103 B HOH 229 1_555 ? ? ? ? ? ? ?            3.068 ? ? 
metalc47 metalc ? ? J BA  . BA  ? ? ? 1_555 M HOH . O  ? ? B BA  103 B HOH 244 1_555 ? ? ? ? ? ? ?            2.942 ? ? 
metalc48 metalc ? ? J BA  . BA  ? ? ? 1_555 M HOH . O  ? ? B BA  103 B HOH 261 1_555 ? ? ? ? ? ? ?            2.528 ? ? 
metalc49 metalc ? ? J BA  . BA  ? ? ? 1_555 M HOH . O  ? ? B BA  103 B HOH 263 1_555 ? ? ? ? ? ? ?            2.907 ? ? 
metalc50 metalc ? ? K BA  . BA  ? ? ? 1_555 M HOH . O  ? ? B BA  104 B HOH 215 1_555 ? ? ? ? ? ? ?            2.898 ? ? 
metalc51 metalc ? ? K BA  . BA  ? ? ? 1_555 M HOH . O  ? ? B BA  104 B HOH 260 1_555 ? ? ? ? ? ? ?            3.187 ? ? 
metalc52 metalc ? ? K BA  . BA  ? ? ? 1_555 M HOH . O  ? ? B BA  104 B HOH 262 1_555 ? ? ? ? ? ? ?            2.626 ? ? 
metalc53 metalc ? ? K BA  . BA  ? ? ? 1_555 M HOH . O  ? ? B BA  104 B HOH 264 1_555 ? ? ? ? ? ? ?            3.267 ? ? 
metalc54 metalc ? ? K BA  . BA  ? ? ? 1_555 M HOH . O  ? ? B BA  104 B HOH 265 1_555 ? ? ? ? ? ? ?            2.908 ? ? 
metalc55 metalc ? ? K BA  . BA  ? ? ? 1_555 M HOH . O  ? ? B BA  104 B HOH 267 1_555 ? ? ? ? ? ? ?            3.051 ? ? 
hydrog1  hydrog ? ? A DC  1 N3  ? ? ? 1_555 B DG  6 N1 ? ? A DC  1   B DG  6   1_555 ? ? ? ? ? ? WATSON-CRICK ?     ? ? 
hydrog2  hydrog ? ? A DC  1 N4  ? ? ? 1_555 B DG  6 O6 ? ? A DC  1   B DG  6   1_555 ? ? ? ? ? ? WATSON-CRICK ?     ? ? 
hydrog3  hydrog ? ? A DC  1 O2  ? ? ? 1_555 B DG  6 N2 ? ? A DC  1   B DG  6   1_555 ? ? ? ? ? ? WATSON-CRICK ?     ? ? 
hydrog4  hydrog ? ? A DG  2 N2  ? ? ? 1_555 B DG  2 N3 ? ? A DG  2   B DG  2   1_555 ? ? ? ? ? ? TYPE_4_PAIR  ?     ? ? 
hydrog5  hydrog ? ? A DG  2 N3  ? ? ? 1_555 B DG  2 N2 ? ? A DG  2   B DG  2   1_555 ? ? ? ? ? ? TYPE_4_PAIR  ?     ? ? 
hydrog6  hydrog ? ? A DG  2 N1  ? ? ? 1_555 B DA  5 N7 ? ? A DG  2   B DA  5   1_555 ? ? ? ? ? ? TYPE_9_PAIR  ?     ? ? 
hydrog7  hydrog ? ? A DG  2 O6  ? ? ? 1_555 B DA  5 N6 ? ? A DG  2   B DA  5   1_555 ? ? ? ? ? ? TYPE_9_PAIR  ?     ? ? 
hydrog8  hydrog ? ? A DA  5 N6  ? ? ? 1_555 B DG  2 O6 ? ? A DA  5   B DG  2   1_555 ? ? ? ? ? ? TYPE_9_PAIR  ?     ? ? 
hydrog9  hydrog ? ? A DA  5 N7  ? ? ? 1_555 B DG  2 N1 ? ? A DA  5   B DG  2   1_555 ? ? ? ? ? ? TYPE_9_PAIR  ?     ? ? 
hydrog10 hydrog ? ? A DG  6 N1  ? ? ? 1_555 B DC  1 N3 ? ? A DG  6   B DC  1   1_555 ? ? ? ? ? ? WATSON-CRICK ?     ? ? 
hydrog11 hydrog ? ? A DG  6 N2  ? ? ? 1_555 B DC  1 O2 ? ? A DG  6   B DC  1   1_555 ? ? ? ? ? ? WATSON-CRICK ?     ? ? 
hydrog12 hydrog ? ? A DG  6 O6  ? ? ? 1_555 B DC  1 N4 ? ? A DG  6   B DC  1   1_555 ? ? ? ? ? ? WATSON-CRICK ?     ? ? 
hydrog13 hydrog ? ? A DG  6 N2  ? ? ? 1_555 B DG  6 N3 ? ? A DG  6   B DG  6   1_555 ? ? ? ? ? ? TYPE_4_PAIR  ?     ? ? 
hydrog14 hydrog ? ? A DG  6 N3  ? ? ? 1_555 B DG  6 N2 ? ? A DG  6   B DG  6   1_555 ? ? ? ? ? ? TYPE_4_PAIR  ?     ? ? 
hydrog15 hydrog ? ? A DG  7 N1  ? ? ? 1_555 A DC  8 N3 ? ? A DG  7   A DC  8   2_757 ? ? ? ? ? ? WATSON-CRICK ?     ? ? 
hydrog16 hydrog ? ? A DG  7 N2  ? ? ? 1_555 A DC  8 O2 ? ? A DG  7   A DC  8   2_757 ? ? ? ? ? ? WATSON-CRICK ?     ? ? 
hydrog17 hydrog ? ? A DG  7 O6  ? ? ? 1_555 A DC  8 N4 ? ? A DG  7   A DC  8   2_757 ? ? ? ? ? ? WATSON-CRICK ?     ? ? 
hydrog18 hydrog ? ? A DC  8 N3  ? ? ? 1_555 A DG  7 N1 ? ? A DC  8   A DG  7   2_757 ? ? ? ? ? ? WATSON-CRICK ?     ? ? 
hydrog19 hydrog ? ? A DC  8 N4  ? ? ? 1_555 A DG  7 O6 ? ? A DC  8   A DG  7   2_757 ? ? ? ? ? ? WATSON-CRICK ?     ? ? 
hydrog20 hydrog ? ? A DC  8 O2  ? ? ? 1_555 A DG  7 N2 ? ? A DC  8   A DG  7   2_757 ? ? ? ? ? ? WATSON-CRICK ?     ? ? 
hydrog21 hydrog ? ? B DG  7 N1  ? ? ? 1_555 B DC  8 N3 ? ? B DG  7   B DC  8   2_757 ? ? ? ? ? ? WATSON-CRICK ?     ? ? 
hydrog22 hydrog ? ? B DG  7 N2  ? ? ? 1_555 B DC  8 O2 ? ? B DG  7   B DC  8   2_757 ? ? ? ? ? ? WATSON-CRICK ?     ? ? 
hydrog23 hydrog ? ? B DG  7 O6  ? ? ? 1_555 B DC  8 N4 ? ? B DG  7   B DC  8   2_757 ? ? ? ? ? ? WATSON-CRICK ?     ? ? 
hydrog24 hydrog ? ? B DC  8 N3  ? ? ? 1_555 B DG  7 N1 ? ? B DC  8   B DG  7   2_757 ? ? ? ? ? ? WATSON-CRICK ?     ? ? 
hydrog25 hydrog ? ? B DC  8 N4  ? ? ? 1_555 B DG  7 O6 ? ? B DC  8   B DG  7   2_757 ? ? ? ? ? ? WATSON-CRICK ?     ? ? 
hydrog26 hydrog ? ? B DC  8 O2  ? ? ? 1_555 B DG  7 N2 ? ? B DC  8   B DG  7   2_757 ? ? ? ? ? ? WATSON-CRICK ?     ? ? 
# 
loop_
_struct_conn_type.id 
_struct_conn_type.criteria 
_struct_conn_type.reference 
metalc ? ? 
hydrog ? ? 
# 
loop_
_pdbx_struct_conn_angle.id 
_pdbx_struct_conn_angle.ptnr1_label_atom_id 
_pdbx_struct_conn_angle.ptnr1_label_alt_id 
_pdbx_struct_conn_angle.ptnr1_label_asym_id 
_pdbx_struct_conn_angle.ptnr1_label_comp_id 
_pdbx_struct_conn_angle.ptnr1_label_seq_id 
_pdbx_struct_conn_angle.ptnr1_auth_atom_id 
_pdbx_struct_conn_angle.ptnr1_auth_asym_id 
_pdbx_struct_conn_angle.ptnr1_auth_comp_id 
_pdbx_struct_conn_angle.ptnr1_auth_seq_id 
_pdbx_struct_conn_angle.ptnr1_PDB_ins_code 
_pdbx_struct_conn_angle.ptnr1_symmetry 
_pdbx_struct_conn_angle.ptnr2_label_atom_id 
_pdbx_struct_conn_angle.ptnr2_label_alt_id 
_pdbx_struct_conn_angle.ptnr2_label_asym_id 
_pdbx_struct_conn_angle.ptnr2_label_comp_id 
_pdbx_struct_conn_angle.ptnr2_label_seq_id 
_pdbx_struct_conn_angle.ptnr2_auth_atom_id 
_pdbx_struct_conn_angle.ptnr2_auth_asym_id 
_pdbx_struct_conn_angle.ptnr2_auth_comp_id 
_pdbx_struct_conn_angle.ptnr2_auth_seq_id 
_pdbx_struct_conn_angle.ptnr2_PDB_ins_code 
_pdbx_struct_conn_angle.ptnr2_symmetry 
_pdbx_struct_conn_angle.ptnr3_label_atom_id 
_pdbx_struct_conn_angle.ptnr3_label_alt_id 
_pdbx_struct_conn_angle.ptnr3_label_asym_id 
_pdbx_struct_conn_angle.ptnr3_label_comp_id 
_pdbx_struct_conn_angle.ptnr3_label_seq_id 
_pdbx_struct_conn_angle.ptnr3_auth_atom_id 
_pdbx_struct_conn_angle.ptnr3_auth_asym_id 
_pdbx_struct_conn_angle.ptnr3_auth_comp_id 
_pdbx_struct_conn_angle.ptnr3_auth_seq_id 
_pdbx_struct_conn_angle.ptnr3_PDB_ins_code 
_pdbx_struct_conn_angle.ptnr3_symmetry 
_pdbx_struct_conn_angle.value 
_pdbx_struct_conn_angle.value_esd 
1   OP1 ? A DG  2 ? A DG  2   ? 1_555 BA ? F BA . ? A BA 104 ? 1_555 O  ? L HOH . ? A HOH 209 ? 1_555 144.0 ? 
2   OP1 ? A DG  2 ? A DG  2   ? 1_555 BA ? F BA . ? A BA 104 ? 1_555 O  ? L HOH . ? A HOH 211 ? 1_555 78.7  ? 
3   O   ? L HOH . ? A HOH 209 ? 1_555 BA ? F BA . ? A BA 104 ? 1_555 O  ? L HOH . ? A HOH 211 ? 1_555 71.6  ? 
4   OP1 ? A DG  2 ? A DG  2   ? 1_555 BA ? F BA . ? A BA 104 ? 1_555 O  ? L HOH . ? A HOH 245 ? 1_555 79.1  ? 
5   O   ? L HOH . ? A HOH 209 ? 1_555 BA ? F BA . ? A BA 104 ? 1_555 O  ? L HOH . ? A HOH 245 ? 1_555 107.8 ? 
6   O   ? L HOH . ? A HOH 211 ? 1_555 BA ? F BA . ? A BA 104 ? 1_555 O  ? L HOH . ? A HOH 245 ? 1_555 69.0  ? 
7   OP1 ? A DG  2 ? A DG  2   ? 1_555 BA ? F BA . ? A BA 104 ? 1_555 O  A L HOH . ? A HOH 259 ? 1_555 126.3 ? 
8   O   ? L HOH . ? A HOH 209 ? 1_555 BA ? F BA . ? A BA 104 ? 1_555 O  A L HOH . ? A HOH 259 ? 1_555 83.1  ? 
9   O   ? L HOH . ? A HOH 211 ? 1_555 BA ? F BA . ? A BA 104 ? 1_555 O  A L HOH . ? A HOH 259 ? 1_555 108.1 ? 
10  O   ? L HOH . ? A HOH 245 ? 1_555 BA ? F BA . ? A BA 104 ? 1_555 O  A L HOH . ? A HOH 259 ? 1_555 56.9  ? 
11  O2  ? A DT  3 ? A DT  3   ? 1_555 BA ? G BA . ? A BA 105 ? 1_555 O  ? L HOH . ? A HOH 248 ? 1_555 79.2  ? 
12  O2  ? A DT  3 ? A DT  3   ? 1_555 BA ? G BA . ? A BA 105 ? 1_555 O  ? M HOH . ? B HOH 233 ? 1_555 70.5  ? 
13  O   ? L HOH . ? A HOH 248 ? 1_555 BA ? G BA . ? A BA 105 ? 1_555 O  ? M HOH . ? B HOH 233 ? 1_555 133.0 ? 
14  O6  ? A DG  7 ? A DG  7   ? 1_555 BA B C BA . ? A BA 101 ? 1_555 O6 ? A DG  7 ? A DG  7   ? 1_555 0.0   ? 
15  O6  ? A DG  7 ? A DG  7   ? 1_555 BA B C BA . ? A BA 101 ? 1_555 O  ? L HOH . ? A HOH 228 ? 2_757 100.2 ? 
16  O6  ? A DG  7 ? A DG  7   ? 1_555 BA B C BA . ? A BA 101 ? 1_555 O  ? L HOH . ? A HOH 228 ? 2_757 100.2 ? 
17  O6  ? A DG  7 ? A DG  7   ? 1_555 BA B C BA . ? A BA 101 ? 1_555 O  ? L HOH . ? A HOH 264 ? 2_757 82.2  ? 
18  O6  ? A DG  7 ? A DG  7   ? 1_555 BA B C BA . ? A BA 101 ? 1_555 O  ? L HOH . ? A HOH 264 ? 2_757 82.2  ? 
19  O   ? L HOH . ? A HOH 228 ? 2_757 BA B C BA . ? A BA 101 ? 1_555 O  ? L HOH . ? A HOH 264 ? 2_757 70.9  ? 
20  O   ? L HOH . ? A HOH 228 ? 2_757 BA A C BA . ? A BA 101 ? 1_555 O  ? L HOH . ? A HOH 264 ? 1_555 89.9  ? 
21  O   ? L HOH . ? A HOH 228 ? 2_757 BA A C BA . ? A BA 101 ? 1_555 O  ? L HOH . ? A HOH 264 ? 2_757 71.2  ? 
22  O   ? L HOH . ? A HOH 264 ? 1_555 BA A C BA . ? A BA 101 ? 1_555 O  ? L HOH . ? A HOH 264 ? 2_757 128.6 ? 
23  O   ? L HOH . ? A HOH 228 ? 2_757 BA A C BA . ? A BA 101 ? 1_555 O6 ? B DG  7 ? B DG  7   ? 1_555 117.0 ? 
24  O   ? L HOH . ? A HOH 264 ? 1_555 BA A C BA . ? A BA 101 ? 1_555 O6 ? B DG  7 ? B DG  7   ? 1_555 146.6 ? 
25  O   ? L HOH . ? A HOH 264 ? 2_757 BA A C BA . ? A BA 101 ? 1_555 O6 ? B DG  7 ? B DG  7   ? 1_555 81.2  ? 
26  O   ? L HOH . ? A HOH 228 ? 2_757 BA A C BA . ? A BA 101 ? 1_555 O6 ? B DG  7 ? B DG  7   ? 1_555 117.0 ? 
27  O   ? L HOH . ? A HOH 264 ? 1_555 BA A C BA . ? A BA 101 ? 1_555 O6 ? B DG  7 ? B DG  7   ? 1_555 146.6 ? 
28  O   ? L HOH . ? A HOH 264 ? 2_757 BA A C BA . ? A BA 101 ? 1_555 O6 ? B DG  7 ? B DG  7   ? 1_555 81.2  ? 
29  O6  ? B DG  7 ? B DG  7   ? 1_555 BA A C BA . ? A BA 101 ? 1_555 O6 ? B DG  7 ? B DG  7   ? 1_555 0.0   ? 
30  O   ? L HOH . ? A HOH 228 ? 2_757 BA A C BA . ? A BA 101 ? 1_555 O  ? M HOH . ? B HOH 225 ? 2_757 40.1  ? 
31  O   ? L HOH . ? A HOH 264 ? 1_555 BA A C BA . ? A BA 101 ? 1_555 O  ? M HOH . ? B HOH 225 ? 2_757 105.1 ? 
32  O   ? L HOH . ? A HOH 264 ? 2_757 BA A C BA . ? A BA 101 ? 1_555 O  ? M HOH . ? B HOH 225 ? 2_757 90.5  ? 
33  O6  ? B DG  7 ? B DG  7   ? 1_555 BA A C BA . ? A BA 101 ? 1_555 O  ? M HOH . ? B HOH 225 ? 2_757 86.8  ? 
34  O6  ? B DG  7 ? B DG  7   ? 1_555 BA A C BA . ? A BA 101 ? 1_555 O  ? M HOH . ? B HOH 225 ? 2_757 86.8  ? 
35  O   ? L HOH . ? A HOH 235 ? 2_657 BA ? D BA . ? A BA 102 ? 1_555 O  ? L HOH . ? A HOH 238 ? 1_555 146.0 ? 
36  O   ? L HOH . ? A HOH 235 ? 2_657 BA ? D BA . ? A BA 102 ? 1_555 O  ? L HOH . ? A HOH 239 ? 1_555 105.1 ? 
37  O   ? L HOH . ? A HOH 238 ? 1_555 BA ? D BA . ? A BA 102 ? 1_555 O  ? L HOH . ? A HOH 239 ? 1_555 95.4  ? 
38  O   ? L HOH . ? A HOH 235 ? 2_657 BA ? D BA . ? A BA 102 ? 1_555 O  ? L HOH . ? A HOH 243 ? 1_555 83.2  ? 
39  O   ? L HOH . ? A HOH 238 ? 1_555 BA ? D BA . ? A BA 102 ? 1_555 O  ? L HOH . ? A HOH 243 ? 1_555 66.9  ? 
40  O   ? L HOH . ? A HOH 239 ? 1_555 BA ? D BA . ? A BA 102 ? 1_555 O  ? L HOH . ? A HOH 243 ? 1_555 152.1 ? 
41  O   ? L HOH . ? A HOH 235 ? 2_657 BA ? D BA . ? A BA 102 ? 1_555 O  ? L HOH . ? A HOH 260 ? 1_555 143.5 ? 
42  O   ? L HOH . ? A HOH 238 ? 1_555 BA ? D BA . ? A BA 102 ? 1_555 O  ? L HOH . ? A HOH 260 ? 1_555 65.9  ? 
43  O   ? L HOH . ? A HOH 239 ? 1_555 BA ? D BA . ? A BA 102 ? 1_555 O  ? L HOH . ? A HOH 260 ? 1_555 80.2  ? 
44  O   ? L HOH . ? A HOH 243 ? 1_555 BA ? D BA . ? A BA 102 ? 1_555 O  ? L HOH . ? A HOH 260 ? 1_555 109.2 ? 
45  O   ? L HOH . ? A HOH 235 ? 2_657 BA ? D BA . ? A BA 102 ? 1_555 O  ? L HOH . ? A HOH 261 ? 1_555 77.7  ? 
46  O   ? L HOH . ? A HOH 238 ? 1_555 BA ? D BA . ? A BA 102 ? 1_555 O  ? L HOH . ? A HOH 261 ? 1_555 134.0 ? 
47  O   ? L HOH . ? A HOH 239 ? 1_555 BA ? D BA . ? A BA 102 ? 1_555 O  ? L HOH . ? A HOH 261 ? 1_555 77.5  ? 
48  O   ? L HOH . ? A HOH 243 ? 1_555 BA ? D BA . ? A BA 102 ? 1_555 O  ? L HOH . ? A HOH 261 ? 1_555 130.3 ? 
49  O   ? L HOH . ? A HOH 260 ? 1_555 BA ? D BA . ? A BA 102 ? 1_555 O  ? L HOH . ? A HOH 261 ? 1_555 68.0  ? 
50  O   ? L HOH . ? A HOH 235 ? 2_657 BA ? D BA . ? A BA 102 ? 1_555 O  ? M HOH . ? B HOH 218 ? 1_455 81.0  ? 
51  O   ? L HOH . ? A HOH 238 ? 1_555 BA ? D BA . ? A BA 102 ? 1_555 O  ? M HOH . ? B HOH 218 ? 1_455 98.2  ? 
52  O   ? L HOH . ? A HOH 239 ? 1_555 BA ? D BA . ? A BA 102 ? 1_555 O  ? M HOH . ? B HOH 218 ? 1_455 143.7 ? 
53  O   ? L HOH . ? A HOH 243 ? 1_555 BA ? D BA . ? A BA 102 ? 1_555 O  ? M HOH . ? B HOH 218 ? 1_455 63.1  ? 
54  O   ? L HOH . ? A HOH 260 ? 1_555 BA ? D BA . ? A BA 102 ? 1_555 O  ? M HOH . ? B HOH 218 ? 1_455 75.1  ? 
55  O   ? L HOH . ? A HOH 261 ? 1_555 BA ? D BA . ? A BA 102 ? 1_555 O  ? M HOH . ? B HOH 218 ? 1_455 68.8  ? 
56  O   ? L HOH . ? A HOH 223 ? 1_555 BA ? E BA . ? A BA 103 ? 1_555 O  ? L HOH . ? A HOH 237 ? 1_555 69.0  ? 
57  O   ? L HOH . ? A HOH 223 ? 1_555 BA ? E BA . ? A BA 103 ? 1_555 O  ? L HOH . ? A HOH 266 ? 1_555 66.3  ? 
58  O   ? L HOH . ? A HOH 237 ? 1_555 BA ? E BA . ? A BA 103 ? 1_555 O  ? L HOH . ? A HOH 266 ? 1_555 130.1 ? 
59  O   ? L HOH . ? A HOH 223 ? 1_555 BA ? E BA . ? A BA 103 ? 1_555 O  ? L HOH . ? A HOH 267 ? 1_555 132.4 ? 
60  O   ? L HOH . ? A HOH 237 ? 1_555 BA ? E BA . ? A BA 103 ? 1_555 O  ? L HOH . ? A HOH 267 ? 1_555 70.2  ? 
61  O   ? L HOH . ? A HOH 266 ? 1_555 BA ? E BA . ? A BA 103 ? 1_555 O  ? L HOH . ? A HOH 267 ? 1_555 159.6 ? 
62  O   ? L HOH . ? A HOH 217 ? 1_555 BA B I BA . ? B BA 102 ? 1_555 O  ? L HOH . ? A HOH 220 ? 1_555 64.5  ? 
63  O   ? L HOH . ? A HOH 217 ? 1_555 BA B I BA . ? B BA 102 ? 1_555 O2 ? B DT  3 ? B DT  3   ? 1_555 72.7  ? 
64  O   ? L HOH . ? A HOH 220 ? 1_555 BA B I BA . ? B BA 102 ? 1_555 O2 ? B DT  3 ? B DT  3   ? 1_555 74.5  ? 
65  O   ? L HOH . ? A HOH 220 ? 1_555 BA A I BA . ? B BA 102 ? 1_555 O  ? L HOH . ? A HOH 257 ? 1_555 77.4  ? 
66  O   ? L HOH . ? A HOH 220 ? 1_555 BA A I BA . ? B BA 102 ? 1_555 O2 ? B DT  3 ? B DT  3   ? 1_555 68.0  ? 
67  O   ? L HOH . ? A HOH 257 ? 1_555 BA A I BA . ? B BA 102 ? 1_555 O2 ? B DT  3 ? B DT  3   ? 1_555 136.5 ? 
68  O   ? L HOH . ? A HOH 220 ? 1_555 BA A I BA . ? B BA 102 ? 1_555 O  ? M HOH . ? B HOH 243 ? 1_555 135.7 ? 
69  O   ? L HOH . ? A HOH 257 ? 1_555 BA A I BA . ? B BA 102 ? 1_555 O  ? M HOH . ? B HOH 243 ? 1_555 145.5 ? 
70  O2  ? B DT  3 ? B DT  3   ? 1_555 BA A I BA . ? B BA 102 ? 1_555 O  ? M HOH . ? B HOH 243 ? 1_555 69.0  ? 
71  O   ? L HOH . ? A HOH 220 ? 1_555 BA A I BA . ? B BA 102 ? 1_555 O  ? M HOH . ? B HOH 260 ? 1_555 142.1 ? 
72  O   ? L HOH . ? A HOH 257 ? 1_555 BA A I BA . ? B BA 102 ? 1_555 O  ? M HOH . ? B HOH 260 ? 1_555 70.4  ? 
73  O2  ? B DT  3 ? B DT  3   ? 1_555 BA A I BA . ? B BA 102 ? 1_555 O  ? M HOH . ? B HOH 260 ? 1_555 126.1 ? 
74  O   ? M HOH . ? B HOH 243 ? 1_555 BA A I BA . ? B BA 102 ? 1_555 O  ? M HOH . ? B HOH 260 ? 1_555 75.3  ? 
75  OP1 ? B DG  2 ? B DG  2   ? 1_555 BA ? H BA . ? B BA 101 ? 1_555 O  ? M HOH . ? B HOH 203 ? 1_555 73.4  ? 
76  OP1 ? B DG  2 ? B DG  2   ? 1_555 BA ? H BA . ? B BA 101 ? 1_555 O  ? M HOH . ? B HOH 221 ? 2_756 81.2  ? 
77  O   ? M HOH . ? B HOH 203 ? 1_555 BA ? H BA . ? B BA 101 ? 1_555 O  ? M HOH . ? B HOH 221 ? 2_756 97.8  ? 
78  OP1 ? B DG  2 ? B DG  2   ? 1_555 BA ? H BA . ? B BA 101 ? 1_555 O  ? M HOH . ? B HOH 237 ? 2_756 144.1 ? 
79  O   ? M HOH . ? B HOH 203 ? 1_555 BA ? H BA . ? B BA 101 ? 1_555 O  ? M HOH . ? B HOH 237 ? 2_756 72.7  ? 
80  O   ? M HOH . ? B HOH 221 ? 2_756 BA ? H BA . ? B BA 101 ? 1_555 O  ? M HOH . ? B HOH 237 ? 2_756 114.8 ? 
81  OP1 ? B DG  2 ? B DG  2   ? 1_555 BA ? H BA . ? B BA 101 ? 1_555 O  ? M HOH . ? B HOH 238 ? 1_555 91.3  ? 
82  O   ? M HOH . ? B HOH 203 ? 1_555 BA ? H BA . ? B BA 101 ? 1_555 O  ? M HOH . ? B HOH 238 ? 1_555 93.5  ? 
83  O   ? M HOH . ? B HOH 221 ? 2_756 BA ? H BA . ? B BA 101 ? 1_555 O  ? M HOH . ? B HOH 238 ? 1_555 164.0 ? 
84  O   ? M HOH . ? B HOH 237 ? 2_756 BA ? H BA . ? B BA 101 ? 1_555 O  ? M HOH . ? B HOH 238 ? 1_555 79.4  ? 
85  OP1 ? B DG  2 ? B DG  2   ? 1_555 BA ? H BA . ? B BA 101 ? 1_555 O  ? M HOH . ? B HOH 251 ? 1_555 94.1  ? 
86  O   ? M HOH . ? B HOH 203 ? 1_555 BA ? H BA . ? B BA 101 ? 1_555 O  ? M HOH . ? B HOH 251 ? 1_555 155.6 ? 
87  O   ? M HOH . ? B HOH 221 ? 2_756 BA ? H BA . ? B BA 101 ? 1_555 O  ? M HOH . ? B HOH 251 ? 1_555 100.9 ? 
88  O   ? M HOH . ? B HOH 237 ? 2_756 BA ? H BA . ? B BA 101 ? 1_555 O  ? M HOH . ? B HOH 251 ? 1_555 112.5 ? 
89  O   ? M HOH . ? B HOH 238 ? 1_555 BA ? H BA . ? B BA 101 ? 1_555 O  ? M HOH . ? B HOH 251 ? 1_555 65.4  ? 
90  O2  ? B DT  4 ? B DT  4   ? 1_555 BA ? J BA . ? B BA 103 ? 1_555 O2 ? B DT  4 ? B DT  4   ? 1_555 0.0   ? 
91  O2  ? B DT  4 ? B DT  4   ? 1_555 BA ? J BA . ? B BA 103 ? 1_555 O  ? M HOH . ? B HOH 229 ? 1_555 66.1  ? 
92  O2  ? B DT  4 ? B DT  4   ? 1_555 BA ? J BA . ? B BA 103 ? 1_555 O  ? M HOH . ? B HOH 229 ? 1_555 66.1  ? 
93  O2  ? B DT  4 ? B DT  4   ? 1_555 BA ? J BA . ? B BA 103 ? 1_555 O  ? M HOH . ? B HOH 244 ? 1_555 76.7  ? 
94  O2  ? B DT  4 ? B DT  4   ? 1_555 BA ? J BA . ? B BA 103 ? 1_555 O  ? M HOH . ? B HOH 244 ? 1_555 76.7  ? 
95  O   ? M HOH . ? B HOH 229 ? 1_555 BA ? J BA . ? B BA 103 ? 1_555 O  ? M HOH . ? B HOH 244 ? 1_555 82.5  ? 
96  O2  ? B DT  4 ? B DT  4   ? 1_555 BA ? J BA . ? B BA 103 ? 1_555 O  ? M HOH . ? B HOH 261 ? 1_555 149.6 ? 
97  O2  ? B DT  4 ? B DT  4   ? 1_555 BA ? J BA . ? B BA 103 ? 1_555 O  ? M HOH . ? B HOH 261 ? 1_555 149.6 ? 
98  O   ? M HOH . ? B HOH 229 ? 1_555 BA ? J BA . ? B BA 103 ? 1_555 O  ? M HOH . ? B HOH 261 ? 1_555 119.0 ? 
99  O   ? M HOH . ? B HOH 244 ? 1_555 BA ? J BA . ? B BA 103 ? 1_555 O  ? M HOH . ? B HOH 261 ? 1_555 74.5  ? 
100 O2  ? B DT  4 ? B DT  4   ? 1_555 BA ? J BA . ? B BA 103 ? 1_555 O  ? M HOH . ? B HOH 263 ? 1_555 143.4 ? 
101 O2  ? B DT  4 ? B DT  4   ? 1_555 BA ? J BA . ? B BA 103 ? 1_555 O  ? M HOH . ? B HOH 263 ? 1_555 143.4 ? 
102 O   ? M HOH . ? B HOH 229 ? 1_555 BA ? J BA . ? B BA 103 ? 1_555 O  ? M HOH . ? B HOH 263 ? 1_555 77.6  ? 
103 O   ? M HOH . ? B HOH 244 ? 1_555 BA ? J BA . ? B BA 103 ? 1_555 O  ? M HOH . ? B HOH 263 ? 1_555 95.0  ? 
104 O   ? M HOH . ? B HOH 261 ? 1_555 BA ? J BA . ? B BA 103 ? 1_555 O  ? M HOH . ? B HOH 263 ? 1_555 50.1  ? 
105 O   ? M HOH . ? B HOH 215 ? 1_555 BA ? K BA . ? B BA 104 ? 1_555 O  ? M HOH . ? B HOH 260 ? 1_555 55.1  ? 
106 O   ? M HOH . ? B HOH 215 ? 1_555 BA ? K BA . ? B BA 104 ? 1_555 O  ? M HOH . ? B HOH 262 ? 1_555 122.0 ? 
107 O   ? M HOH . ? B HOH 260 ? 1_555 BA ? K BA . ? B BA 104 ? 1_555 O  ? M HOH . ? B HOH 262 ? 1_555 145.7 ? 
108 O   ? M HOH . ? B HOH 215 ? 1_555 BA ? K BA . ? B BA 104 ? 1_555 O  ? M HOH . ? B HOH 264 ? 1_555 111.5 ? 
109 O   ? M HOH . ? B HOH 260 ? 1_555 BA ? K BA . ? B BA 104 ? 1_555 O  ? M HOH . ? B HOH 264 ? 1_555 68.6  ? 
110 O   ? M HOH . ? B HOH 262 ? 1_555 BA ? K BA . ? B BA 104 ? 1_555 O  ? M HOH . ? B HOH 264 ? 1_555 84.9  ? 
111 O   ? M HOH . ? B HOH 215 ? 1_555 BA ? K BA . ? B BA 104 ? 1_555 O  ? M HOH . ? B HOH 265 ? 1_555 75.5  ? 
112 O   ? M HOH . ? B HOH 260 ? 1_555 BA ? K BA . ? B BA 104 ? 1_555 O  ? M HOH . ? B HOH 265 ? 1_555 85.8  ? 
113 O   ? M HOH . ? B HOH 262 ? 1_555 BA ? K BA . ? B BA 104 ? 1_555 O  ? M HOH . ? B HOH 265 ? 1_555 128.1 ? 
114 O   ? M HOH . ? B HOH 264 ? 1_555 BA ? K BA . ? B BA 104 ? 1_555 O  ? M HOH . ? B HOH 265 ? 1_555 138.0 ? 
115 O   ? M HOH . ? B HOH 215 ? 1_555 BA ? K BA . ? B BA 104 ? 1_555 O  ? M HOH . ? B HOH 267 ? 1_555 149.5 ? 
116 O   ? M HOH . ? B HOH 260 ? 1_555 BA ? K BA . ? B BA 104 ? 1_555 O  ? M HOH . ? B HOH 267 ? 1_555 131.8 ? 
117 O   ? M HOH . ? B HOH 262 ? 1_555 BA ? K BA . ? B BA 104 ? 1_555 O  ? M HOH . ? B HOH 267 ? 1_555 70.6  ? 
118 O   ? M HOH . ? B HOH 264 ? 1_555 BA ? K BA . ? B BA 104 ? 1_555 O  ? M HOH . ? B HOH 267 ? 1_555 96.6  ? 
119 O   ? M HOH . ? B HOH 265 ? 1_555 BA ? K BA . ? B BA 104 ? 1_555 O  ? M HOH . ? B HOH 267 ? 1_555 75.7  ? 
# 
loop_
_struct_site.id 
_struct_site.pdbx_evidence_code 
_struct_site.pdbx_auth_asym_id 
_struct_site.pdbx_auth_comp_id 
_struct_site.pdbx_auth_seq_id 
_struct_site.pdbx_auth_ins_code 
_struct_site.pdbx_num_residues 
_struct_site.details 
AC1 Software A BA 101 ? 9 'binding site for residue BA A 101' 
AC2 Software A BA 102 ? 7 'binding site for residue BA A 102' 
AC3 Software A BA 103 ? 5 'binding site for residue BA A 103' 
AC4 Software A BA 104 ? 5 'binding site for residue BA A 104' 
AC5 Software A BA 105 ? 6 'binding site for residue BA A 105' 
AC6 Software B BA 101 ? 8 'binding site for residue BA B 101' 
AC7 Software B BA 102 ? 6 'binding site for residue BA B 102' 
AC8 Software B BA 103 ? 6 'binding site for residue BA B 103' 
AC9 Software B BA 104 ? 5 'binding site for residue BA B 104' 
# 
loop_
_struct_site_gen.id 
_struct_site_gen.site_id 
_struct_site_gen.pdbx_num_res 
_struct_site_gen.label_comp_id 
_struct_site_gen.label_asym_id 
_struct_site_gen.label_seq_id 
_struct_site_gen.pdbx_auth_ins_code 
_struct_site_gen.auth_comp_id 
_struct_site_gen.auth_asym_id 
_struct_site_gen.auth_seq_id 
_struct_site_gen.label_atom_id 
_struct_site_gen.label_alt_id 
_struct_site_gen.symmetry 
_struct_site_gen.details 
1  AC1 9 DG  A 7 ? DG  A 7   . ? 1_555 ? 
2  AC1 9 DG  A 7 ? DG  A 7   . ? 2_757 ? 
3  AC1 9 HOH L . ? HOH A 228 . ? 1_555 ? 
4  AC1 9 HOH L . ? HOH A 228 . ? 2_757 ? 
5  AC1 9 HOH L . ? HOH A 264 . ? 1_555 ? 
6  AC1 9 HOH L . ? HOH A 264 . ? 2_757 ? 
7  AC1 9 DG  B 7 ? DG  B 7   . ? 2_757 ? 
8  AC1 9 DG  B 7 ? DG  B 7   . ? 1_555 ? 
9  AC1 9 HOH M . ? HOH B 225 . ? 2_757 ? 
10 AC2 7 DA  A 5 ? DA  A 5   . ? 1_555 ? 
11 AC2 7 HOH L . ? HOH A 238 . ? 1_555 ? 
12 AC2 7 HOH L . ? HOH A 239 . ? 1_555 ? 
13 AC2 7 HOH L . ? HOH A 243 . ? 1_555 ? 
14 AC2 7 HOH L . ? HOH A 260 . ? 1_555 ? 
15 AC2 7 HOH L . ? HOH A 261 . ? 1_555 ? 
16 AC2 7 HOH M . ? HOH B 218 . ? 1_455 ? 
17 AC3 5 HOH L . ? HOH A 223 . ? 1_555 ? 
18 AC3 5 HOH L . ? HOH A 237 . ? 1_555 ? 
19 AC3 5 HOH L . ? HOH A 265 . ? 1_555 ? 
20 AC3 5 HOH L . ? HOH A 266 . ? 1_555 ? 
21 AC3 5 HOH L . ? HOH A 267 . ? 1_555 ? 
22 AC4 5 DG  A 2 ? DG  A 2   . ? 1_555 ? 
23 AC4 5 HOH L . ? HOH A 209 . ? 1_555 ? 
24 AC4 5 HOH L . ? HOH A 211 . ? 1_555 ? 
25 AC4 5 HOH L . ? HOH A 245 . ? 1_555 ? 
26 AC4 5 HOH L . ? HOH A 259 . ? 1_555 ? 
27 AC5 6 DT  A 3 ? DT  A 3   . ? 1_555 ? 
28 AC5 6 HOH L . ? HOH A 225 . ? 1_555 ? 
29 AC5 6 HOH L . ? HOH A 230 . ? 1_555 ? 
30 AC5 6 HOH L . ? HOH A 233 . ? 1_555 ? 
31 AC5 6 HOH L . ? HOH A 248 . ? 1_555 ? 
32 AC5 6 HOH M . ? HOH B 233 . ? 1_555 ? 
33 AC6 8 DG  B 2 ? DG  B 2   . ? 1_555 ? 
34 AC6 8 HOH M . ? HOH B 203 . ? 1_555 ? 
35 AC6 8 HOH M . ? HOH B 221 . ? 1_555 ? 
36 AC6 8 HOH M . ? HOH B 221 . ? 2_756 ? 
37 AC6 8 HOH M . ? HOH B 237 . ? 2_756 ? 
38 AC6 8 HOH M . ? HOH B 237 . ? 1_555 ? 
39 AC6 8 HOH M . ? HOH B 238 . ? 1_555 ? 
40 AC6 8 HOH M . ? HOH B 251 . ? 1_555 ? 
41 AC7 6 HOH L . ? HOH A 217 . ? 1_555 ? 
42 AC7 6 HOH L . ? HOH A 220 . ? 1_555 ? 
43 AC7 6 HOH L . ? HOH A 257 . ? 1_555 ? 
44 AC7 6 DT  B 3 ? DT  B 3   . ? 1_555 ? 
45 AC7 6 HOH M . ? HOH B 243 . ? 1_555 ? 
46 AC7 6 HOH M . ? HOH B 253 . ? 1_555 ? 
47 AC8 6 DT  B 4 ? DT  B 4   . ? 1_555 ? 
48 AC8 6 DT  B 4 ? DT  B 4   . ? 2_756 ? 
49 AC8 6 HOH M . ? HOH B 229 . ? 1_555 ? 
50 AC8 6 HOH M . ? HOH B 244 . ? 1_555 ? 
51 AC8 6 HOH M . ? HOH B 261 . ? 1_555 ? 
52 AC8 6 HOH M . ? HOH B 263 . ? 1_555 ? 
53 AC9 5 HOH M . ? HOH B 215 . ? 1_555 ? 
54 AC9 5 HOH M . ? HOH B 262 . ? 1_555 ? 
55 AC9 5 HOH M . ? HOH B 265 . ? 1_555 ? 
56 AC9 5 HOH M . ? HOH B 266 . ? 1_555 ? 
57 AC9 5 HOH M . ? HOH B 267 . ? 1_555 ? 
# 
loop_
_pdbx_validate_close_contact.id 
_pdbx_validate_close_contact.PDB_model_num 
_pdbx_validate_close_contact.auth_atom_id_1 
_pdbx_validate_close_contact.auth_asym_id_1 
_pdbx_validate_close_contact.auth_comp_id_1 
_pdbx_validate_close_contact.auth_seq_id_1 
_pdbx_validate_close_contact.PDB_ins_code_1 
_pdbx_validate_close_contact.label_alt_id_1 
_pdbx_validate_close_contact.auth_atom_id_2 
_pdbx_validate_close_contact.auth_asym_id_2 
_pdbx_validate_close_contact.auth_comp_id_2 
_pdbx_validate_close_contact.auth_seq_id_2 
_pdbx_validate_close_contact.PDB_ins_code_2 
_pdbx_validate_close_contact.label_alt_id_2 
_pdbx_validate_close_contact.dist 
1 1 O A HOH 228 ? ? O B HOH 225 ? ? 2.06 
2 1 O A HOH 221 ? ? O A HOH 237 ? ? 2.10 
3 1 O B HOH 201 ? ? O B HOH 228 ? ? 2.11 
4 1 O A HOH 268 ? ? O B HOH 266 ? ? 2.14 
# 
_pdbx_validate_symm_contact.id                1 
_pdbx_validate_symm_contact.PDB_model_num     1 
_pdbx_validate_symm_contact.auth_atom_id_1    O 
_pdbx_validate_symm_contact.auth_asym_id_1    A 
_pdbx_validate_symm_contact.auth_comp_id_1    HOH 
_pdbx_validate_symm_contact.auth_seq_id_1     203 
_pdbx_validate_symm_contact.PDB_ins_code_1    ? 
_pdbx_validate_symm_contact.label_alt_id_1    ? 
_pdbx_validate_symm_contact.site_symmetry_1   1_555 
_pdbx_validate_symm_contact.auth_atom_id_2    O 
_pdbx_validate_symm_contact.auth_asym_id_2    B 
_pdbx_validate_symm_contact.auth_comp_id_2    HOH 
_pdbx_validate_symm_contact.auth_seq_id_2     205 
_pdbx_validate_symm_contact.PDB_ins_code_2    ? 
_pdbx_validate_symm_contact.label_alt_id_2    ? 
_pdbx_validate_symm_contact.site_symmetry_2   2_757 
_pdbx_validate_symm_contact.dist              2.01 
# 
loop_
_pdbx_validate_rmsd_angle.id 
_pdbx_validate_rmsd_angle.PDB_model_num 
_pdbx_validate_rmsd_angle.auth_atom_id_1 
_pdbx_validate_rmsd_angle.auth_asym_id_1 
_pdbx_validate_rmsd_angle.auth_comp_id_1 
_pdbx_validate_rmsd_angle.auth_seq_id_1 
_pdbx_validate_rmsd_angle.PDB_ins_code_1 
_pdbx_validate_rmsd_angle.label_alt_id_1 
_pdbx_validate_rmsd_angle.auth_atom_id_2 
_pdbx_validate_rmsd_angle.auth_asym_id_2 
_pdbx_validate_rmsd_angle.auth_comp_id_2 
_pdbx_validate_rmsd_angle.auth_seq_id_2 
_pdbx_validate_rmsd_angle.PDB_ins_code_2 
_pdbx_validate_rmsd_angle.label_alt_id_2 
_pdbx_validate_rmsd_angle.auth_atom_id_3 
_pdbx_validate_rmsd_angle.auth_asym_id_3 
_pdbx_validate_rmsd_angle.auth_comp_id_3 
_pdbx_validate_rmsd_angle.auth_seq_id_3 
_pdbx_validate_rmsd_angle.PDB_ins_code_3 
_pdbx_validate_rmsd_angle.label_alt_id_3 
_pdbx_validate_rmsd_angle.angle_value 
_pdbx_validate_rmsd_angle.angle_target_value 
_pdbx_validate_rmsd_angle.angle_deviation 
_pdbx_validate_rmsd_angle.angle_standard_deviation 
_pdbx_validate_rmsd_angle.linker_flag 
1 1 "O5'" A DA 5 ? ? P A DA 5 ? ? OP1 A DA 5 ? ? 98.85 105.70 -6.85 0.90 N 
2 1 "O5'" A DC 8 ? ? P A DC 8 ? ? OP2 A DC 8 ? ? 99.93 105.70 -5.77 0.90 N 
# 
_pdbx_validate_planes.id              1 
_pdbx_validate_planes.PDB_model_num   1 
_pdbx_validate_planes.auth_comp_id    DC 
_pdbx_validate_planes.auth_asym_id    B 
_pdbx_validate_planes.auth_seq_id     8 
_pdbx_validate_planes.PDB_ins_code    ? 
_pdbx_validate_planes.label_alt_id    ? 
_pdbx_validate_planes.rmsd            0.061 
_pdbx_validate_planes.type            'SIDE CHAIN' 
# 
loop_
_pdbx_distant_solvent_atoms.id 
_pdbx_distant_solvent_atoms.PDB_model_num 
_pdbx_distant_solvent_atoms.auth_atom_id 
_pdbx_distant_solvent_atoms.label_alt_id 
_pdbx_distant_solvent_atoms.auth_asym_id 
_pdbx_distant_solvent_atoms.auth_comp_id 
_pdbx_distant_solvent_atoms.auth_seq_id 
_pdbx_distant_solvent_atoms.PDB_ins_code 
_pdbx_distant_solvent_atoms.neighbor_macromolecule_distance 
_pdbx_distant_solvent_atoms.neighbor_ligand_distance 
1 1 O ? A HOH 269 ? 7.89 . 
2 1 O ? B HOH 264 ? 6.14 . 
3 1 O ? B HOH 265 ? 6.14 . 
4 1 O ? B HOH 266 ? 6.46 . 
5 1 O ? B HOH 267 ? 7.71 . 
# 
loop_
_chem_comp_atom.comp_id 
_chem_comp_atom.atom_id 
_chem_comp_atom.type_symbol 
_chem_comp_atom.pdbx_aromatic_flag 
_chem_comp_atom.pdbx_stereo_config 
_chem_comp_atom.pdbx_ordinal 
BA  BA     BA N N 1   
DA  OP3    O  N N 2   
DA  P      P  N N 3   
DA  OP1    O  N N 4   
DA  OP2    O  N N 5   
DA  "O5'"  O  N N 6   
DA  "C5'"  C  N N 7   
DA  "C4'"  C  N R 8   
DA  "O4'"  O  N N 9   
DA  "C3'"  C  N S 10  
DA  "O3'"  O  N N 11  
DA  "C2'"  C  N N 12  
DA  "C1'"  C  N R 13  
DA  N9     N  Y N 14  
DA  C8     C  Y N 15  
DA  N7     N  Y N 16  
DA  C5     C  Y N 17  
DA  C6     C  Y N 18  
DA  N6     N  N N 19  
DA  N1     N  Y N 20  
DA  C2     C  Y N 21  
DA  N3     N  Y N 22  
DA  C4     C  Y N 23  
DA  HOP3   H  N N 24  
DA  HOP2   H  N N 25  
DA  "H5'"  H  N N 26  
DA  "H5''" H  N N 27  
DA  "H4'"  H  N N 28  
DA  "H3'"  H  N N 29  
DA  "HO3'" H  N N 30  
DA  "H2'"  H  N N 31  
DA  "H2''" H  N N 32  
DA  "H1'"  H  N N 33  
DA  H8     H  N N 34  
DA  H61    H  N N 35  
DA  H62    H  N N 36  
DA  H2     H  N N 37  
DC  OP3    O  N N 38  
DC  P      P  N N 39  
DC  OP1    O  N N 40  
DC  OP2    O  N N 41  
DC  "O5'"  O  N N 42  
DC  "C5'"  C  N N 43  
DC  "C4'"  C  N R 44  
DC  "O4'"  O  N N 45  
DC  "C3'"  C  N S 46  
DC  "O3'"  O  N N 47  
DC  "C2'"  C  N N 48  
DC  "C1'"  C  N R 49  
DC  N1     N  N N 50  
DC  C2     C  N N 51  
DC  O2     O  N N 52  
DC  N3     N  N N 53  
DC  C4     C  N N 54  
DC  N4     N  N N 55  
DC  C5     C  N N 56  
DC  C6     C  N N 57  
DC  HOP3   H  N N 58  
DC  HOP2   H  N N 59  
DC  "H5'"  H  N N 60  
DC  "H5''" H  N N 61  
DC  "H4'"  H  N N 62  
DC  "H3'"  H  N N 63  
DC  "HO3'" H  N N 64  
DC  "H2'"  H  N N 65  
DC  "H2''" H  N N 66  
DC  "H1'"  H  N N 67  
DC  H41    H  N N 68  
DC  H42    H  N N 69  
DC  H5     H  N N 70  
DC  H6     H  N N 71  
DG  OP3    O  N N 72  
DG  P      P  N N 73  
DG  OP1    O  N N 74  
DG  OP2    O  N N 75  
DG  "O5'"  O  N N 76  
DG  "C5'"  C  N N 77  
DG  "C4'"  C  N R 78  
DG  "O4'"  O  N N 79  
DG  "C3'"  C  N S 80  
DG  "O3'"  O  N N 81  
DG  "C2'"  C  N N 82  
DG  "C1'"  C  N R 83  
DG  N9     N  Y N 84  
DG  C8     C  Y N 85  
DG  N7     N  Y N 86  
DG  C5     C  Y N 87  
DG  C6     C  N N 88  
DG  O6     O  N N 89  
DG  N1     N  N N 90  
DG  C2     C  N N 91  
DG  N2     N  N N 92  
DG  N3     N  N N 93  
DG  C4     C  Y N 94  
DG  HOP3   H  N N 95  
DG  HOP2   H  N N 96  
DG  "H5'"  H  N N 97  
DG  "H5''" H  N N 98  
DG  "H4'"  H  N N 99  
DG  "H3'"  H  N N 100 
DG  "HO3'" H  N N 101 
DG  "H2'"  H  N N 102 
DG  "H2''" H  N N 103 
DG  "H1'"  H  N N 104 
DG  H8     H  N N 105 
DG  H1     H  N N 106 
DG  H21    H  N N 107 
DG  H22    H  N N 108 
DT  OP3    O  N N 109 
DT  P      P  N N 110 
DT  OP1    O  N N 111 
DT  OP2    O  N N 112 
DT  "O5'"  O  N N 113 
DT  "C5'"  C  N N 114 
DT  "C4'"  C  N R 115 
DT  "O4'"  O  N N 116 
DT  "C3'"  C  N S 117 
DT  "O3'"  O  N N 118 
DT  "C2'"  C  N N 119 
DT  "C1'"  C  N R 120 
DT  N1     N  N N 121 
DT  C2     C  N N 122 
DT  O2     O  N N 123 
DT  N3     N  N N 124 
DT  C4     C  N N 125 
DT  O4     O  N N 126 
DT  C5     C  N N 127 
DT  C7     C  N N 128 
DT  C6     C  N N 129 
DT  HOP3   H  N N 130 
DT  HOP2   H  N N 131 
DT  "H5'"  H  N N 132 
DT  "H5''" H  N N 133 
DT  "H4'"  H  N N 134 
DT  "H3'"  H  N N 135 
DT  "HO3'" H  N N 136 
DT  "H2'"  H  N N 137 
DT  "H2''" H  N N 138 
DT  "H1'"  H  N N 139 
DT  H3     H  N N 140 
DT  H71    H  N N 141 
DT  H72    H  N N 142 
DT  H73    H  N N 143 
DT  H6     H  N N 144 
HOH O      O  N N 145 
HOH H1     H  N N 146 
HOH H2     H  N N 147 
# 
loop_
_chem_comp_bond.comp_id 
_chem_comp_bond.atom_id_1 
_chem_comp_bond.atom_id_2 
_chem_comp_bond.value_order 
_chem_comp_bond.pdbx_aromatic_flag 
_chem_comp_bond.pdbx_stereo_config 
_chem_comp_bond.pdbx_ordinal 
DA  OP3   P      sing N N 1   
DA  OP3   HOP3   sing N N 2   
DA  P     OP1    doub N N 3   
DA  P     OP2    sing N N 4   
DA  P     "O5'"  sing N N 5   
DA  OP2   HOP2   sing N N 6   
DA  "O5'" "C5'"  sing N N 7   
DA  "C5'" "C4'"  sing N N 8   
DA  "C5'" "H5'"  sing N N 9   
DA  "C5'" "H5''" sing N N 10  
DA  "C4'" "O4'"  sing N N 11  
DA  "C4'" "C3'"  sing N N 12  
DA  "C4'" "H4'"  sing N N 13  
DA  "O4'" "C1'"  sing N N 14  
DA  "C3'" "O3'"  sing N N 15  
DA  "C3'" "C2'"  sing N N 16  
DA  "C3'" "H3'"  sing N N 17  
DA  "O3'" "HO3'" sing N N 18  
DA  "C2'" "C1'"  sing N N 19  
DA  "C2'" "H2'"  sing N N 20  
DA  "C2'" "H2''" sing N N 21  
DA  "C1'" N9     sing N N 22  
DA  "C1'" "H1'"  sing N N 23  
DA  N9    C8     sing Y N 24  
DA  N9    C4     sing Y N 25  
DA  C8    N7     doub Y N 26  
DA  C8    H8     sing N N 27  
DA  N7    C5     sing Y N 28  
DA  C5    C6     sing Y N 29  
DA  C5    C4     doub Y N 30  
DA  C6    N6     sing N N 31  
DA  C6    N1     doub Y N 32  
DA  N6    H61    sing N N 33  
DA  N6    H62    sing N N 34  
DA  N1    C2     sing Y N 35  
DA  C2    N3     doub Y N 36  
DA  C2    H2     sing N N 37  
DA  N3    C4     sing Y N 38  
DC  OP3   P      sing N N 39  
DC  OP3   HOP3   sing N N 40  
DC  P     OP1    doub N N 41  
DC  P     OP2    sing N N 42  
DC  P     "O5'"  sing N N 43  
DC  OP2   HOP2   sing N N 44  
DC  "O5'" "C5'"  sing N N 45  
DC  "C5'" "C4'"  sing N N 46  
DC  "C5'" "H5'"  sing N N 47  
DC  "C5'" "H5''" sing N N 48  
DC  "C4'" "O4'"  sing N N 49  
DC  "C4'" "C3'"  sing N N 50  
DC  "C4'" "H4'"  sing N N 51  
DC  "O4'" "C1'"  sing N N 52  
DC  "C3'" "O3'"  sing N N 53  
DC  "C3'" "C2'"  sing N N 54  
DC  "C3'" "H3'"  sing N N 55  
DC  "O3'" "HO3'" sing N N 56  
DC  "C2'" "C1'"  sing N N 57  
DC  "C2'" "H2'"  sing N N 58  
DC  "C2'" "H2''" sing N N 59  
DC  "C1'" N1     sing N N 60  
DC  "C1'" "H1'"  sing N N 61  
DC  N1    C2     sing N N 62  
DC  N1    C6     sing N N 63  
DC  C2    O2     doub N N 64  
DC  C2    N3     sing N N 65  
DC  N3    C4     doub N N 66  
DC  C4    N4     sing N N 67  
DC  C4    C5     sing N N 68  
DC  N4    H41    sing N N 69  
DC  N4    H42    sing N N 70  
DC  C5    C6     doub N N 71  
DC  C5    H5     sing N N 72  
DC  C6    H6     sing N N 73  
DG  OP3   P      sing N N 74  
DG  OP3   HOP3   sing N N 75  
DG  P     OP1    doub N N 76  
DG  P     OP2    sing N N 77  
DG  P     "O5'"  sing N N 78  
DG  OP2   HOP2   sing N N 79  
DG  "O5'" "C5'"  sing N N 80  
DG  "C5'" "C4'"  sing N N 81  
DG  "C5'" "H5'"  sing N N 82  
DG  "C5'" "H5''" sing N N 83  
DG  "C4'" "O4'"  sing N N 84  
DG  "C4'" "C3'"  sing N N 85  
DG  "C4'" "H4'"  sing N N 86  
DG  "O4'" "C1'"  sing N N 87  
DG  "C3'" "O3'"  sing N N 88  
DG  "C3'" "C2'"  sing N N 89  
DG  "C3'" "H3'"  sing N N 90  
DG  "O3'" "HO3'" sing N N 91  
DG  "C2'" "C1'"  sing N N 92  
DG  "C2'" "H2'"  sing N N 93  
DG  "C2'" "H2''" sing N N 94  
DG  "C1'" N9     sing N N 95  
DG  "C1'" "H1'"  sing N N 96  
DG  N9    C8     sing Y N 97  
DG  N9    C4     sing Y N 98  
DG  C8    N7     doub Y N 99  
DG  C8    H8     sing N N 100 
DG  N7    C5     sing Y N 101 
DG  C5    C6     sing N N 102 
DG  C5    C4     doub Y N 103 
DG  C6    O6     doub N N 104 
DG  C6    N1     sing N N 105 
DG  N1    C2     sing N N 106 
DG  N1    H1     sing N N 107 
DG  C2    N2     sing N N 108 
DG  C2    N3     doub N N 109 
DG  N2    H21    sing N N 110 
DG  N2    H22    sing N N 111 
DG  N3    C4     sing N N 112 
DT  OP3   P      sing N N 113 
DT  OP3   HOP3   sing N N 114 
DT  P     OP1    doub N N 115 
DT  P     OP2    sing N N 116 
DT  P     "O5'"  sing N N 117 
DT  OP2   HOP2   sing N N 118 
DT  "O5'" "C5'"  sing N N 119 
DT  "C5'" "C4'"  sing N N 120 
DT  "C5'" "H5'"  sing N N 121 
DT  "C5'" "H5''" sing N N 122 
DT  "C4'" "O4'"  sing N N 123 
DT  "C4'" "C3'"  sing N N 124 
DT  "C4'" "H4'"  sing N N 125 
DT  "O4'" "C1'"  sing N N 126 
DT  "C3'" "O3'"  sing N N 127 
DT  "C3'" "C2'"  sing N N 128 
DT  "C3'" "H3'"  sing N N 129 
DT  "O3'" "HO3'" sing N N 130 
DT  "C2'" "C1'"  sing N N 131 
DT  "C2'" "H2'"  sing N N 132 
DT  "C2'" "H2''" sing N N 133 
DT  "C1'" N1     sing N N 134 
DT  "C1'" "H1'"  sing N N 135 
DT  N1    C2     sing N N 136 
DT  N1    C6     sing N N 137 
DT  C2    O2     doub N N 138 
DT  C2    N3     sing N N 139 
DT  N3    C4     sing N N 140 
DT  N3    H3     sing N N 141 
DT  C4    O4     doub N N 142 
DT  C4    C5     sing N N 143 
DT  C5    C7     sing N N 144 
DT  C5    C6     doub N N 145 
DT  C7    H71    sing N N 146 
DT  C7    H72    sing N N 147 
DT  C7    H73    sing N N 148 
DT  C6    H6     sing N N 149 
HOH O     H1     sing N N 150 
HOH O     H2     sing N N 151 
# 
_ndb_struct_conf_na.entry_id   6N4G 
_ndb_struct_conf_na.feature    'double helix' 
# 
loop_
_ndb_struct_na_base_pair.model_number 
_ndb_struct_na_base_pair.i_label_asym_id 
_ndb_struct_na_base_pair.i_label_comp_id 
_ndb_struct_na_base_pair.i_label_seq_id 
_ndb_struct_na_base_pair.i_symmetry 
_ndb_struct_na_base_pair.j_label_asym_id 
_ndb_struct_na_base_pair.j_label_comp_id 
_ndb_struct_na_base_pair.j_label_seq_id 
_ndb_struct_na_base_pair.j_symmetry 
_ndb_struct_na_base_pair.shear 
_ndb_struct_na_base_pair.stretch 
_ndb_struct_na_base_pair.stagger 
_ndb_struct_na_base_pair.buckle 
_ndb_struct_na_base_pair.propeller 
_ndb_struct_na_base_pair.opening 
_ndb_struct_na_base_pair.pair_number 
_ndb_struct_na_base_pair.pair_name 
_ndb_struct_na_base_pair.i_auth_asym_id 
_ndb_struct_na_base_pair.i_auth_seq_id 
_ndb_struct_na_base_pair.i_PDB_ins_code 
_ndb_struct_na_base_pair.j_auth_asym_id 
_ndb_struct_na_base_pair.j_auth_seq_id 
_ndb_struct_na_base_pair.j_PDB_ins_code 
_ndb_struct_na_base_pair.hbond_type_28 
_ndb_struct_na_base_pair.hbond_type_12 
1 A DC 1 1_555 B DG 6 1_555 0.229  -0.141 0.513  -13.403 1.252  -0.999  1 A_DC1:DG6_B A 1 ? B 6 ? 19 1 
1 A DG 2 1_555 B DA 5 1_555 -0.365 4.897  -0.109 5.353   -6.686 -87.868 2 A_DG2:DA5_B A 2 ? B 5 ? 9  3 
1 A DA 5 1_555 B DG 2 1_555 0.269  -4.895 -0.218 -7.081  10.408 86.388  3 A_DA5:DG2_B A 5 ? B 2 ? 9  3 
1 A DG 6 1_555 B DC 1 1_555 -0.209 -0.088 0.420  9.491   1.596  -1.001  4 A_DG6:DC1_B A 6 ? B 1 ? 19 1 
1 A DG 7 1_555 A DC 8 2_757 -0.245 -0.150 -0.010 -13.014 -6.714 -1.275  5 A_DG7:DC8_A A 7 ? A 8 ? 19 1 
1 A DC 8 1_555 A DG 7 2_757 0.245  -0.150 -0.010 13.014  -6.714 -1.275  6 A_DC8:DG7_A A 8 ? A 7 ? 19 1 
1 B DG 7 1_555 B DC 8 2_757 -0.209 -0.085 -0.132 -15.195 -9.855 -2.470  7 B_DG7:DC8_B B 7 ? B 8 ? 19 1 
1 B DC 8 1_555 B DG 7 2_757 0.209  -0.085 -0.132 15.195  -9.855 -2.470  8 B_DC8:DG7_B B 8 ? B 7 ? 19 1 
# 
loop_
_ndb_struct_na_base_pair_step.model_number 
_ndb_struct_na_base_pair_step.i_label_asym_id_1 
_ndb_struct_na_base_pair_step.i_label_comp_id_1 
_ndb_struct_na_base_pair_step.i_label_seq_id_1 
_ndb_struct_na_base_pair_step.i_symmetry_1 
_ndb_struct_na_base_pair_step.j_label_asym_id_1 
_ndb_struct_na_base_pair_step.j_label_comp_id_1 
_ndb_struct_na_base_pair_step.j_label_seq_id_1 
_ndb_struct_na_base_pair_step.j_symmetry_1 
_ndb_struct_na_base_pair_step.i_label_asym_id_2 
_ndb_struct_na_base_pair_step.i_label_comp_id_2 
_ndb_struct_na_base_pair_step.i_label_seq_id_2 
_ndb_struct_na_base_pair_step.i_symmetry_2 
_ndb_struct_na_base_pair_step.j_label_asym_id_2 
_ndb_struct_na_base_pair_step.j_label_comp_id_2 
_ndb_struct_na_base_pair_step.j_label_seq_id_2 
_ndb_struct_na_base_pair_step.j_symmetry_2 
_ndb_struct_na_base_pair_step.shift 
_ndb_struct_na_base_pair_step.slide 
_ndb_struct_na_base_pair_step.rise 
_ndb_struct_na_base_pair_step.tilt 
_ndb_struct_na_base_pair_step.roll 
_ndb_struct_na_base_pair_step.twist 
_ndb_struct_na_base_pair_step.x_displacement 
_ndb_struct_na_base_pair_step.y_displacement 
_ndb_struct_na_base_pair_step.helical_rise 
_ndb_struct_na_base_pair_step.inclination 
_ndb_struct_na_base_pair_step.tip 
_ndb_struct_na_base_pair_step.helical_twist 
_ndb_struct_na_base_pair_step.step_number 
_ndb_struct_na_base_pair_step.step_name 
_ndb_struct_na_base_pair_step.i_auth_asym_id_1 
_ndb_struct_na_base_pair_step.i_auth_seq_id_1 
_ndb_struct_na_base_pair_step.i_PDB_ins_code_1 
_ndb_struct_na_base_pair_step.j_auth_asym_id_1 
_ndb_struct_na_base_pair_step.j_auth_seq_id_1 
_ndb_struct_na_base_pair_step.j_PDB_ins_code_1 
_ndb_struct_na_base_pair_step.i_auth_asym_id_2 
_ndb_struct_na_base_pair_step.i_auth_seq_id_2 
_ndb_struct_na_base_pair_step.i_PDB_ins_code_2 
_ndb_struct_na_base_pair_step.j_auth_asym_id_2 
_ndb_struct_na_base_pair_step.j_auth_seq_id_2 
_ndb_struct_na_base_pair_step.j_PDB_ins_code_2 
1 A DC 1 1_555 B DG 6 1_555 A DG 2 1_555 B DA 5 1_555 1.205  -1.799 2.669  5.386   8.105   68.170  -1.832 -0.907 2.545  7.194   
-4.780  68.778  1 AA_DC1DG2:DA5DG6_BB A 1 ? B 6 ? A 2 ? B 5 ? 
1 A DA 5 1_555 B DG 2 1_555 A DG 6 1_555 B DC 1 1_555 -0.076 -3.318 -1.840 143.298 -95.109 158.751 -1.744 -0.091 -1.483 -47.592 
-71.706 178.524 2 AA_DA5DG6:DC1DG2_BB A 5 ? B 2 ? A 6 ? B 1 ? 
1 A DG 7 1_555 A DC 8 2_757 A DC 8 1_555 A DG 7 2_757 0.000  1.769  3.315  0.000   -4.914  45.214  2.716  0.000  3.116  -6.370  
0.000   45.466  3 AA_DG7DC8:DG7DC8_AA A 7 ? A 8 ? A 8 ? A 7 ? 
1 B DG 7 1_555 B DC 8 2_757 B DC 8 1_555 B DG 7 2_757 0.000  2.001  2.948  0.000   0.402   42.672  2.714  0.000  2.966  0.552   
0.000   42.674  4 BB_DG7DC8:DG7DC8_BB B 7 ? B 8 ? B 8 ? B 7 ? 
# 
_pdbx_audit_support.funding_organization   'National Science Foundation (NSF, United States)' 
_pdbx_audit_support.country                'United States' 
_pdbx_audit_support.grant_number           1149665 
_pdbx_audit_support.ordinal                1 
# 
_atom_sites.entry_id                    6N4G 
_atom_sites.fract_transf_matrix[1][1]   -0.03109306 
_atom_sites.fract_transf_matrix[1][2]   0.01764272 
_atom_sites.fract_transf_matrix[1][3]   0.01517085 
_atom_sites.fract_transf_matrix[2][1]   0.00352615 
_atom_sites.fract_transf_matrix[2][2]   0.01509044 
_atom_sites.fract_transf_matrix[2][3]   -0.01032227 
_atom_sites.fract_transf_matrix[3][1]   -0.02159414 
_atom_sites.fract_transf_matrix[3][2]   -0.00797356 
_atom_sites.fract_transf_matrix[3][3]   -0.01903346 
_atom_sites.fract_transf_vector[1]      0.823337 
_atom_sites.fract_transf_vector[2]      0.587933 
_atom_sites.fract_transf_vector[3]      0.818339 
# 
loop_
_atom_type.symbol 
BA 
C  
N  
O  
P  
# 
loop_
_atom_site.group_PDB 
_atom_site.id 
_atom_site.type_symbol 
_atom_site.label_atom_id 
_atom_site.label_alt_id 
_atom_site.label_comp_id 
_atom_site.label_asym_id 
_atom_site.label_entity_id 
_atom_site.label_seq_id 
_atom_site.pdbx_PDB_ins_code 
_atom_site.Cartn_x 
_atom_site.Cartn_y 
_atom_site.Cartn_z 
_atom_site.occupancy 
_atom_site.B_iso_or_equiv 
_atom_site.pdbx_formal_charge 
_atom_site.auth_seq_id 
_atom_site.auth_comp_id 
_atom_site.auth_asym_id 
_atom_site.auth_atom_id 
_atom_site.pdbx_PDB_model_num 
ATOM   1   O  "O5'" . DC  A 1 1 ? 2.014   -8.888  -3.927  1.00 25.74 ?  1   DC  A "O5'" 1 
ATOM   2   C  "C5'" . DC  A 1 1 ? 1.777   -8.165  -5.155  1.00 21.41 ?  1   DC  A "C5'" 1 
ATOM   3   C  "C4'" . DC  A 1 1 ? 2.123   -6.711  -4.929  1.00 16.95 ?  1   DC  A "C4'" 1 
ATOM   4   O  "O4'" . DC  A 1 1 ? 1.285   -6.155  -3.900  1.00 18.24 ?  1   DC  A "O4'" 1 
ATOM   5   C  "C3'" . DC  A 1 1 ? 3.561   -6.416  -4.507  1.00 18.92 ?  1   DC  A "C3'" 1 
ATOM   6   O  "O3'" . DC  A 1 1 ? 4.061   -5.340  -5.288  1.00 22.87 ?  1   DC  A "O3'" 1 
ATOM   7   C  "C2'" . DC  A 1 1 ? 3.468   -6.032  -3.053  1.00 19.79 ?  1   DC  A "C2'" 1 
ATOM   8   C  "C1'" . DC  A 1 1 ? 2.080   -5.488  -2.922  1.00 17.40 ?  1   DC  A "C1'" 1 
ATOM   9   N  N1    . DC  A 1 1 ? 1.472   -5.755  -1.626  1.00 15.14 ?  1   DC  A N1    1 
ATOM   10  C  C2    . DC  A 1 1 ? 0.894   -4.707  -0.889  1.00 13.96 ?  1   DC  A C2    1 
ATOM   11  O  O2    . DC  A 1 1 ? 0.900   -3.549  -1.361  1.00 16.98 ?  1   DC  A O2    1 
ATOM   12  N  N3    . DC  A 1 1 ? 0.235   -5.000  0.260   1.00 15.97 ?  1   DC  A N3    1 
ATOM   13  C  C4    . DC  A 1 1 ? 0.209   -6.256  0.709   1.00 16.64 ?  1   DC  A C4    1 
ATOM   14  N  N4    . DC  A 1 1 ? -0.447  -6.510  1.823   1.00 17.36 ?  1   DC  A N4    1 
ATOM   15  C  C5    . DC  A 1 1 ? 0.772   -7.330  -0.028  1.00 16.00 ?  1   DC  A C5    1 
ATOM   16  C  C6    . DC  A 1 1 ? 1.380   -7.040  -1.177  1.00 17.43 ?  1   DC  A C6    1 
ATOM   17  P  P     . DG  A 1 2 ? 5.635   -4.985  -5.270  1.00 23.68 ?  2   DG  A P     1 
ATOM   18  O  OP1   . DG  A 1 2 ? 6.074   -4.667  -6.648  1.00 26.70 ?  2   DG  A OP1   1 
ATOM   19  O  OP2   . DG  A 1 2 ? 6.362   -6.049  -4.543  1.00 29.52 -1 2   DG  A OP2   1 
ATOM   20  O  "O5'" . DG  A 1 2 ? 5.707   -3.766  -4.248  1.00 20.76 ?  2   DG  A "O5'" 1 
ATOM   21  C  "C5'" . DG  A 1 2 ? 5.007   -2.540  -4.524  1.00 17.13 ?  2   DG  A "C5'" 1 
ATOM   22  C  "C4'" . DG  A 1 2 ? 5.138   -1.632  -3.324  1.00 17.31 ?  2   DG  A "C4'" 1 
ATOM   23  O  "O4'" . DG  A 1 2 ? 4.338   -2.100  -2.213  1.00 18.51 ?  2   DG  A "O4'" 1 
ATOM   24  C  "C3'" . DG  A 1 2 ? 6.567   -1.466  -2.790  1.00 20.56 ?  2   DG  A "C3'" 1 
ATOM   25  O  "O3'" . DG  A 1 2 ? 6.863   -0.070  -2.547  1.00 19.66 ?  2   DG  A "O3'" 1 
ATOM   26  C  "C2'" . DG  A 1 2 ? 6.527   -2.224  -1.474  1.00 18.51 ?  2   DG  A "C2'" 1 
ATOM   27  C  "C1'" . DG  A 1 2 ? 5.113   -1.973  -1.027  1.00 17.65 ?  2   DG  A "C1'" 1 
ATOM   28  N  N9    . DG  A 1 2 ? 4.564   -2.924  -0.076  1.00 17.99 ?  2   DG  A N9    1 
ATOM   29  C  C8    . DG  A 1 2 ? 4.695   -4.300  -0.065  1.00 18.73 ?  2   DG  A C8    1 
ATOM   30  N  N7    . DG  A 1 2 ? 3.932   -4.873  0.824   1.00 16.30 ?  2   DG  A N7    1 
ATOM   31  C  C5    . DG  A 1 2 ? 3.205   -3.823  1.380   1.00 16.09 ?  2   DG  A C5    1 
ATOM   32  C  C6    . DG  A 1 2 ? 2.204   -3.831  2.385   1.00 13.69 ?  2   DG  A C6    1 
ATOM   33  O  O6    . DG  A 1 2 ? 1.835   -4.778  3.081   1.00 15.85 ?  2   DG  A O6    1 
ATOM   34  N  N1    . DG  A 1 2 ? 1.736   -2.551  2.656   1.00 14.20 ?  2   DG  A N1    1 
ATOM   35  C  C2    . DG  A 1 2 ? 2.192   -1.406  2.055   1.00 14.12 ?  2   DG  A C2    1 
ATOM   36  N  N2    . DG  A 1 2 ? 1.638   -0.256  2.480   1.00 15.53 ?  2   DG  A N2    1 
ATOM   37  N  N3    . DG  A 1 2 ? 3.100   -1.387  1.096   1.00 16.16 ?  2   DG  A N3    1 
ATOM   38  C  C4    . DG  A 1 2 ? 3.572   -2.623  0.820   1.00 14.69 ?  2   DG  A C4    1 
ATOM   39  P  P     . DT  A 1 3 ? 8.168   0.602   -3.190  1.00 19.50 ?  3   DT  A P     1 
ATOM   40  O  OP1   . DT  A 1 3 ? 8.614   -0.110  -4.415  1.00 21.82 ?  3   DT  A OP1   1 
ATOM   41  O  OP2   . DT  A 1 3 ? 9.174   0.753   -2.106  1.00 23.50 -1 3   DT  A OP2   1 
ATOM   42  O  "O5'" . DT  A 1 3 ? 7.653   2.043   -3.605  1.00 17.35 ?  3   DT  A "O5'" 1 
ATOM   43  C  "C5'" . DT  A 1 3 ? 6.634   2.165   -4.622  1.00 17.10 ?  3   DT  A "C5'" 1 
ATOM   44  C  "C4'" . DT  A 1 3 ? 6.172   3.595   -4.698  1.00 17.10 ?  3   DT  A "C4'" 1 
ATOM   45  O  "O4'" . DT  A 1 3 ? 5.566   4.005   -3.463  1.00 17.83 ?  3   DT  A "O4'" 1 
ATOM   46  C  "C3'" . DT  A 1 3 ? 7.314   4.575   -4.945  1.00 18.04 ?  3   DT  A "C3'" 1 
ATOM   47  O  "O3'" . DT  A 1 3 ? 6.861   5.701   -5.696  1.00 17.36 ?  3   DT  A "O3'" 1 
ATOM   48  C  "C2'" . DT  A 1 3 ? 7.676   5.032   -3.552  1.00 18.26 ?  3   DT  A "C2'" 1 
ATOM   49  C  "C1'" . DT  A 1 3 ? 6.326   5.067   -2.879  1.00 20.91 ?  3   DT  A "C1'" 1 
ATOM   50  N  N1    . DT  A 1 3 ? 6.361   4.859   -1.411  1.00 18.91 ?  3   DT  A N1    1 
ATOM   51  C  C2    . DT  A 1 3 ? 6.430   5.989   -0.621  1.00 20.55 ?  3   DT  A C2    1 
ATOM   52  O  O2    . DT  A 1 3 ? 6.450   7.122   -1.080  1.00 25.53 ?  3   DT  A O2    1 
ATOM   53  N  N3    . DT  A 1 3 ? 6.438   5.745   0.730   1.00 21.20 ?  3   DT  A N3    1 
ATOM   54  C  C4    . DT  A 1 3 ? 6.453   4.510   1.349   1.00 19.79 ?  3   DT  A C4    1 
ATOM   55  O  O4    . DT  A 1 3 ? 6.464   4.440   2.577   1.00 27.60 ?  3   DT  A O4    1 
ATOM   56  C  C5    . DT  A 1 3 ? 6.437   3.365   0.452   1.00 21.50 ?  3   DT  A C5    1 
ATOM   57  C  C7    . DT  A 1 3 ? 6.434   1.984   1.037   1.00 22.82 ?  3   DT  A C7    1 
ATOM   58  C  C6    . DT  A 1 3 ? 6.400   3.596   -0.863  1.00 19.34 ?  3   DT  A C6    1 
ATOM   59  P  P     . DT  A 1 4 ? 7.715   6.170   -6.942  1.00 17.18 ?  4   DT  A P     1 
ATOM   60  O  OP1   . DT  A 1 4 ? 9.140   6.188   -6.511  1.00 18.43 -1 4   DT  A OP1   1 
ATOM   61  O  OP2   . DT  A 1 4 ? 7.100   7.382   -7.404  1.00 18.24 ?  4   DT  A OP2   1 
ATOM   62  O  "O5'" . DT  A 1 4 ? 7.599   4.998   -8.024  1.00 17.05 ?  4   DT  A "O5'" 1 
ATOM   63  C  "C5'" . DT  A 1 4 ? 6.312   4.601   -8.558  1.00 16.31 ?  4   DT  A "C5'" 1 
ATOM   64  C  "C4'" . DT  A 1 4 ? 6.521   3.842   -9.834  1.00 15.33 ?  4   DT  A "C4'" 1 
ATOM   65  O  "O4'" . DT  A 1 4 ? 6.837   4.755   -10.899 1.00 16.88 ?  4   DT  A "O4'" 1 
ATOM   66  C  "C3'" . DT  A 1 4 ? 7.694   2.867   -9.764  1.00 18.17 ?  4   DT  A "C3'" 1 
ATOM   67  O  "O3'" . DT  A 1 4 ? 7.355   1.670   -10.496 1.00 17.64 ?  4   DT  A "O3'" 1 
ATOM   68  C  "C2'" . DT  A 1 4 ? 8.842   3.651   -10.371 1.00 16.38 ?  4   DT  A "C2'" 1 
ATOM   69  C  "C1'" . DT  A 1 4 ? 8.142   4.473   -11.413 1.00 17.00 ?  4   DT  A "C1'" 1 
ATOM   70  N  N1    . DT  A 1 4 ? 8.805   5.765   -11.678 1.00 17.84 ?  4   DT  A N1    1 
ATOM   71  C  C2    . DT  A 1 4 ? 9.466   5.916   -12.878 1.00 19.51 ?  4   DT  A C2    1 
ATOM   72  O  O2    . DT  A 1 4 ? 9.567   5.008   -13.705 1.00 20.90 ?  4   DT  A O2    1 
ATOM   73  N  N3    . DT  A 1 4 ? 10.017  7.162   -13.069 1.00 19.41 ?  4   DT  A N3    1 
ATOM   74  C  C4    . DT  A 1 4 ? 9.917   8.255   -12.221 1.00 16.99 ?  4   DT  A C4    1 
ATOM   75  O  O4    . DT  A 1 4 ? 10.436  9.320   -12.528 1.00 19.60 ?  4   DT  A O4    1 
ATOM   76  C  C5    . DT  A 1 4 ? 9.111   8.049   -11.043 1.00 15.67 ?  4   DT  A C5    1 
ATOM   77  C  C7    . DT  A 1 4 ? 8.934   9.181   -10.086 1.00 17.35 ?  4   DT  A C7    1 
ATOM   78  C  C6    . DT  A 1 4 ? 8.662   6.815   -10.798 1.00 14.50 ?  4   DT  A C6    1 
ATOM   79  P  P     . DA  A 1 5 ? 7.505   0.268   -9.778  1.00 18.49 ?  5   DA  A P     1 
ATOM   80  O  OP1   . DA  A 1 5 ? 8.765   0.273   -8.986  1.00 20.11 -1 5   DA  A OP1   1 
ATOM   81  O  OP2   . DA  A 1 5 ? 7.248   -0.745  -10.867 1.00 23.11 ?  5   DA  A OP2   1 
ATOM   82  O  "O5'" . DA  A 1 5 ? 6.475   0.276   -8.592  1.00 19.07 ?  5   DA  A "O5'" 1 
ATOM   83  C  "C5'" . DA  A 1 5 ? 5.100   0.117   -8.958  1.00 18.41 ?  5   DA  A "C5'" 1 
ATOM   84  C  "C4'" . DA  A 1 5 ? 4.320   -0.527  -7.835  1.00 17.25 ?  5   DA  A "C4'" 1 
ATOM   85  O  "O4'" . DA  A 1 5 ? 4.289   0.283   -6.616  1.00 18.59 ?  5   DA  A "O4'" 1 
ATOM   86  C  "C3'" . DA  A 1 5 ? 2.859   -0.755  -8.233  1.00 15.23 ?  5   DA  A "C3'" 1 
ATOM   87  O  "O3'" . DA  A 1 5 ? 2.552   -2.049  -7.694  1.00 17.83 ?  5   DA  A "O3'" 1 
ATOM   88  C  "C2'" . DA  A 1 5 ? 2.100   0.348   -7.537  1.00 15.12 ?  5   DA  A "C2'" 1 
ATOM   89  C  "C1'" . DA  A 1 5 ? 2.913   0.445   -6.246  1.00 16.61 ?  5   DA  A "C1'" 1 
ATOM   90  N  N9    . DA  A 1 5 ? 2.805   1.687   -5.496  1.00 14.35 ?  5   DA  A N9    1 
ATOM   91  C  C8    . DA  A 1 5 ? 2.664   1.756   -4.132  1.00 14.87 ?  5   DA  A C8    1 
ATOM   92  N  N7    . DA  A 1 5 ? 2.623   2.981   -3.665  1.00 15.33 ?  5   DA  A N7    1 
ATOM   93  C  C5    . DA  A 1 5 ? 2.753   3.769   -4.798  1.00 13.24 ?  5   DA  A C5    1 
ATOM   94  C  C6    . DA  A 1 5 ? 2.854   5.160   -4.968  1.00 15.29 ?  5   DA  A C6    1 
ATOM   95  N  N6    . DA  A 1 5 ? 2.800   6.043   -3.961  1.00 13.98 ?  5   DA  A N6    1 
ATOM   96  N  N1    . DA  A 1 5 ? 2.983   5.626   -6.229  1.00 14.40 ?  5   DA  A N1    1 
ATOM   97  C  C2    . DA  A 1 5 ? 3.099   4.741   -7.246  1.00 15.47 ?  5   DA  A C2    1 
ATOM   98  N  N3    . DA  A 1 5 ? 3.042   3.411   -7.203  1.00 13.98 ?  5   DA  A N3    1 
ATOM   99  C  C4    . DA  A 1 5 ? 2.898   2.985   -5.931  1.00 13.94 ?  5   DA  A C4    1 
ATOM   100 P  P     . DG  A 1 6 ? 1.128   -2.751  -7.960  1.00 21.16 ?  6   DG  A P     1 
ATOM   101 O  OP1   . DG  A 1 6 ? 1.400   -4.179  -8.129  1.00 24.03 ?  6   DG  A OP1   1 
ATOM   102 O  OP2   . DG  A 1 6 ? 0.384   -2.022  -9.027  1.00 23.30 -1 6   DG  A OP2   1 
ATOM   103 O  "O5'" . DG  A 1 6 ? 0.391   -2.376  -6.617  1.00 19.32 ?  6   DG  A "O5'" 1 
ATOM   104 C  "C5'" . DG  A 1 6 ? 0.598   -3.150  -5.390  1.00 19.27 ?  6   DG  A "C5'" 1 
ATOM   105 C  "C4'" . DG  A 1 6 ? -0.550  -2.866  -4.448  1.00 15.80 ?  6   DG  A "C4'" 1 
ATOM   106 O  "O4'" . DG  A 1 6 ? -0.447  -1.514  -3.983  1.00 17.27 ?  6   DG  A "O4'" 1 
ATOM   107 C  "C3'" . DG  A 1 6 ? -1.907  -2.974  -5.172  1.00 14.33 ?  6   DG  A "C3'" 1 
ATOM   108 O  "O3'" . DG  A 1 6 ? -2.830  -3.781  -4.438  1.00 17.94 ?  6   DG  A "O3'" 1 
ATOM   109 C  "C2'" . DG  A 1 6 ? -2.405  -1.536  -5.276  1.00 16.88 ?  6   DG  A "C2'" 1 
ATOM   110 C  "C1'" . DG  A 1 6 ? -1.691  -0.857  -4.099  1.00 17.36 ?  6   DG  A "C1'" 1 
ATOM   111 N  N9    . DG  A 1 6 ? -1.384  0.559   -4.214  1.00 13.63 ?  6   DG  A N9    1 
ATOM   112 C  C8    . DG  A 1 6 ? -1.155  1.289   -5.361  1.00 12.67 ?  6   DG  A C8    1 
ATOM   113 N  N7    . DG  A 1 6 ? -0.775  2.522   -5.113  1.00 13.29 ?  6   DG  A N7    1 
ATOM   114 C  C5    . DG  A 1 6 ? -0.843  2.628   -3.728  1.00 13.49 ?  6   DG  A C5    1 
ATOM   115 C  C6    . DG  A 1 6 ? -0.489  3.711   -2.869  1.00 13.23 ?  6   DG  A C6    1 
ATOM   116 O  O6    . DG  A 1 6 ? -0.185  4.858   -3.166  1.00 13.31 ?  6   DG  A O6    1 
ATOM   117 N  N1    . DG  A 1 6 ? -0.585  3.357   -1.527  1.00 12.45 ?  6   DG  A N1    1 
ATOM   118 C  C2    . DG  A 1 6 ? -0.928  2.131   -1.061  1.00 15.39 ?  6   DG  A C2    1 
ATOM   119 N  N2    . DG  A 1 6 ? -1.042  2.042   0.276   1.00 13.61 ?  6   DG  A N2    1 
ATOM   120 N  N3    . DG  A 1 6 ? -1.227  1.096   -1.847  1.00 15.21 ?  6   DG  A N3    1 
ATOM   121 C  C4    . DG  A 1 6 ? -1.130  1.408   -3.158  1.00 13.37 ?  6   DG  A C4    1 
ATOM   122 P  P     . DG  A 1 7 ? -3.639  -5.032  -5.119  1.00 16.10 ?  7   DG  A P     1 
ATOM   123 O  OP1   . DG  A 1 7 ? -3.006  -5.401  -6.420  1.00 18.27 ?  7   DG  A OP1   1 
ATOM   124 O  OP2   . DG  A 1 7 ? -5.040  -4.693  -5.069  1.00 19.29 -1 7   DG  A OP2   1 
ATOM   125 O  "O5'" . DG  A 1 7 ? -3.299  -6.205  -4.108  1.00 16.24 ?  7   DG  A "O5'" 1 
ATOM   126 C  "C5'" . DG  A 1 7 ? -1.977  -6.763  -4.015  1.00 17.20 ?  7   DG  A "C5'" 1 
ATOM   127 C  "C4'" . DG  A 1 7 ? -1.726  -7.351  -2.639  1.00 16.48 ?  7   DG  A "C4'" 1 
ATOM   128 O  "O4'" . DG  A 1 7 ? -1.797  -6.284  -1.674  1.00 17.49 ?  7   DG  A "O4'" 1 
ATOM   129 C  "C3'" . DG  A 1 7 ? -2.721  -8.389  -2.139  1.00 16.63 ?  7   DG  A "C3'" 1 
ATOM   130 O  "O3'" . DG  A 1 7 ? -2.129  -9.247  -1.151  1.00 19.79 ?  7   DG  A "O3'" 1 
ATOM   131 C  "C2'" . DG  A 1 7 ? -3.739  -7.528  -1.398  1.00 14.69 ?  7   DG  A "C2'" 1 
ATOM   132 C  "C1'" . DG  A 1 7 ? -2.867  -6.488  -0.764  1.00 16.37 ?  7   DG  A "C1'" 1 
ATOM   133 N  N9    . DG  A 1 7 ? -3.530  -5.215  -0.526  1.00 14.34 ?  7   DG  A N9    1 
ATOM   134 C  C8    . DG  A 1 7 ? -3.336  -4.025  -1.186  1.00 12.89 ?  7   DG  A C8    1 
ATOM   135 N  N7    . DG  A 1 7 ? -4.119  -3.066  -0.757  1.00 15.21 ?  7   DG  A N7    1 
ATOM   136 C  C5    . DG  A 1 7 ? -4.837  -3.645  0.279   1.00 12.85 ?  7   DG  A C5    1 
ATOM   137 C  C6    . DG  A 1 7 ? -5.803  -3.071  1.172   1.00 13.00 ?  7   DG  A C6    1 
ATOM   138 O  O6    . DG  A 1 7 ? -6.268  -1.921  1.176   1.00 16.54 ?  7   DG  A O6    1 
ATOM   139 N  N1    . DG  A 1 7 ? -6.306  -4.015  2.056   1.00 14.67 ?  7   DG  A N1    1 
ATOM   140 C  C2    . DG  A 1 7 ? -5.939  -5.351  2.079   1.00 12.18 ?  7   DG  A C2    1 
ATOM   141 N  N2    . DG  A 1 7 ? -6.547  -6.107  2.963   1.00 14.06 ?  7   DG  A N2    1 
ATOM   142 N  N3    . DG  A 1 7 ? -5.005  -5.884  1.297   1.00 13.19 ?  7   DG  A N3    1 
ATOM   143 C  C4    . DG  A 1 7 ? -4.499  -4.975  0.428   1.00 13.14 ?  7   DG  A C4    1 
ATOM   144 P  P     . DC  A 1 8 ? -2.035  -10.869 -1.432  1.00 23.51 ?  8   DC  A P     1 
ATOM   145 O  OP1   . DC  A 1 8 ? -0.942  -11.374 -0.593  1.00 29.88 ?  8   DC  A OP1   1 
ATOM   146 O  OP2   . DC  A 1 8 ? -2.067  -11.075 -2.892  1.00 23.79 -1 8   DC  A OP2   1 
ATOM   147 O  "O5'" . DC  A 1 8 ? -3.501  -11.384 -1.049  1.00 20.58 ?  8   DC  A "O5'" 1 
ATOM   148 C  "C5'" . DC  A 1 8 ? -3.899  -11.459 0.324   1.00 18.08 ?  8   DC  A "C5'" 1 
ATOM   149 C  "C4'" . DC  A 1 8 ? -5.410  -11.554 0.379   1.00 22.66 ?  8   DC  A "C4'" 1 
ATOM   150 O  "O4'" . DC  A 1 8 ? -5.982  -10.247 0.077   1.00 20.75 ?  8   DC  A "O4'" 1 
ATOM   151 C  "C3'" . DC  A 1 8 ? -6.015  -12.514 -0.654  1.00 21.26 ?  8   DC  A "C3'" 1 
ATOM   152 O  "O3'" . DC  A 1 8 ? -7.213  -13.066 -0.083  1.00 23.33 ?  8   DC  A "O3'" 1 
ATOM   153 C  "C2'" . DC  A 1 8 ? -6.488  -11.610 -1.772  1.00 18.84 ?  8   DC  A "C2'" 1 
ATOM   154 C  "C1'" . DC  A 1 8 ? -6.975  -10.409 -0.971  1.00 17.35 ?  8   DC  A "C1'" 1 
ATOM   155 N  N1    . DC  A 1 8 ? -7.086  -9.120  -1.647  1.00 15.91 ?  8   DC  A N1    1 
ATOM   156 C  C2    . DC  A 1 8 ? -7.687  -8.070  -0.948  1.00 15.57 ?  8   DC  A C2    1 
ATOM   157 O  O2    . DC  A 1 8 ? -8.142  -8.292  0.185   1.00 17.60 ?  8   DC  A O2    1 
ATOM   158 N  N3    . DC  A 1 8 ? -7.627  -6.822  -1.460  1.00 14.51 ?  8   DC  A N3    1 
ATOM   159 C  C4    . DC  A 1 8 ? -7.058  -6.611  -2.651  1.00 14.84 ?  8   DC  A C4    1 
ATOM   160 N  N4    . DC  A 1 8 ? -7.041  -5.360  -3.130  1.00 17.55 ?  8   DC  A N4    1 
ATOM   161 C  C5    . DC  A 1 8 ? -6.488  -7.674  -3.408  1.00 15.98 ?  8   DC  A C5    1 
ATOM   162 C  C6    . DC  A 1 8 ? -6.499  -8.894  -2.860  1.00 15.54 ?  8   DC  A C6    1 
ATOM   163 P  P     . DG  A 1 9 ? -7.228  -14.545 0.583   1.00 25.44 ?  9   DG  A P     1 
ATOM   164 O  OP1   . DG  A 1 9 ? -6.035  -14.675 1.493   1.00 28.27 ?  9   DG  A OP1   1 
ATOM   165 O  OP2   . DG  A 1 9 ? -7.383  -15.467 -0.527  1.00 30.14 -1 9   DG  A OP2   1 
ATOM   166 O  "O5'" . DG  A 1 9 ? -8.630  -14.439 1.330   1.00 21.17 ?  9   DG  A "O5'" 1 
ATOM   167 C  "C5'" . DG  A 1 9 ? -8.749  -13.775 2.577   1.00 20.92 ?  9   DG  A "C5'" 1 
ATOM   168 C  "C4'" . DG  A 1 9 ? -10.069 -13.047 2.626   1.00 16.58 ?  9   DG  A "C4'" 1 
ATOM   169 O  "O4'" . DG  A 1 9 ? -9.996  -11.982 1.646   1.00 15.84 ?  9   DG  A "O4'" 1 
ATOM   170 C  "C3'" . DG  A 1 9 ? -11.301 -13.887 2.305   1.00 13.96 ?  9   DG  A "C3'" 1 
ATOM   171 O  "O3'" . DG  A 1 9 ? -12.355 -13.505 3.207   1.00 16.71 ?  9   DG  A "O3'" 1 
ATOM   172 C  "C2'" . DG  A 1 9 ? -11.634 -13.483 0.880   1.00 13.91 ?  9   DG  A "C2'" 1 
ATOM   173 C  "C1'" . DG  A 1 9 ? -11.208 -12.022 0.842   1.00 14.27 ?  9   DG  A "C1'" 1 
ATOM   174 N  N9    . DG  A 1 9 ? -10.901 -11.441 -0.465  1.00 15.36 ?  9   DG  A N9    1 
ATOM   175 C  C8    . DG  A 1 9 ? -10.192 -12.009 -1.494  1.00 14.64 ?  9   DG  A C8    1 
ATOM   176 N  N7    . DG  A 1 9 ? -9.905  -11.162 -2.447  1.00 17.09 ?  9   DG  A N7    1 
ATOM   177 C  C5    . DG  A 1 9 ? -10.477 -9.967  -2.028  1.00 13.22 ?  9   DG  A C5    1 
ATOM   178 C  C6    . DG  A 1 9 ? -10.452 -8.673  -2.617  1.00 16.20 ?  9   DG  A C6    1 
ATOM   179 O  O6    . DG  A 1 9 ? -10.005 -8.339  -3.731  1.00 17.50 ?  9   DG  A O6    1 
ATOM   180 N  N1    . DG  A 1 9 ? -11.142 -7.740  -1.838  1.00 14.66 ?  9   DG  A N1    1 
ATOM   181 C  C2    . DG  A 1 9 ? -11.713 -8.001  -0.624  1.00 13.93 ?  9   DG  A C2    1 
ATOM   182 N  N2    . DG  A 1 9 ? -12.320 -6.985  -0.027  1.00 15.84 ?  9   DG  A N2    1 
ATOM   183 N  N3    . DG  A 1 9 ? -11.728 -9.201  -0.062  1.00 13.60 ?  9   DG  A N3    1 
ATOM   184 C  C4    . DG  A 1 9 ? -11.025 -10.106 -0.773  1.00 14.20 ?  9   DG  A C4    1 
ATOM   185 O  "O5'" . DC  B 1 1 ? -1.234  9.259   4.848   1.00 22.82 ?  1   DC  B "O5'" 1 
ATOM   186 C  "C5'" . DC  B 1 1 ? -2.222  8.526   5.547   1.00 20.82 ?  1   DC  B "C5'" 1 
ATOM   187 C  "C4'" . DC  B 1 1 ? -1.746  7.103   5.638   1.00 14.46 ?  1   DC  B "C4'" 1 
ATOM   188 O  "O4'" . DC  B 1 1 ? -1.670  6.579   4.315   1.00 16.48 ?  1   DC  B "O4'" 1 
ATOM   189 C  "C3'" . DC  B 1 1 ? -0.378  6.850   6.264   1.00 15.11 ?  1   DC  B "C3'" 1 
ATOM   190 O  "O3'" . DC  B 1 1 ? -0.433  5.750   7.178   1.00 15.68 ?  1   DC  B "O3'" 1 
ATOM   191 C  "C2'" . DC  B 1 1 ? 0.563   6.625   5.080   1.00 15.80 ?  1   DC  B "C2'" 1 
ATOM   192 C  "C1'" . DC  B 1 1 ? -0.373  6.022   4.042   1.00 15.07 ?  1   DC  B "C1'" 1 
ATOM   193 N  N1    . DC  B 1 1 ? -0.077  6.294   2.622   1.00 13.35 ?  1   DC  B N1    1 
ATOM   194 C  C2    . DC  B 1 1 ? -0.168  5.252   1.689   1.00 16.12 ?  1   DC  B C2    1 
ATOM   195 O  O2    . DC  B 1 1 ? -0.369  4.078   2.104   1.00 15.28 ?  1   DC  B O2    1 
ATOM   196 N  N3    . DC  B 1 1 ? 0.101   5.522   0.380   1.00 12.88 ?  1   DC  B N3    1 
ATOM   197 C  C4    . DC  B 1 1 ? 0.279   6.779   -0.019  1.00 15.22 ?  1   DC  B C4    1 
ATOM   198 N  N4    . DC  B 1 1 ? 0.385   6.993   -1.336  1.00 15.29 ?  1   DC  B N4    1 
ATOM   199 C  C5    . DC  B 1 1 ? 0.335   7.871   0.915   1.00 14.32 ?  1   DC  B C5    1 
ATOM   200 C  C6    . DC  B 1 1 ? 0.172   7.577   2.210   1.00 12.58 ?  1   DC  B C6    1 
ATOM   201 P  P     . DG  B 1 2 ? 0.776   5.402   8.131   1.00 16.35 ?  2   DG  B P     1 
ATOM   202 O  OP1   . DG  B 1 2 ? 0.323   4.767   9.400   1.00 16.79 ?  2   DG  B OP1   1 
ATOM   203 O  OP2   . DG  B 1 2 ? 1.746   6.572   8.260   1.00 17.47 -1 2   DG  B OP2   1 
ATOM   204 O  "O5'" . DG  B 1 2 ? 1.581   4.362   7.310   1.00 13.17 ?  2   DG  B "O5'" 1 
ATOM   205 C  "C5'" . DG  B 1 2 ? 0.962   3.117   7.010   1.00 14.86 ?  2   DG  B "C5'" 1 
ATOM   206 C  "C4'" . DG  B 1 2 ? 1.877   2.344   6.111   1.00 12.52 ?  2   DG  B "C4'" 1 
ATOM   207 O  "O4'" . DG  B 1 2 ? 1.873   2.967   4.811   1.00 14.89 ?  2   DG  B "O4'" 1 
ATOM   208 C  "C3'" . DG  B 1 2 ? 3.352   2.302   6.533   1.00 14.57 ?  2   DG  B "C3'" 1 
ATOM   209 O  "O3'" . DG  B 1 2 ? 3.802   0.945   6.459   1.00 16.68 ?  2   DG  B "O3'" 1 
ATOM   210 C  "C2'" . DG  B 1 2 ? 4.076   3.130   5.489   1.00 15.51 ?  2   DG  B "C2'" 1 
ATOM   211 C  "C1'" . DG  B 1 2 ? 3.171   2.891   4.282   1.00 14.30 ?  2   DG  B "C1'" 1 
ATOM   212 N  N9    . DG  B 1 2 ? 3.239   3.827   3.161   1.00 14.90 ?  2   DG  B N9    1 
ATOM   213 C  C8    . DG  B 1 2 ? 3.483   5.177   3.189   1.00 15.87 ?  2   DG  B C8    1 
ATOM   214 N  N7    . DG  B 1 2 ? 3.438   5.725   2.007   1.00 18.01 ?  2   DG  B N7    1 
ATOM   215 C  C5    . DG  B 1 2 ? 3.200   4.667   1.140   1.00 16.34 ?  2   DG  B C5    1 
ATOM   216 C  C6    . DG  B 1 2 ? 3.089   4.646   -0.273  1.00 16.35 ?  2   DG  B C6    1 
ATOM   217 O  O6    . DG  B 1 2 ? 3.171   5.595   -1.068  1.00 17.54 ?  2   DG  B O6    1 
ATOM   218 N  N1    . DG  B 1 2 ? 2.900   3.354   -0.760  1.00 15.71 ?  2   DG  B N1    1 
ATOM   219 C  C2    . DG  B 1 2 ? 2.853   2.223   0.013   1.00 14.94 ?  2   DG  B C2    1 
ATOM   220 N  N2    . DG  B 1 2 ? 2.629   1.072   -0.641  1.00 16.43 ?  2   DG  B N2    1 
ATOM   221 N  N3    . DG  B 1 2 ? 2.899   2.237   1.344   1.00 15.58 ?  2   DG  B N3    1 
ATOM   222 C  C4    . DG  B 1 2 ? 3.124   3.482   1.828   1.00 16.68 ?  2   DG  B C4    1 
ATOM   223 P  P     . DT  B 1 3 ? 4.460   0.161   7.752   1.00 16.51 ?  3   DT  B P     1 
ATOM   224 O  OP1   . DT  B 1 3 ? 3.852   0.701   9.035   1.00 18.43 ?  3   DT  B OP1   1 
ATOM   225 O  OP2   . DT  B 1 3 ? 5.908   0.047   7.579   1.00 16.90 -1 3   DT  B OP2   1 
ATOM   226 O  "O5'" . DT  B 1 3 ? 4.005   -1.349  7.415   1.00 16.68 ?  3   DT  B "O5'" 1 
ATOM   227 C  "C5'" . DT  B 1 3 ? 2.573   -1.696  7.467   1.00 14.88 ?  3   DT  B "C5'" 1 
ATOM   228 C  "C4'" . DT  B 1 3 ? 2.360   -3.143  7.105   1.00 16.54 ?  3   DT  B "C4'" 1 
ATOM   229 O  "O4'" . DT  B 1 3 ? 2.734   -3.375  5.736   1.00 17.10 ?  3   DT  B "O4'" 1 
ATOM   230 C  "C3'" . DT  B 1 3 ? 3.174   -4.124  7.939   1.00 17.16 ?  3   DT  B "C3'" 1 
ATOM   231 O  "O3'" . DT  B 1 3 ? 2.391   -5.292  8.089   1.00 15.92 ?  3   DT  B "O3'" 1 
ATOM   232 C  "C2'" . DT  B 1 3 ? 4.382   -4.415  7.071   1.00 16.95 ?  3   DT  B "C2'" 1 
ATOM   233 C  "C1'" . DT  B 1 3 ? 3.823   -4.289  5.657   1.00 18.51 ?  3   DT  B "C1'" 1 
ATOM   234 N  N1    . DT  B 1 3 ? 4.768   -3.798  4.627   1.00 20.96 ?  3   DT  B N1    1 
ATOM   235 C  C2    . DT  B 1 3 ? 5.475   -4.744  3.917   1.00 20.78 ?  3   DT  B C2    1 
ATOM   236 O  O2    . DT  B 1 3 ? 5.286   -5.947  4.033   1.00 26.57 ?  3   DT  B O2    1 
ATOM   237 N  N3    . DT  B 1 3 ? 6.327   -4.227  2.973   1.00 22.07 ?  3   DT  B N3    1 
ATOM   238 C  C4    . DT  B 1 3 ? 6.577   -2.892  2.713   1.00 23.40 ?  3   DT  B C4    1 
ATOM   239 O  O4    . DT  B 1 3 ? 7.349   -2.581  1.815   1.00 26.99 ?  3   DT  B O4    1 
ATOM   240 C  C5    . DT  B 1 3 ? 5.810   -1.959  3.501   1.00 19.39 ?  3   DT  B C5    1 
ATOM   241 C  C7    . DT  B 1 3 ? 6.017   -0.489  3.298   1.00 20.94 ?  3   DT  B C7    1 
ATOM   242 C  C6    . DT  B 1 3 ? 4.981   -2.455  4.430   1.00 20.29 ?  3   DT  B C6    1 
ATOM   243 P  P     . DT  B 1 4 ? 2.254   -5.993  9.458   1.00 15.58 ?  4   DT  B P     1 
ATOM   244 O  OP1   . DT  B 1 4 ? 3.567   -6.103  10.144  1.00 16.18 -1 4   DT  B OP1   1 
ATOM   245 O  OP2   . DT  B 1 4 ? 1.505   -7.273  9.210   1.00 18.70 ?  4   DT  B OP2   1 
ATOM   246 O  "O5'" . DT  B 1 4 ? 1.408   -4.974  10.315  1.00 15.25 ?  4   DT  B "O5'" 1 
ATOM   247 C  "C5'" . DT  B 1 4 ? 0.094   -4.524  9.967   1.00 14.38 ?  4   DT  B "C5'" 1 
ATOM   248 C  "C4'" . DT  B 1 4 ? -0.627  -3.908  11.133  1.00 12.25 ?  4   DT  B "C4'" 1 
ATOM   249 O  "O4'" . DT  B 1 4 ? -1.116  -4.991  11.969  1.00 13.37 ?  4   DT  B "O4'" 1 
ATOM   250 C  "C3'" . DT  B 1 4 ? 0.273   -3.033  11.993  1.00 14.28 ?  4   DT  B "C3'" 1 
ATOM   251 O  "O3'" . DT  B 1 4 ? -0.536  -1.986  12.496  1.00 12.92 ?  4   DT  B "O3'" 1 
ATOM   252 C  "C2'" . DT  B 1 4 ? 0.615   -3.916  13.167  1.00 14.71 ?  4   DT  B "C2'" 1 
ATOM   253 C  "C1'" . DT  B 1 4 ? -0.554  -4.900  13.249  1.00 16.15 ?  4   DT  B "C1'" 1 
ATOM   254 N  N1    . DT  B 1 4 ? -0.161  -6.245  13.641  1.00 12.88 ?  4   DT  B N1    1 
ATOM   255 C  C2    . DT  B 1 4 ? -0.046  -6.495  14.988  1.00 14.20 ?  4   DT  B C2    1 
ATOM   256 O  O2    . DT  B 1 4 ? -0.281  -5.655  15.833  1.00 16.23 ?  4   DT  B O2    1 
ATOM   257 N  N3    . DT  B 1 4 ? 0.400   -7.757  15.306  1.00 11.86 ?  4   DT  B N3    1 
ATOM   258 C  C4    . DT  B 1 4 ? 0.682   -8.777  14.427  1.00 10.84 ?  4   DT  B C4    1 
ATOM   259 O  O4    . DT  B 1 4 ? 0.965   -9.890  14.853  1.00 15.25 ?  4   DT  B O4    1 
ATOM   260 C  C5    . DT  B 1 4 ? 0.530   -8.451  13.037  1.00 15.19 ?  4   DT  B C5    1 
ATOM   261 C  C7    . DT  B 1 4 ? 0.828   -9.501  12.012  1.00 14.71 ?  4   DT  B C7    1 
ATOM   262 C  C6    . DT  B 1 4 ? 0.183   -7.203  12.712  1.00 15.67 ?  4   DT  B C6    1 
ATOM   263 P  P     . DA  B 1 5 ? -0.029  -0.509  12.407  1.00 13.96 ?  5   DA  B P     1 
ATOM   264 O  OP1   . DA  B 1 5 ? 1.430   -0.478  12.651  1.00 16.11 ?  5   DA  B OP1   1 
ATOM   265 O  OP2   . DA  B 1 5 ? -0.925  0.253   13.243  1.00 13.79 -1 5   DA  B OP2   1 
ATOM   266 O  "O5'" . DA  B 1 5 ? -0.276  -0.057  10.926  1.00 14.25 ?  5   DA  B "O5'" 1 
ATOM   267 C  "C5'" . DA  B 1 5 ? -1.629  0.090   10.437  1.00 13.94 ?  5   DA  B "C5'" 1 
ATOM   268 C  "C4'" . DA  B 1 5 ? -1.650  0.977   9.209   1.00 13.12 ?  5   DA  B "C4'" 1 
ATOM   269 O  "O4'" . DA  B 1 5 ? -0.891  0.343   8.124   1.00 15.16 ?  5   DA  B "O4'" 1 
ATOM   270 C  "C3'" . DA  B 1 5 ? -3.038  1.216   8.649   1.00 12.37 ?  5   DA  B "C3'" 1 
ATOM   271 O  "O3'" . DA  B 1 5 ? -2.993  2.567   8.198   1.00 15.74 ?  5   DA  B "O3'" 1 
ATOM   272 C  "C2'" . DA  B 1 5 ? -3.180  0.151   7.571   1.00 14.86 ?  5   DA  B "C2'" 1 
ATOM   273 C  "C1'" . DA  B 1 5 ? -1.781  0.138   7.013   1.00 14.33 ?  5   DA  B "C1'" 1 
ATOM   274 N  N9    . DA  B 1 5 ? -1.359  -1.106  6.359   1.00 12.71 ?  5   DA  B N9    1 
ATOM   275 C  C8    . DA  B 1 5 ? -0.557  -1.120  5.246   1.00 13.54 ?  5   DA  B C8    1 
ATOM   276 N  N7    . DA  B 1 5 ? -0.170  -2.320  4.882   1.00 12.71 ?  5   DA  B N7    1 
ATOM   277 C  C5    . DA  B 1 5 ? -0.787  -3.156  5.795   1.00 14.15 ?  5   DA  B C5    1 
ATOM   278 C  C6    . DA  B 1 5 ? -0.820  -4.547  5.898   1.00 13.62 ?  5   DA  B C6    1 
ATOM   279 N  N6    . DA  B 1 5 ? -0.089  -5.337  5.138   1.00 14.65 ?  5   DA  B N6    1 
ATOM   280 N  N1    . DA  B 1 5 ? -1.507  -5.081  6.929   1.00 13.62 ?  5   DA  B N1    1 
ATOM   281 C  C2    . DA  B 1 5 ? -2.246  -4.254  7.688   1.00 12.19 ?  5   DA  B C2    1 
ATOM   282 N  N3    . DA  B 1 5 ? -2.237  -2.924  7.735   1.00 15.11 ?  5   DA  B N3    1 
ATOM   283 C  C4    . DA  B 1 5 ? -1.546  -2.429  6.697   1.00 12.93 ?  5   DA  B C4    1 
ATOM   284 P  P     . DG  B 1 6 ? -4.315  3.230   7.542   1.00 17.15 ?  6   DG  B P     1 
ATOM   285 O  OP1   . DG  B 1 6 ? -4.131  4.691   7.753   1.00 19.33 ?  6   DG  B OP1   1 
ATOM   286 O  OP2   . DG  B 1 6 ? -5.543  2.543   8.029   1.00 18.55 -1 6   DG  B OP2   1 
ATOM   287 O  "O5'" . DG  B 1 6 ? -4.169  2.895   6.007   1.00 15.17 ?  6   DG  B "O5'" 1 
ATOM   288 C  "C5'" . DG  B 1 6 ? -3.276  3.651   5.148   1.00 16.46 ?  6   DG  B "C5'" 1 
ATOM   289 C  "C4'" . DG  B 1 6 ? -3.607  3.327   3.712   1.00 15.61 ?  6   DG  B "C4'" 1 
ATOM   290 O  "O4'" . DG  B 1 6 ? -3.128  2.007   3.423   1.00 16.12 ?  6   DG  B "O4'" 1 
ATOM   291 C  "C3'" . DG  B 1 6 ? -5.098  3.308   3.378   1.00 14.64 ?  6   DG  B "C3'" 1 
ATOM   292 O  "O3'" . DG  B 1 6 ? -5.344  4.136   2.239   1.00 14.56 ?  6   DG  B "O3'" 1 
ATOM   293 C  "C2'" . DG  B 1 6 ? -5.378  1.843   3.085   1.00 14.47 ?  6   DG  B "C2'" 1 
ATOM   294 C  "C1'" . DG  B 1 6 ? -4.050  1.299   2.638   1.00 15.37 ?  6   DG  B "C1'" 1 
ATOM   295 N  N9    . DG  B 1 6 ? -3.821  -0.135  2.896   1.00 13.39 ?  6   DG  B N9    1 
ATOM   296 C  C8    . DG  B 1 6 ? -4.362  -0.893  3.915   1.00 14.92 ?  6   DG  B C8    1 
ATOM   297 N  N7    . DG  B 1 6 ? -3.926  -2.120  3.928   1.00 14.07 ?  6   DG  B N7    1 
ATOM   298 C  C5    . DG  B 1 6 ? -3.004  -2.176  2.886   1.00 13.53 ?  6   DG  B C5    1 
ATOM   299 C  C6    . DG  B 1 6 ? -2.190  -3.250  2.427   1.00 12.86 ?  6   DG  B C6    1 
ATOM   300 O  O6    . DG  B 1 6 ? -2.162  -4.426  2.827   1.00 16.25 ?  6   DG  B O6    1 
ATOM   301 N  N1    . DG  B 1 6 ? -1.444  -2.886  1.315   1.00 13.41 ?  6   DG  B N1    1 
ATOM   302 C  C2    . DG  B 1 6 ? -1.435  -1.646  0.746   1.00 15.83 ?  6   DG  B C2    1 
ATOM   303 N  N2    . DG  B 1 6 ? -0.623  -1.503  -0.313  1.00 17.73 ?  6   DG  B N2    1 
ATOM   304 N  N3    . DG  B 1 6 ? -2.178  -0.630  1.166   1.00 13.82 ?  6   DG  B N3    1 
ATOM   305 C  C4    . DG  B 1 6 ? -2.957  -0.974  2.210   1.00 12.65 ?  6   DG  B C4    1 
ATOM   306 P  P     . DG  B 1 7 ? -6.361  5.358   2.319   1.00 16.40 ?  7   DG  B P     1 
ATOM   307 O  OP1   . DG  B 1 7 ? -6.668  5.762   3.765   1.00 17.72 ?  7   DG  B OP1   1 
ATOM   308 O  OP2   . DG  B 1 7 ? -7.535  5.169   1.440   1.00 16.38 -1 7   DG  B OP2   1 
ATOM   309 O  "O5'" . DG  B 1 7 ? -5.547  6.561   1.735   1.00 18.04 ?  7   DG  B "O5'" 1 
ATOM   310 C  "C5'" . DG  B 1 7 ? -4.395  7.087   2.422   1.00 15.57 ?  7   DG  B "C5'" 1 
ATOM   311 C  "C4'" . DG  B 1 7 ? -3.428  7.650   1.405   1.00 14.77 ?  7   DG  B "C4'" 1 
ATOM   312 O  "O4'" . DG  B 1 7 ? -2.845  6.613   0.590   1.00 14.22 ?  7   DG  B "O4'" 1 
ATOM   313 C  "C3'" . DG  B 1 7 ? -3.975  8.664   0.421   1.00 18.20 ?  7   DG  B "C3'" 1 
ATOM   314 O  "O3'" . DG  B 1 7 ? -2.898  9.581   0.161   1.00 16.43 ?  7   DG  B "O3'" 1 
ATOM   315 C  "C2'" . DG  B 1 7 ? -4.296  7.811   -0.799  1.00 16.28 ?  7   DG  B "C2'" 1 
ATOM   316 C  "C1'" . DG  B 1 7 ? -3.192  6.787   -0.791  1.00 15.47 ?  7   DG  B "C1'" 1 
ATOM   317 N  N9    . DG  B 1 7 ? -3.539  5.490   -1.359  1.00 14.85 ?  7   DG  B N9    1 
ATOM   318 C  C8    . DG  B 1 7 ? -3.835  4.314   -0.712  1.00 17.26 ?  7   DG  B C8    1 
ATOM   319 N  N7    . DG  B 1 7 ? -4.149  3.343   -1.530  1.00 15.31 ?  7   DG  B N7    1 
ATOM   320 C  C5    . DG  B 1 7 ? -4.014  3.896   -2.793  1.00 14.21 ?  7   DG  B C5    1 
ATOM   321 C  C6    . DG  B 1 7 ? -4.206  3.318   -4.074  1.00 14.20 ?  7   DG  B C6    1 
ATOM   322 O  O6    . DG  B 1 7 ? -4.470  2.137   -4.368  1.00 18.93 ?  7   DG  B O6    1 
ATOM   323 N  N1    . DG  B 1 7 ? -3.879  4.211   -5.078  1.00 13.80 ?  7   DG  B N1    1 
ATOM   324 C  C2    . DG  B 1 7 ? -3.585  5.540   -4.898  1.00 13.30 ?  7   DG  B C2    1 
ATOM   325 N  N2    . DG  B 1 7 ? -3.436  6.257   -6.020  1.00 14.27 ?  7   DG  B N2    1 
ATOM   326 N  N3    . DG  B 1 7 ? -3.380  6.092   -3.720  1.00 16.48 ?  7   DG  B N3    1 
ATOM   327 C  C4    . DG  B 1 7 ? -3.599  5.215   -2.711  1.00 12.52 ?  7   DG  B C4    1 
ATOM   328 P  P     . DC  B 1 8 ? -3.062  11.175  0.477   1.00 17.32 ?  8   DC  B P     1 
ATOM   329 O  OP1   . DC  B 1 8 ? -1.743  11.741  0.381   1.00 22.16 ?  8   DC  B OP1   1 
ATOM   330 O  OP2   . DC  B 1 8 ? -3.911  11.406  1.659   1.00 16.86 -1 8   DC  B OP2   1 
ATOM   331 O  "O5'" . DC  B 1 8 ? -3.989  11.747  -0.707  1.00 17.60 ?  8   DC  B "O5'" 1 
ATOM   332 C  "C5'" . DC  B 1 8 ? -3.461  11.862  -2.049  1.00 14.72 ?  8   DC  B "C5'" 1 
ATOM   333 C  "C4'" . DC  B 1 8 ? -4.605  11.921  -3.033  1.00 17.32 ?  8   DC  B "C4'" 1 
ATOM   334 O  "O4'" . DC  B 1 8 ? -5.117  10.579  -3.139  1.00 16.09 ?  8   DC  B "O4'" 1 
ATOM   335 C  "C3'" . DC  B 1 8 ? -5.786  12.800  -2.621  1.00 17.20 ?  8   DC  B "C3'" 1 
ATOM   336 O  "O3'" . DC  B 1 8 ? -6.300  13.366  -3.832  1.00 17.54 ?  8   DC  B "O3'" 1 
ATOM   337 C  "C2'" . DC  B 1 8 ? -6.822  11.811  -2.109  1.00 15.91 ?  8   DC  B "C2'" 1 
ATOM   338 C  "C1'" . DC  B 1 8 ? -6.557  10.641  -3.007  1.00 14.17 ?  8   DC  B "C1'" 1 
ATOM   339 N  N1    . DC  B 1 8 ? -6.991  9.328   -2.556  1.00 15.08 ?  8   DC  B N1    1 
ATOM   340 C  C2    . DC  B 1 8 ? -6.898  8.302   -3.485  1.00 16.31 ?  8   DC  B C2    1 
ATOM   341 O  O2    . DC  B 1 8 ? -6.581  8.587   -4.653  1.00 16.26 ?  8   DC  B O2    1 
ATOM   342 N  N3    . DC  B 1 8 ? -7.118  7.027   -3.087  1.00 13.69 ?  8   DC  B N3    1 
ATOM   343 C  C4    . DC  B 1 8 ? -7.438  6.769   -1.814  1.00 14.91 ?  8   DC  B C4    1 
ATOM   344 N  N4    . DC  B 1 8 ? -7.607  5.492   -1.441  1.00 15.32 ?  8   DC  B N4    1 
ATOM   345 C  C5    . DC  B 1 8 ? -7.593  7.804   -0.860  1.00 15.19 ?  8   DC  B C5    1 
ATOM   346 C  C6    . DC  B 1 8 ? -7.374  9.063   -1.272  1.00 13.26 ?  8   DC  B C6    1 
ATOM   347 P  P     . DG  B 1 9 ? -6.206  14.915  -4.155  1.00 22.21 ?  9   DG  B P     1 
ATOM   348 O  OP1   . DG  B 1 9 ? -4.794  15.280  -4.261  1.00 28.73 ?  9   DG  B OP1   1 
ATOM   349 O  OP2   . DG  B 1 9 ? -7.171  15.602  -3.272  1.00 28.41 -1 9   DG  B OP2   1 
ATOM   350 O  "O5'" . DG  B 1 9 ? -6.776  14.963  -5.646  1.00 21.60 ?  9   DG  B "O5'" 1 
ATOM   351 C  "C5'" . DG  B 1 9 ? -5.971  14.402  -6.718  1.00 17.04 ?  9   DG  B "C5'" 1 
ATOM   352 C  "C4'" . DG  B 1 9 ? -6.853  13.652  -7.693  1.00 18.99 ?  9   DG  B "C4'" 1 
ATOM   353 O  "O4'" . DG  B 1 9 ? -7.384  12.427  -7.133  1.00 15.55 ?  9   DG  B "O4'" 1 
ATOM   354 C  "C3'" . DG  B 1 9 ? -8.044  14.468  -8.180  1.00 17.87 ?  9   DG  B "C3'" 1 
ATOM   355 O  "O3'" . DG  B 1 9 ? -8.195  14.265  -9.588  1.00 18.89 ?  9   DG  B "O3'" 1 
ATOM   356 C  "C2'" . DG  B 1 9 ? -9.157  13.942  -7.316  1.00 14.01 ?  9   DG  B "C2'" 1 
ATOM   357 C  "C1'" . DG  B 1 9 ? -8.789  12.457  -7.218  1.00 14.96 ?  9   DG  B "C1'" 1 
ATOM   358 N  N9    . DG  B 1 9 ? -9.269  11.775  -6.021  1.00 14.27 ?  9   DG  B N9    1 
ATOM   359 C  C8    . DG  B 1 9 ? -9.388  12.324  -4.763  1.00 11.81 ?  9   DG  B C8    1 
ATOM   360 N  N7    . DG  B 1 9 ? -9.757  11.459  -3.866  1.00 14.54 ?  9   DG  B N7    1 
ATOM   361 C  C5    . DG  B 1 9 ? -9.836  10.256  -4.558  1.00 14.78 ?  9   DG  B C5    1 
ATOM   362 C  C6    . DG  B 1 9 ? -10.171 8.955   -4.109  1.00 14.54 ?  9   DG  B C6    1 
ATOM   363 O  O6    . DG  B 1 9 ? -10.429 8.584   -2.965  1.00 16.12 ?  9   DG  B O6    1 
ATOM   364 N  N1    . DG  B 1 9 ? -10.164 8.034   -5.158  1.00 13.72 ?  9   DG  B N1    1 
ATOM   365 C  C2    . DG  B 1 9 ? -9.931  8.341   -6.475  1.00 13.48 ?  9   DG  B C2    1 
ATOM   366 N  N2    . DG  B 1 9 ? -9.932  7.304   -7.347  1.00 16.96 ?  9   DG  B N2    1 
ATOM   367 N  N3    . DG  B 1 9 ? -9.527  9.526   -6.887  1.00 13.67 ?  9   DG  B N3    1 
ATOM   368 C  C4    . DG  B 1 9 ? -9.577  10.447  -5.898  1.00 12.69 ?  9   DG  B C4    1 
HETATM 369 BA BA    A BA  C 2 . ? -6.410  0.616   -3.117  0.34 15.37 ?  101 BA  A BA    1 
HETATM 370 BA BA    B BA  C 2 . ? -7.132  -0.582  -1.247  0.16 13.91 ?  101 BA  A BA    1 
HETATM 371 BA BA    . BA  D 2 . ? 6.587   -1.588  -13.123 0.40 17.98 ?  102 BA  A BA    1 
HETATM 372 BA BA    . BA  E 2 . ? 12.342  6.501   -17.420 0.35 20.76 ?  103 BA  A BA    1 
HETATM 373 BA BA    . BA  F 2 . ? 8.511   -4.092  -7.690  0.35 17.53 ?  104 BA  A BA    1 
HETATM 374 BA BA    . BA  G 2 . ? 6.136   9.619   -1.432  0.45 31.37 ?  105 BA  A BA    1 
HETATM 375 BA BA    . BA  H 2 . ? 1.533   4.236   11.770  0.50 15.36 ?  101 BA  B BA    1 
HETATM 376 BA BA    A BA  I 2 . ? 4.199   -8.875  3.737   0.30 20.00 ?  102 BA  B BA    1 
HETATM 377 BA BA    B BA  I 2 . ? 5.233   -8.452  3.987   0.40 25.51 ?  102 BA  B BA    1 
HETATM 378 BA BA    . BA  J 2 . ? 1.495   -4.828  17.854  0.50 19.64 ?  103 BA  B BA    1 
HETATM 379 BA BA    . BA  K 2 . ? 1.359   -11.992 8.439   0.30 21.99 ?  104 BA  B BA    1 
HETATM 380 O  O     . HOH L 3 . ? -8.617  -9.804  2.093   1.00 30.42 ?  201 HOH A O     1 
HETATM 381 O  O     . HOH L 3 . ? -0.624  -5.754  -7.881  1.00 35.83 ?  202 HOH A O     1 
HETATM 382 O  O     . HOH L 3 . ? -8.862  -9.447  -5.781  1.00 28.92 ?  203 HOH A O     1 
HETATM 383 O  O     . HOH L 3 . ? -4.033  -10.873 -4.610  1.00 36.04 ?  204 HOH A O     1 
HETATM 384 O  O     . HOH L 3 . ? 11.592  10.407  -14.659 1.00 22.22 ?  205 HOH A O     1 
HETATM 385 O  O     . HOH L 3 . ? 10.646  4.014   -6.844  1.00 22.62 ?  206 HOH A O     1 
HETATM 386 O  O     . HOH L 3 . ? 7.894   2.794   4.111   1.00 38.68 ?  207 HOH A O     1 
HETATM 387 O  O     . HOH L 3 . ? 10.065  2.891   -0.775  1.00 35.87 ?  208 HOH A O     1 
HETATM 388 O  O     . HOH L 3 . ? 10.048  -2.073  -8.914  1.00 30.28 ?  209 HOH A O     1 
HETATM 389 O  O     . HOH L 3 . ? 1.829   -0.882  -2.693  1.00 16.51 ?  210 HOH A O     1 
HETATM 390 O  O     . HOH L 3 . ? 7.800   -1.590  -6.525  1.00 29.31 ?  211 HOH A O     1 
HETATM 391 O  O     . HOH L 3 . ? 9.296   1.620   -6.694  1.00 20.85 ?  212 HOH A O     1 
HETATM 392 O  O     . HOH L 3 . ? 10.367  -1.309  -0.805  1.00 36.75 ?  213 HOH A O     1 
HETATM 393 O  O     . HOH L 3 . ? -6.279  -6.336  -6.838  1.00 29.80 ?  214 HOH A O     1 
HETATM 394 O  O     . HOH L 3 . ? -13.302 -9.399  2.168   1.00 28.32 ?  215 HOH A O     1 
HETATM 395 O  O     . HOH L 3 . ? 3.934   -5.027  -8.727  1.00 30.53 ?  216 HOH A O     1 
HETATM 396 O  O     . HOH L 3 . ? 2.265   -7.443  3.568   1.00 21.17 ?  217 HOH A O     1 
HETATM 397 O  O     . HOH L 3 . ? 7.700   10.027  -6.975  1.00 33.38 ?  218 HOH A O     1 
HETATM 398 O  O     . HOH L 3 . ? 7.113   -5.969  -1.880  1.00 26.86 ?  219 HOH A O     1 
HETATM 399 O  O     . HOH L 3 . ? 4.533   -7.568  1.148   1.00 25.07 ?  220 HOH A O     1 
HETATM 400 O  O     . HOH L 3 . ? 12.249  4.295   -13.991 1.00 15.96 ?  221 HOH A O     1 
HETATM 401 O  O     . HOH L 3 . ? -8.924  -12.505 -4.721  1.00 27.20 ?  222 HOH A O     1 
HETATM 402 O  O     . HOH L 3 . ? 12.153  7.116   -14.906 1.00 29.39 ?  223 HOH A O     1 
HETATM 403 O  O     . HOH L 3 . ? -3.569  -7.968  -7.440  1.00 30.33 ?  224 HOH A O     1 
HETATM 404 O  O     . HOH L 3 . ? 8.277   9.190   -0.450  1.00 33.12 ?  225 HOH A O     1 
HETATM 405 O  O     . HOH L 3 . ? -3.695  -8.044  2.601   1.00 29.41 ?  226 HOH A O     1 
HETATM 406 O  O     . HOH L 3 . ? -6.626  -9.013  2.574   1.00 29.85 ?  227 HOH A O     1 
HETATM 407 O  O     . HOH L 3 . ? -7.665  0.528   0.465   1.00 40.01 ?  228 HOH A O     1 
HETATM 408 O  O     . HOH L 3 . ? -8.506  -17.889 0.627   1.00 25.21 ?  229 HOH A O     1 
HETATM 409 O  O     . HOH L 3 . ? 5.766   9.630   0.234   1.00 25.62 ?  230 HOH A O     1 
HETATM 410 O  O     . HOH L 3 . ? 10.728  -1.767  -5.657  1.00 38.54 ?  231 HOH A O     1 
HETATM 411 O  O     . HOH L 3 . ? 11.413  1.001   -10.120 1.00 22.90 ?  232 HOH A O     1 
HETATM 412 O  O     . HOH L 3 . ? 5.968   8.775   -3.514  1.00 30.31 ?  233 HOH A O     1 
HETATM 413 O  O     . HOH L 3 . ? -0.946  -9.407  2.333   1.00 27.34 ?  234 HOH A O     1 
HETATM 414 O  O     . HOH L 3 . ? 1.268   -2.814  -11.793 1.00 40.92 ?  235 HOH A O     1 
HETATM 415 O  O     . HOH L 3 . ? 8.686   -8.018  -4.442  1.00 28.63 ?  236 HOH A O     1 
HETATM 416 O  O     . HOH L 3 . ? 11.662  4.424   -15.998 1.00 31.13 ?  237 HOH A O     1 
HETATM 417 O  O     . HOH L 3 . ? 9.078   -0.761  -13.472 1.00 28.20 ?  238 HOH A O     1 
HETATM 418 O  O     . HOH L 3 . ? 5.405   1.124   -13.009 1.00 40.98 ?  239 HOH A O     1 
HETATM 419 O  O     . HOH L 3 . ? -0.956  -10.144 -5.794  1.00 33.27 ?  240 HOH A O     1 
HETATM 420 O  O     . HOH L 3 . ? 11.785  0.945   -4.032  1.00 35.45 ?  241 HOH A O     1 
HETATM 421 O  O     . HOH L 3 . ? 12.278  5.375   -11.380 1.00 34.46 ?  242 HOH A O     1 
HETATM 422 O  O     . HOH L 3 . ? 8.500   -3.497  -12.357 1.00 31.73 ?  243 HOH A O     1 
HETATM 423 O  O     . HOH L 3 . ? 0.731   -7.454  -8.707  1.00 38.79 ?  244 HOH A O     1 
HETATM 424 O  O     . HOH L 3 . ? 9.100   -4.060  -4.883  1.00 38.40 ?  245 HOH A O     1 
HETATM 425 O  O     . HOH L 3 . ? 2.228   -10.205 0.005   1.00 36.27 ?  246 HOH A O     1 
HETATM 426 O  O     . HOH L 3 . ? 9.901   7.090   -1.259  1.00 32.40 ?  247 HOH A O     1 
HETATM 427 O  O     . HOH L 3 . ? 8.400   9.084   -3.246  1.00 36.00 ?  248 HOH A O     1 
HETATM 428 O  O     . HOH L 3 . ? -9.385  -9.349  4.226   0.50 28.35 ?  249 HOH A O     1 
HETATM 429 O  O     . HOH L 3 . ? -4.790  -14.980 -3.320  1.00 37.30 ?  250 HOH A O     1 
HETATM 430 O  O     . HOH L 3 . ? 6.381   -8.396  -1.305  1.00 36.01 ?  251 HOH A O     1 
HETATM 431 O  O     . HOH L 3 . ? -11.346 -17.064 4.767   1.00 27.40 ?  252 HOH A O     1 
HETATM 432 O  O     . HOH L 3 . ? 9.866   -3.572  -2.517  1.00 41.45 ?  253 HOH A O     1 
HETATM 433 O  O     . HOH L 3 . ? -7.278  -14.091 -4.504  1.00 34.91 ?  254 HOH A O     1 
HETATM 434 O  O     . HOH L 3 . ? 2.164   -13.130 -2.996  1.00 34.26 ?  255 HOH A O     1 
HETATM 435 O  O     . HOH L 3 . ? -11.364 -17.690 0.162   1.00 20.34 ?  256 HOH A O     1 
HETATM 436 O  O     . HOH L 3 . ? 2.426   -10.114 2.233   1.00 33.41 ?  257 HOH A O     1 
HETATM 437 O  O     . HOH L 3 . ? -13.425 -8.665  4.368   1.00 29.30 ?  258 HOH A O     1 
HETATM 438 O  O     A HOH L 3 . ? 10.865  -4.832  -6.690  0.70 18.76 ?  259 HOH A O     1 
HETATM 439 O  O     B HOH L 3 . ? 9.585   -3.823  -7.009  0.30 16.11 ?  259 HOH A O     1 
HETATM 440 O  O     . HOH L 3 . ? 7.141   -0.720  -15.701 1.00 22.74 ?  260 HOH A O     1 
HETATM 441 O  O     . HOH L 3 . ? 4.500   -1.811  -14.705 1.00 25.40 ?  261 HOH A O     1 
HETATM 442 O  O     . HOH L 3 . ? 11.906  1.017   1.962   0.50 28.18 ?  262 HOH A O     1 
HETATM 443 O  O     . HOH L 3 . ? 11.093  2.998   3.906   1.00 37.83 ?  263 HOH A O     1 
HETATM 444 O  O     . HOH L 3 . ? -9.035  0.299   -2.604  1.00 21.58 ?  264 HOH A O     1 
HETATM 445 O  O     . HOH L 3 . ? 10.690  8.009   -18.275 1.00 34.97 ?  265 HOH A O     1 
HETATM 446 O  O     . HOH L 3 . ? 13.834  8.801   -16.695 1.00 27.00 ?  266 HOH A O     1 
HETATM 447 O  O     . HOH L 3 . ? 11.014  4.730   -18.963 1.00 36.42 ?  267 HOH A O     1 
HETATM 448 O  O     . HOH L 3 . ? 1.403   -12.714 4.524   1.00 24.96 ?  268 HOH A O     1 
HETATM 449 O  O     . HOH L 3 . ? 11.719  7.127   -20.995 1.00 30.35 ?  269 HOH A O     1 
HETATM 450 O  O     . HOH M 3 . ? 0.126   11.443  -1.000  1.00 30.85 ?  201 HOH B O     1 
HETATM 451 O  O     . HOH M 3 . ? -7.458  3.899   8.858   1.00 32.47 ?  202 HOH B O     1 
HETATM 452 O  O     . HOH M 3 . ? 1.909   1.922   10.120  1.00 26.32 ?  203 HOH B O     1 
HETATM 453 O  O     . HOH M 3 . ? -2.567  11.331  3.832   1.00 40.08 ?  204 HOH B O     1 
HETATM 454 O  O     . HOH M 3 . ? -6.512  0.626   6.612   1.00 25.61 ?  205 HOH B O     1 
HETATM 455 O  O     . HOH M 3 . ? 4.457   -4.014  11.442  1.00 23.68 ?  206 HOH B O     1 
HETATM 456 O  O     . HOH M 3 . ? 0.584   8.884   8.712   1.00 45.95 ?  207 HOH B O     1 
HETATM 457 O  O     . HOH M 3 . ? 0.023   11.343  2.300   1.00 33.95 ?  208 HOH B O     1 
HETATM 458 O  O     . HOH M 3 . ? 7.669   -6.419  2.287   1.00 50.49 ?  209 HOH B O     1 
HETATM 459 O  O     . HOH M 3 . ? 7.632   1.746   6.474   1.00 42.92 ?  210 HOH B O     1 
HETATM 460 O  O     . HOH M 3 . ? -5.797  10.333  -6.503  1.00 20.33 ?  211 HOH B O     1 
HETATM 461 O  O     . HOH M 3 . ? -4.740  10.355  3.984   1.00 32.27 ?  212 HOH B O     1 
HETATM 462 O  O     . HOH M 3 . ? 3.393   -1.283  10.989  1.00 20.83 ?  213 HOH B O     1 
HETATM 463 O  O     . HOH M 3 . ? -5.961  5.812   9.393   1.00 32.67 ?  214 HOH B O     1 
HETATM 464 O  O     . HOH M 3 . ? 2.760   -9.464  8.246   1.00 27.36 ?  215 HOH B O     1 
HETATM 465 O  O     . HOH M 3 . ? -2.429  5.496   9.694   1.00 18.14 ?  216 HOH B O     1 
HETATM 466 O  O     . HOH M 3 . ? -1.082  -7.685  7.536   1.00 28.28 ?  217 HOH B O     1 
HETATM 467 O  O     . HOH M 3 . ? -10.768 9.791   -0.565  1.00 20.93 ?  218 HOH B O     1 
HETATM 468 O  O     . HOH M 3 . ? 0.365   -11.180 17.175  1.00 20.18 ?  219 HOH B O     1 
HETATM 469 O  O     . HOH M 3 . ? -9.541  6.944   1.960   1.00 36.19 ?  220 HOH B O     1 
HETATM 470 O  O     . HOH M 3 . ? 2.483   6.320   10.882  0.50 22.18 ?  221 HOH B O     1 
HETATM 471 O  O     . HOH M 3 . ? 2.999   -1.435  14.683  1.00 16.39 ?  222 HOH B O     1 
HETATM 472 O  O     . HOH M 3 . ? 9.973   -1.729  2.042   1.00 37.15 ?  223 HOH B O     1 
HETATM 473 O  O     . HOH M 3 . ? -2.922  8.818   -4.063  1.00 26.49 ?  224 HOH B O     1 
HETATM 474 O  O     . HOH M 3 . ? -7.361  2.567   0.418   1.00 29.68 ?  225 HOH B O     1 
HETATM 475 O  O     . HOH M 3 . ? -5.321  6.606   6.087   1.00 22.65 ?  226 HOH B O     1 
HETATM 476 O  O     . HOH M 3 . ? 3.825   6.545   6.374   1.00 25.23 ?  227 HOH B O     1 
HETATM 477 O  O     . HOH M 3 . ? 0.372   9.700   -2.160  1.00 36.62 ?  228 HOH B O     1 
HETATM 478 O  O     . HOH M 3 . ? 0.561   -7.737  18.135  1.00 18.56 ?  229 HOH B O     1 
HETATM 479 O  O     . HOH M 3 . ? 3.790   8.535   2.161   1.00 23.04 ?  230 HOH B O     1 
HETATM 480 O  O     . HOH M 3 . ? -9.323  9.819   -9.702  1.00 26.28 ?  231 HOH B O     1 
HETATM 481 O  O     . HOH M 3 . ? -0.338  1.500   3.717   1.00 14.81 ?  232 HOH B O     1 
HETATM 482 O  O     . HOH M 3 . ? 3.647   8.407   -1.089  1.00 23.45 ?  233 HOH B O     1 
HETATM 483 O  O     . HOH M 3 . ? -7.701  11.751  -10.872 1.00 29.55 ?  234 HOH B O     1 
HETATM 484 O  O     . HOH M 3 . ? -7.649  15.648  -0.425  1.00 26.69 ?  235 HOH B O     1 
HETATM 485 O  O     . HOH M 3 . ? -6.218  2.471   10.857  1.00 29.61 ?  236 HOH B O     1 
HETATM 486 O  O     . HOH M 3 . ? 1.775   2.331   13.326  0.50 16.93 ?  237 HOH B O     1 
HETATM 487 O  O     . HOH M 3 . ? -1.049  3.213   12.938  1.00 22.75 ?  238 HOH B O     1 
HETATM 488 O  O     . HOH M 3 . ? 7.767   -4.263  5.587   1.00 34.72 ?  239 HOH B O     1 
HETATM 489 O  O     . HOH M 3 . ? 0.970   10.703  6.354   1.00 38.45 ?  240 HOH B O     1 
HETATM 490 O  O     . HOH M 3 . ? 0.008   -8.412  5.143   1.00 23.13 ?  241 HOH B O     1 
HETATM 491 O  O     . HOH M 3 . ? -9.017  7.264   -10.366 1.00 25.09 ?  242 HOH B O     1 
HETATM 492 O  O     . HOH M 3 . ? 5.058   -8.392  6.326   1.00 31.14 ?  243 HOH B O     1 
HETATM 493 O  O     . HOH M 3 . ? 3.276   -6.000  15.827  1.00 24.09 ?  244 HOH B O     1 
HETATM 494 O  O     . HOH M 3 . ? -3.241  3.864   11.451  1.00 27.52 ?  245 HOH B O     1 
HETATM 495 O  O     . HOH M 3 . ? -2.038  8.183   9.288   1.00 34.91 ?  246 HOH B O     1 
HETATM 496 O  O     . HOH M 3 . ? 5.794   -0.233  11.954  1.00 25.31 ?  247 HOH B O     1 
HETATM 497 O  O     . HOH M 3 . ? 6.940   -4.254  10.162  1.00 36.99 ?  248 HOH B O     1 
HETATM 498 O  O     . HOH M 3 . ? 5.524   5.186   8.060   1.00 31.13 ?  249 HOH B O     1 
HETATM 499 O  O     . HOH M 3 . ? 2.120   10.456  2.914   1.00 36.19 ?  250 HOH B O     1 
HETATM 500 O  O     . HOH M 3 . ? 0.017   6.194   13.219  1.00 26.66 ?  251 HOH B O     1 
HETATM 501 O  O     . HOH M 3 . ? -8.970  18.375  -6.166  1.00 21.47 ?  252 HOH B O     1 
HETATM 502 O  O     A HOH M 3 . ? 8.895   -7.752  5.072   0.50 22.98 ?  253 HOH B O     1 
HETATM 503 O  O     B HOH M 3 . ? 6.563   -8.541  3.370   0.50 23.44 ?  253 HOH B O     1 
HETATM 504 O  O     . HOH M 3 . ? -1.731  14.252  4.077   1.00 37.36 ?  254 HOH B O     1 
HETATM 505 O  O     . HOH M 3 . ? -4.728  11.449  6.380   1.00 21.98 ?  255 HOH B O     1 
HETATM 506 O  O     . HOH M 3 . ? 3.543   9.186   5.110   1.00 30.16 ?  256 HOH B O     1 
HETATM 507 O  O     . HOH M 3 . ? -4.406  11.684  -10.426 0.50 21.88 ?  257 HOH B O     1 
HETATM 508 O  O     . HOH M 3 . ? -8.446  0.430   10.757  1.00 29.61 ?  258 HOH B O     1 
HETATM 509 O  O     . HOH M 3 . ? 2.795   10.738  -2.342  1.00 27.57 ?  259 HOH B O     1 
HETATM 510 O  O     . HOH M 3 . ? 1.833   -10.371 5.737   1.00 36.77 ?  260 HOH B O     1 
HETATM 511 O  O     . HOH M 3 . ? 3.838   -4.218  18.582  1.00 13.04 ?  261 HOH B O     1 
HETATM 512 O  O     . HOH M 3 . ? -0.315  -12.508 10.396  1.00 20.89 ?  262 HOH B O     1 
HETATM 513 O  O     . HOH M 3 . ? 3.047   -5.767  20.127  1.00 27.96 ?  263 HOH B O     1 
HETATM 514 O  O     . HOH M 3 . ? -1.301  -12.033 6.543   1.00 31.80 ?  264 HOH B O     1 
HETATM 515 O  O     . HOH M 3 . ? 4.166   -12.727 8.240   1.00 36.09 ?  265 HOH B O     1 
HETATM 516 O  O     . HOH M 3 . ? 1.914   -13.147 6.557   1.00 34.06 ?  266 HOH B O     1 
HETATM 517 O  O     . HOH M 3 . ? 1.399   -14.982 9.049   1.00 28.07 ?  267 HOH B O     1 
# 
loop_
_atom_site_anisotrop.id 
_atom_site_anisotrop.type_symbol 
_atom_site_anisotrop.pdbx_label_atom_id 
_atom_site_anisotrop.pdbx_label_alt_id 
_atom_site_anisotrop.pdbx_label_comp_id 
_atom_site_anisotrop.pdbx_label_asym_id 
_atom_site_anisotrop.pdbx_label_seq_id 
_atom_site_anisotrop.pdbx_PDB_ins_code 
_atom_site_anisotrop.U[1][1] 
_atom_site_anisotrop.U[2][2] 
_atom_site_anisotrop.U[3][3] 
_atom_site_anisotrop.U[1][2] 
_atom_site_anisotrop.U[1][3] 
_atom_site_anisotrop.U[2][3] 
_atom_site_anisotrop.pdbx_auth_seq_id 
_atom_site_anisotrop.pdbx_auth_comp_id 
_atom_site_anisotrop.pdbx_auth_asym_id 
_atom_site_anisotrop.pdbx_auth_atom_id 
1   O  "O5'" . DC  A 1 ? 0.3770 0.2975 0.3033 0.0422  0.0278  -0.0388 1   DC  A "O5'" 
2   C  "C5'" . DC  A 1 ? 0.2576 0.2512 0.3045 -0.0061 0.0086  -0.0200 1   DC  A "C5'" 
3   C  "C4'" . DC  A 1 ? 0.2094 0.2371 0.1975 0.0397  0.0250  -0.0360 1   DC  A "C4'" 
4   O  "O4'" . DC  A 1 ? 0.2190 0.2468 0.2271 0.0359  0.0347  -0.0624 1   DC  A "O4'" 
5   C  "C3'" . DC  A 1 ? 0.2215 0.2278 0.2694 0.0129  0.0206  -0.0603 1   DC  A "C3'" 
6   O  "O3'" . DC  A 1 ? 0.2889 0.2359 0.3442 -0.0205 -0.0003 -0.0259 1   DC  A "O3'" 
7   C  "C2'" . DC  A 1 ? 0.2517 0.2699 0.2302 -0.0012 0.0150  -0.0064 1   DC  A "C2'" 
8   C  "C1'" . DC  A 1 ? 0.2173 0.2826 0.1612 -0.0255 0.0124  -0.0021 1   DC  A "C1'" 
9   N  N1    . DC  A 1 ? 0.2557 0.1623 0.1569 0.0304  0.0368  -0.0336 1   DC  A N1    
10  C  C2    . DC  A 1 ? 0.1498 0.1662 0.2142 0.0206  -0.0046 -0.0566 1   DC  A C2    
11  O  O2    . DC  A 1 ? 0.2669 0.2270 0.1511 0.0227  -0.0021 0.0136  1   DC  A O2    
12  N  N3    . DC  A 1 ? 0.2092 0.1919 0.2058 -0.0222 -0.0066 -0.0150 1   DC  A N3    
13  C  C4    . DC  A 1 ? 0.2891 0.1698 0.1731 0.0134  -0.0165 -0.0419 1   DC  A C4    
14  N  N4    . DC  A 1 ? 0.2481 0.1940 0.2174 0.0546  0.0151  -0.0045 1   DC  A N4    
15  C  C5    . DC  A 1 ? 0.2246 0.2060 0.1771 0.0116  0.0124  -0.0503 1   DC  A C5    
16  C  C6    . DC  A 1 ? 0.2820 0.1881 0.1917 -0.0158 0.0157  0.0057  1   DC  A C6    
17  P  P     . DG  A 2 ? 0.2862 0.2954 0.3180 -0.0254 0.0139  -0.0392 2   DG  A P     
18  O  OP1   . DG  A 2 ? 0.3669 0.3027 0.3446 -0.1042 0.0001  0.0012  2   DG  A OP1   
19  O  OP2   . DG  A 2 ? 0.3693 0.3114 0.4408 -0.0750 -0.0516 -0.0129 2   DG  A OP2   
20  O  "O5'" . DG  A 2 ? 0.2985 0.2881 0.2021 -0.0017 0.0278  -0.0009 2   DG  A "O5'" 
21  C  "C5'" . DG  A 2 ? 0.2590 0.2712 0.1203 0.0033  -0.0009 -0.0130 2   DG  A "C5'" 
22  C  "C4'" . DG  A 2 ? 0.2514 0.2518 0.1544 -0.0329 -0.0123 -0.0100 2   DG  A "C4'" 
23  O  "O4'" . DG  A 2 ? 0.1877 0.2852 0.2303 0.0386  0.0260  -0.0159 2   DG  A "O4'" 
24  C  "C3'" . DG  A 2 ? 0.2167 0.2963 0.2682 -0.0374 0.0267  0.0128  2   DG  A "C3'" 
25  O  "O3'" . DG  A 2 ? 0.2982 0.2411 0.2074 0.0347  0.0570  0.0362  2   DG  A "O3'" 
26  C  "C2'" . DG  A 2 ? 0.1871 0.2584 0.2578 0.0041  -0.0292 0.0149  2   DG  A "C2'" 
27  C  "C1'" . DG  A 2 ? 0.2095 0.2015 0.2593 0.0007  -0.0098 -0.0002 2   DG  A "C1'" 
28  N  N9    . DG  A 2 ? 0.2089 0.2205 0.2540 0.0092  0.0093  -0.0009 2   DG  A N9    
29  C  C8    . DG  A 2 ? 0.2195 0.2307 0.2613 -0.0222 -0.0068 0.0305  2   DG  A C8    
30  N  N7    . DG  A 2 ? 0.2413 0.2067 0.1712 0.0234  -0.0010 0.0110  2   DG  A N7    
31  C  C5    . DG  A 2 ? 0.2101 0.2004 0.2005 0.0314  -0.0140 0.0106  2   DG  A C5    
32  C  C6    . DG  A 2 ? 0.1664 0.1750 0.1786 0.0301  -0.0455 0.0042  2   DG  A C6    
33  O  O6    . DG  A 2 ? 0.2374 0.1688 0.1959 0.0310  0.0220  0.0050  2   DG  A O6    
34  N  N1    . DG  A 2 ? 0.2063 0.1683 0.1649 -0.0282 -0.0509 -0.0074 2   DG  A N1    
35  C  C2    . DG  A 2 ? 0.1601 0.2003 0.1759 -0.0103 -0.0477 0.0393  2   DG  A C2    
36  N  N2    . DG  A 2 ? 0.1987 0.1916 0.1996 -0.0283 -0.0173 0.0136  2   DG  A N2    
37  N  N3    . DG  A 2 ? 0.2408 0.1829 0.1903 -0.0472 -0.0129 -0.0212 2   DG  A N3    
38  C  C4    . DG  A 2 ? 0.1910 0.2253 0.1416 -0.0146 -0.0403 -0.0281 2   DG  A C4    
39  P  P     . DT  A 3 ? 0.2352 0.2361 0.2695 -0.0068 -0.0272 0.0236  3   DT  A P     
40  O  OP1   . DT  A 3 ? 0.1931 0.2843 0.3517 -0.0245 0.0241  0.0112  3   DT  A OP1   
41  O  OP2   . DT  A 3 ? 0.3194 0.2791 0.2941 0.0192  -0.0915 0.0056  3   DT  A OP2   
42  O  "O5'" . DT  A 3 ? 0.1853 0.2415 0.2321 -0.0114 -0.0370 0.0182  3   DT  A "O5'" 
43  C  "C5'" . DT  A 3 ? 0.1768 0.2480 0.2248 -0.0245 -0.0259 0.0307  3   DT  A "C5'" 
44  C  "C4'" . DT  A 3 ? 0.1872 0.2197 0.2427 -0.0062 0.0016  0.0010  3   DT  A "C4'" 
45  O  "O4'" . DT  A 3 ? 0.2530 0.1938 0.2305 0.0038  -0.0109 -0.0013 3   DT  A "O4'" 
46  C  "C3'" . DT  A 3 ? 0.1996 0.2454 0.2404 -0.0021 0.0370  0.0216  3   DT  A "C3'" 
47  O  "O3'" . DT  A 3 ? 0.2108 0.2651 0.1839 -0.0092 -0.0036 -0.0006 3   DT  A "O3'" 
48  C  "C2'" . DT  A 3 ? 0.2394 0.2254 0.2288 0.0379  -0.0161 0.0192  3   DT  A "C2'" 
49  C  "C1'" . DT  A 3 ? 0.2631 0.2707 0.2607 -0.0210 -0.0024 0.0099  3   DT  A "C1'" 
50  N  N1    . DT  A 3 ? 0.2569 0.2017 0.2599 0.0169  0.0522  -0.0468 3   DT  A N1    
51  C  C2    . DT  A 3 ? 0.3102 0.2034 0.2669 -0.0440 0.0460  -0.0447 3   DT  A C2    
52  O  O2    . DT  A 3 ? 0.3695 0.1748 0.4258 -0.0420 0.0871  -0.0558 3   DT  A O2    
53  N  N3    . DT  A 3 ? 0.2078 0.3318 0.2657 -0.0203 0.0645  -0.0667 3   DT  A N3    
54  C  C4    . DT  A 3 ? 0.2103 0.3194 0.2221 0.0025  0.0094  -0.0770 3   DT  A C4    
55  O  O4    . DT  A 3 ? 0.3076 0.4886 0.2523 -0.0263 0.0083  0.0022  3   DT  A O4    
56  C  C5    . DT  A 3 ? 0.2988 0.2829 0.2352 0.0220  -0.0087 -0.0573 3   DT  A C5    
57  C  C7    . DT  A 3 ? 0.2611 0.3195 0.2863 -0.0301 -0.0364 -0.0203 3   DT  A C7    
58  C  C6    . DT  A 3 ? 0.1948 0.2789 0.2610 0.0094  -0.0447 0.0436  3   DT  A C6    
59  P  P     . DT  A 4 ? 0.2156 0.2143 0.2228 -0.0331 0.0062  -0.0095 4   DT  A P     
60  O  OP1   . DT  A 4 ? 0.2184 0.2443 0.2376 -0.0096 0.0001  -0.0119 4   DT  A OP1   
61  O  OP2   . DT  A 4 ? 0.2752 0.2040 0.2134 0.0086  -0.0386 -0.0284 4   DT  A OP2   
62  O  "O5'" . DT  A 4 ? 0.1710 0.2787 0.1981 0.0340  -0.0229 -0.0223 4   DT  A "O5'" 
63  C  "C5'" . DT  A 4 ? 0.1672 0.2104 0.2418 -0.0049 0.0118  -0.0549 4   DT  A "C5'" 
64  C  "C4'" . DT  A 4 ? 0.1561 0.2414 0.1850 -0.0352 0.0130  -0.0250 4   DT  A "C4'" 
65  O  "O4'" . DT  A 4 ? 0.1926 0.1878 0.2610 0.0312  -0.0466 0.0120  4   DT  A "O4'" 
66  C  "C3'" . DT  A 4 ? 0.2498 0.2160 0.2242 -0.0007 0.0096  -0.0366 4   DT  A "C3'" 
67  O  "O3'" . DT  A 4 ? 0.2077 0.2440 0.2185 -0.0173 -0.0441 -0.0237 4   DT  A "O3'" 
68  C  "C2'" . DT  A 4 ? 0.2571 0.1829 0.1822 0.0007  -0.0109 -0.0197 4   DT  A "C2'" 
69  C  "C1'" . DT  A 4 ? 0.2133 0.1936 0.2386 0.0030  -0.0311 -0.0079 4   DT  A "C1'" 
70  N  N1    . DT  A 4 ? 0.2796 0.2327 0.1654 -0.0349 -0.0184 -0.0185 4   DT  A N1    
71  C  C2    . DT  A 4 ? 0.2703 0.2053 0.2654 -0.0255 0.0738  -0.0067 4   DT  A C2    
72  O  O2    . DT  A 4 ? 0.3349 0.2283 0.2308 -0.0106 0.0482  0.0028  4   DT  A O2    
73  N  N3    . DT  A 4 ? 0.2665 0.2095 0.2615 -0.0310 0.0342  0.0243  4   DT  A N3    
74  C  C4    . DT  A 4 ? 0.1613 0.2435 0.2408 -0.0212 -0.0250 0.0378  4   DT  A C4    
75  O  O4    . DT  A 4 ? 0.2152 0.2489 0.2806 -0.0636 -0.0597 0.0637  4   DT  A O4    
76  C  C5    . DT  A 4 ? 0.2360 0.2090 0.1501 0.0111  -0.0307 0.0097  4   DT  A C5    
77  C  C7    . DT  A 4 ? 0.2691 0.2447 0.1453 -0.0140 -0.0087 -0.0047 4   DT  A C7    
78  C  C6    . DT  A 4 ? 0.1780 0.2136 0.1590 0.0037  -0.0039 -0.0121 4   DT  A C6    
79  P  P     . DA  A 5 ? 0.2220 0.2192 0.2614 -0.0203 0.0108  -0.0213 5   DA  A P     
80  O  OP1   . DA  A 5 ? 0.2919 0.2121 0.2599 0.0340  -0.0679 -0.0470 5   DA  A OP1   
81  O  OP2   . DA  A 5 ? 0.2535 0.2277 0.3966 -0.0180 0.0328  -0.0855 5   DA  A OP2   
82  O  "O5'" . DA  A 5 ? 0.2512 0.2062 0.2671 -0.0227 0.0148  -0.0162 5   DA  A "O5'" 
83  C  "C5'" . DA  A 5 ? 0.2341 0.2413 0.2239 -0.0343 -0.0242 0.0224  5   DA  A "C5'" 
84  C  "C4'" . DA  A 5 ? 0.2305 0.2174 0.2075 -0.0074 -0.0081 0.0288  5   DA  A "C4'" 
85  O  "O4'" . DA  A 5 ? 0.2392 0.1861 0.2810 0.0222  0.0320  0.0018  5   DA  A "O4'" 
86  C  "C3'" . DA  A 5 ? 0.1771 0.2306 0.1707 -0.0113 0.0447  0.0271  5   DA  A "C3'" 
87  O  "O3'" . DA  A 5 ? 0.2570 0.2450 0.1753 -0.0222 0.0574  0.0104  5   DA  A "O3'" 
88  C  "C2'" . DA  A 5 ? 0.2051 0.2185 0.1507 -0.0314 0.0344  0.0101  5   DA  A "C2'" 
89  C  "C1'" . DA  A 5 ? 0.2387 0.2290 0.1632 0.0110  0.0178  0.0317  5   DA  A "C1'" 
90  N  N9    . DA  A 5 ? 0.1582 0.2381 0.1487 0.0007  -0.0071 0.0061  5   DA  A N9    
91  C  C8    . DA  A 5 ? 0.1951 0.2367 0.1331 -0.0153 -0.0358 0.0245  5   DA  A C8    
92  N  N7    . DA  A 5 ? 0.2200 0.2404 0.1219 -0.0068 -0.0147 0.0012  5   DA  A N7    
93  C  C5    . DA  A 5 ? 0.1276 0.2164 0.1589 -0.0090 -0.0109 0.0050  5   DA  A C5    
94  C  C6    . DA  A 5 ? 0.1751 0.2321 0.1735 0.0155  0.0211  0.0237  5   DA  A C6    
95  N  N6    . DA  A 5 ? 0.1730 0.2084 0.1495 0.0036  0.0093  0.0192  5   DA  A N6    
96  N  N1    . DA  A 5 ? 0.1957 0.2059 0.1455 -0.0560 0.0218  0.0063  5   DA  A N1    
97  C  C2    . DA  A 5 ? 0.2232 0.1999 0.1644 0.0066  0.0512  0.0140  5   DA  A C2    
98  N  N3    . DA  A 5 ? 0.1562 0.1993 0.1753 -0.0089 -0.0194 -0.0077 5   DA  A N3    
99  C  C4    . DA  A 5 ? 0.1200 0.2322 0.1775 0.0171  0.0095  -0.0040 5   DA  A C4    
100 P  P     . DG  A 6 ? 0.2774 0.2716 0.2550 -0.0325 0.0135  -0.0154 6   DG  A P     
101 O  OP1   . DG  A 6 ? 0.4009 0.2720 0.2400 -0.0026 0.0174  -0.0402 6   DG  A OP1   
102 O  OP2   . DG  A 6 ? 0.3336 0.3141 0.2373 -0.0846 -0.0245 0.0259  6   DG  A OP2   
103 O  "O5'" . DG  A 6 ? 0.2532 0.2381 0.2426 -0.0352 0.0382  -0.0048 6   DG  A "O5'" 
104 C  "C5'" . DG  A 6 ? 0.2588 0.2388 0.2345 0.0047  0.0218  -0.0086 6   DG  A "C5'" 
105 C  "C4'" . DG  A 6 ? 0.2276 0.1848 0.1878 -0.0222 -0.0046 -0.0309 6   DG  A "C4'" 
106 O  "O4'" . DG  A 6 ? 0.2587 0.1914 0.2059 0.0106  -0.0008 -0.0311 6   DG  A "O4'" 
107 C  "C3'" . DG  A 6 ? 0.2087 0.1828 0.1528 -0.0317 0.0116  -0.0443 6   DG  A "C3'" 
108 O  "O3'" . DG  A 6 ? 0.2264 0.2118 0.2434 -0.0663 0.0338  -0.0415 6   DG  A "O3'" 
109 C  "C2'" . DG  A 6 ? 0.2430 0.1680 0.2302 -0.0493 0.0336  -0.0231 6   DG  A "C2'" 
110 C  "C1'" . DG  A 6 ? 0.2327 0.1865 0.2402 -0.0342 -0.0093 -0.0018 6   DG  A "C1'" 
111 N  N9    . DG  A 6 ? 0.1692 0.1725 0.1761 -0.0390 -0.0018 -0.0204 6   DG  A N9    
112 C  C8    . DG  A 6 ? 0.1739 0.1508 0.1565 -0.0280 -0.0047 -0.0185 6   DG  A C8    
113 N  N7    . DG  A 6 ? 0.2061 0.1535 0.1451 -0.0222 -0.0376 -0.0213 6   DG  A N7    
114 C  C5    . DG  A 6 ? 0.1661 0.2005 0.1459 -0.0200 0.0151  -0.0193 6   DG  A C5    
115 C  C6    . DG  A 6 ? 0.1835 0.1712 0.1479 0.0024  -0.0169 -0.0017 6   DG  A C6    
116 O  O6    . DG  A 6 ? 0.1805 0.1779 0.1471 0.0125  -0.0204 0.0316  6   DG  A O6    
117 N  N1    . DG  A 6 ? 0.1591 0.1672 0.1467 -0.0102 0.0001  -0.0196 6   DG  A N1    
118 C  C2    . DG  A 6 ? 0.1993 0.2115 0.1737 -0.0419 0.0095  -0.0031 6   DG  A C2    
119 N  N2    . DG  A 6 ? 0.2151 0.1403 0.1614 -0.0326 -0.0068 -0.0095 6   DG  A N2    
120 N  N3    . DG  A 6 ? 0.2336 0.1550 0.1891 -0.0189 -0.0205 0.0121  6   DG  A N3    
121 C  C4    . DG  A 6 ? 0.1453 0.1783 0.1844 0.0065  0.0217  -0.0445 6   DG  A C4    
122 P  P     . DG  A 7 ? 0.2333 0.1918 0.1863 -0.0229 0.0234  -0.0378 7   DG  A P     
123 O  OP1   . DG  A 7 ? 0.2198 0.2322 0.2420 -0.0023 0.0661  -0.0571 7   DG  A OP1   
124 O  OP2   . DG  A 7 ? 0.2577 0.2056 0.2695 0.0361  0.0005  0.0112  7   DG  A OP2   
125 O  "O5'" . DG  A 7 ? 0.1552 0.2158 0.2461 -0.0108 -0.0148 -0.0049 7   DG  A "O5'" 
126 C  "C5'" . DG  A 7 ? 0.1579 0.1959 0.2997 -0.0041 0.0007  0.0122  7   DG  A "C5'" 
127 C  "C4'" . DG  A 7 ? 0.1829 0.1785 0.2646 -0.0106 -0.0036 -0.0399 7   DG  A "C4'" 
128 O  "O4'" . DG  A 7 ? 0.2172 0.2008 0.2464 -0.0105 0.0203  -0.0392 7   DG  A "O4'" 
129 C  "C3'" . DG  A 7 ? 0.2293 0.1634 0.2388 0.0046  0.0375  -0.0174 7   DG  A "C3'" 
130 O  "O3'" . DG  A 7 ? 0.2273 0.2044 0.3201 0.0388  0.0200  -0.0242 7   DG  A "O3'" 
131 C  "C2'" . DG  A 7 ? 0.1436 0.2200 0.1944 -0.0295 0.0062  -0.0422 7   DG  A "C2'" 
132 C  "C1'" . DG  A 7 ? 0.1530 0.2402 0.2287 -0.0137 -0.0069 -0.0701 7   DG  A "C1'" 
133 N  N9    . DG  A 7 ? 0.1769 0.2084 0.1595 -0.0063 -0.0240 -0.0205 7   DG  A N9    
134 C  C8    . DG  A 7 ? 0.1576 0.2453 0.0868 -0.0141 0.0015  -0.0121 7   DG  A C8    
135 N  N7    . DG  A 7 ? 0.2472 0.1816 0.1486 -0.0335 -0.0160 -0.0556 7   DG  A N7    
136 C  C5    . DG  A 7 ? 0.1856 0.1742 0.1282 -0.0114 -0.0424 -0.0368 7   DG  A C5    
137 C  C6    . DG  A 7 ? 0.2069 0.1671 0.1198 -0.0136 -0.0472 -0.0471 7   DG  A C6    
138 O  O6    . DG  A 7 ? 0.2385 0.1781 0.2118 0.0234  0.0067  -0.0230 7   DG  A O6    
139 N  N1    . DG  A 7 ? 0.1719 0.2115 0.1739 -0.0472 -0.0666 -0.0126 7   DG  A N1    
140 C  C2    . DG  A 7 ? 0.1742 0.1676 0.1210 -0.0335 -0.0428 -0.0482 7   DG  A C2    
141 N  N2    . DG  A 7 ? 0.1737 0.2167 0.1436 0.0115  -0.0146 -0.0191 7   DG  A N2    
142 N  N3    . DG  A 7 ? 0.1324 0.2060 0.1626 -0.0483 0.0015  -0.0306 7   DG  A N3    
143 C  C4    . DG  A 7 ? 0.1609 0.1722 0.1661 -0.0056 -0.0178 -0.0071 7   DG  A C4    
144 P  P     . DC  A 8 ? 0.2842 0.2126 0.3964 -0.0186 0.0062  -0.0375 8   DC  A P     
145 O  OP1   . DC  A 8 ? 0.3065 0.2544 0.5741 0.0051  0.0340  0.1307  8   DC  A OP1   
146 O  OP2   . DC  A 8 ? 0.3730 0.1814 0.3495 -0.0434 -0.0031 -0.0713 8   DC  A OP2   
147 O  "O5'" . DC  A 8 ? 0.2587 0.1863 0.3369 0.0085  0.0604  -0.0054 8   DC  A "O5'" 
148 C  "C5'" . DC  A 8 ? 0.2103 0.1469 0.3296 0.0707  0.0442  -0.0054 8   DC  A "C5'" 
149 C  "C4'" . DC  A 8 ? 0.2343 0.2113 0.4154 -0.0558 -0.0034 0.0354  8   DC  A "C4'" 
150 O  "O4'" . DC  A 8 ? 0.2095 0.2180 0.3606 -0.0034 -0.0197 -0.0385 8   DC  A "O4'" 
151 C  "C3'" . DC  A 8 ? 0.2476 0.2265 0.3333 -0.0171 0.0202  0.0123  8   DC  A "C3'" 
152 O  "O3'" . DC  A 8 ? 0.2859 0.2103 0.3901 -0.0443 0.0698  -0.0144 8   DC  A "O3'" 
153 C  "C2'" . DC  A 8 ? 0.2772 0.2406 0.1978 -0.0542 -0.0078 -0.0585 8   DC  A "C2'" 
154 C  "C1'" . DC  A 8 ? 0.1622 0.2421 0.2545 -0.0064 0.0415  -0.0068 8   DC  A "C1'" 
155 N  N1    . DC  A 8 ? 0.1687 0.2026 0.2329 -0.0113 -0.0176 -0.0545 8   DC  A N1    
156 C  C2    . DC  A 8 ? 0.1502 0.1969 0.2444 -0.0126 -0.0200 -0.0595 8   DC  A C2    
157 O  O2    . DC  A 8 ? 0.2013 0.2350 0.2322 -0.0268 -0.0064 -0.0619 8   DC  A O2    
158 N  N3    . DC  A 8 ? 0.1261 0.2404 0.1846 -0.0118 -0.0332 -0.0009 8   DC  A N3    
159 C  C4    . DC  A 8 ? 0.1390 0.2040 0.2208 -0.0362 -0.0013 -0.0077 8   DC  A C4    
160 N  N4    . DC  A 8 ? 0.2208 0.1946 0.2515 0.0031  -0.0015 -0.0107 8   DC  A N4    
161 C  C5    . DC  A 8 ? 0.1878 0.1796 0.2397 -0.0503 0.0005  -0.0227 8   DC  A C5    
162 C  C6    . DC  A 8 ? 0.2042 0.1736 0.2126 -0.0658 -0.0007 -0.0386 8   DC  A C6    
163 P  P     . DG  A 9 ? 0.2377 0.2770 0.4520 -0.0256 0.0121  0.0306  9   DG  A P     
164 O  OP1   . DG  A 9 ? 0.2982 0.3353 0.4407 0.0316  0.0047  -0.0028 9   DG  A OP1   
165 O  OP2   . DG  A 9 ? 0.3404 0.3024 0.5024 -0.1075 0.0627  -0.0632 9   DG  A OP2   
166 O  "O5'" . DG  A 9 ? 0.2570 0.1806 0.3666 0.0109  0.0642  0.0067  9   DG  A "O5'" 
167 C  "C5'" . DG  A 9 ? 0.2232 0.3059 0.2657 -0.0315 0.0802  0.0703  9   DG  A "C5'" 
168 C  "C4'" . DG  A 9 ? 0.1823 0.2714 0.1760 -0.0593 -0.0565 0.0181  9   DG  A "C4'" 
169 O  "O4'" . DG  A 9 ? 0.2399 0.1633 0.1984 -0.0141 -0.0522 -0.0148 9   DG  A "O4'" 
170 C  "C3'" . DG  A 9 ? 0.1624 0.1749 0.1928 -0.0306 -0.0088 0.0135  9   DG  A "C3'" 
171 O  "O3'" . DG  A 9 ? 0.2090 0.2728 0.1531 -0.0222 -0.0088 0.0145  9   DG  A "O3'" 
172 C  "C2'" . DG  A 9 ? 0.1597 0.1833 0.1855 -0.0339 0.0075  0.0201  9   DG  A "C2'" 
173 C  "C1'" . DG  A 9 ? 0.1944 0.1847 0.1631 -0.0356 -0.0185 -0.0252 9   DG  A "C1'" 
174 N  N9    . DG  A 9 ? 0.1842 0.1956 0.2037 -0.0346 -0.0263 -0.0063 9   DG  A N9    
175 C  C8    . DG  A 9 ? 0.1641 0.1705 0.2214 0.0043  -0.0310 -0.0005 9   DG  A C8    
176 N  N7    . DG  A 9 ? 0.2132 0.2421 0.1940 0.0022  -0.0164 0.0135  9   DG  A N7    
177 C  C5    . DG  A 9 ? 0.1116 0.2304 0.1603 0.0075  -0.0571 0.0044  9   DG  A C5    
178 C  C6    . DG  A 9 ? 0.1874 0.2123 0.2158 0.0025  -0.0209 0.0010  9   DG  A C6    
179 O  O6    . DG  A 9 ? 0.2053 0.2488 0.2107 -0.0152 -0.0259 0.0179  9   DG  A O6    
180 N  N1    . DG  A 9 ? 0.1814 0.2131 0.1623 -0.0488 -0.0768 -0.0395 9   DG  A N1    
181 C  C2    . DG  A 9 ? 0.1438 0.1877 0.1976 -0.0545 -0.0726 -0.0031 9   DG  A C2    
182 N  N2    . DG  A 9 ? 0.1808 0.2411 0.1796 -0.0448 -0.0110 0.0037  9   DG  A N2    
183 N  N3    . DG  A 9 ? 0.1749 0.1582 0.1837 -0.0418 -0.0574 -0.0190 9   DG  A N3    
184 C  C4    . DG  A 9 ? 0.1548 0.2047 0.1801 -0.0386 -0.0343 0.0109  9   DG  A C4    
185 O  "O5'" . DC  B 1 ? 0.3096 0.2679 0.2893 -0.0271 -0.0564 -0.0369 1   DC  B "O5'" 
186 C  "C5'" . DC  B 1 ? 0.3706 0.2150 0.2054 0.0480  -0.0320 0.0290  1   DC  B "C5'" 
187 C  "C4'" . DC  B 1 ? 0.2246 0.1688 0.1558 -0.0185 -0.0353 -0.0085 1   DC  B "C4'" 
188 O  "O4'" . DC  B 1 ? 0.2510 0.2277 0.1474 -0.0208 -0.0148 -0.0186 1   DC  B "O4'" 
189 C  "C3'" . DC  B 1 ? 0.1845 0.1903 0.1991 -0.0318 -0.0314 0.0036  1   DC  B "C3'" 
190 O  "O3'" . DC  B 1 ? 0.2139 0.1789 0.2027 -0.0073 -0.0203 0.0002  1   DC  B "O3'" 
191 C  "C2'" . DC  B 1 ? 0.1388 0.2484 0.2131 -0.0359 -0.0566 0.0132  1   DC  B "C2'" 
192 C  "C1'" . DC  B 1 ? 0.1644 0.2227 0.1855 -0.0925 -0.0175 0.0122  1   DC  B "C1'" 
193 N  N1    . DC  B 1 ? 0.1635 0.1651 0.1785 -0.0373 -0.0183 -0.0245 1   DC  B N1    
194 C  C2    . DC  B 1 ? 0.2573 0.1941 0.1609 -0.0372 -0.0047 -0.0169 1   DC  B C2    
195 O  O2    . DC  B 1 ? 0.2317 0.1939 0.1548 -0.0434 -0.0429 -0.0110 1   DC  B O2    
196 N  N3    . DC  B 1 ? 0.1536 0.1721 0.1635 -0.0309 -0.0341 0.0005  1   DC  B N3    
197 C  C4    . DC  B 1 ? 0.2131 0.1673 0.1979 -0.0602 -0.0144 -0.0206 1   DC  B C4    
198 N  N4    . DC  B 1 ? 0.2275 0.1875 0.1657 -0.0346 -0.0596 -0.0281 1   DC  B N4    
199 C  C5    . DC  B 1 ? 0.1894 0.1786 0.1757 0.0049  -0.0429 0.0028  1   DC  B C5    
200 C  C6    . DC  B 1 ? 0.1300 0.1610 0.1869 -0.0122 -0.0182 0.0031  1   DC  B C6    
201 P  P     . DG  B 2 ? 0.2348 0.2107 0.1755 -0.0164 -0.0157 -0.0186 2   DG  B P     
202 O  OP1   . DG  B 2 ? 0.2412 0.2261 0.1706 -0.0224 0.0006  -0.0117 2   DG  B OP1   
203 O  OP2   . DG  B 2 ? 0.3029 0.1864 0.1744 -0.0119 -0.0305 -0.0132 2   DG  B OP2   
204 O  "O5'" . DG  B 2 ? 0.1732 0.1773 0.1495 -0.0140 -0.0391 0.0030  2   DG  B "O5'" 
205 C  "C5'" . DG  B 2 ? 0.1603 0.1736 0.2305 -0.0392 0.0045  0.0252  2   DG  B "C5'" 
206 C  "C4'" . DG  B 2 ? 0.2162 0.0970 0.1624 -0.0690 -0.0285 -0.0100 2   DG  B "C4'" 
207 O  "O4'" . DG  B 2 ? 0.2045 0.2167 0.1444 -0.0586 -0.0085 0.0042  2   DG  B "O4'" 
208 C  "C3'" . DG  B 2 ? 0.2038 0.1683 0.1812 -0.0021 -0.0217 -0.0175 2   DG  B "C3'" 
209 O  "O3'" . DG  B 2 ? 0.2459 0.1747 0.2132 0.0101  -0.0152 -0.0223 2   DG  B "O3'" 
210 C  "C2'" . DG  B 2 ? 0.2031 0.1931 0.1929 -0.0238 -0.0371 -0.0057 2   DG  B "C2'" 
211 C  "C1'" . DG  B 2 ? 0.1891 0.1785 0.1754 -0.0263 -0.0182 -0.0085 2   DG  B "C1'" 
212 N  N9    . DG  B 2 ? 0.2142 0.1813 0.1704 -0.0067 -0.0409 0.0010  2   DG  B N9    
213 C  C8    . DG  B 2 ? 0.2071 0.1974 0.1984 -0.0185 -0.0100 -0.0092 2   DG  B C8    
214 N  N7    . DG  B 2 ? 0.2485 0.2194 0.2164 -0.0402 -0.0414 0.0148  2   DG  B N7    
215 C  C5    . DG  B 2 ? 0.1833 0.2497 0.1875 -0.0239 0.0194  0.0035  2   DG  B C5    
216 C  C6    . DG  B 2 ? 0.2487 0.1962 0.1760 0.0188  -0.0115 0.0056  2   DG  B C6    
217 O  O6    . DG  B 2 ? 0.2315 0.1712 0.2634 -0.0176 -0.0548 0.0218  2   DG  B O6    
218 N  N1    . DG  B 2 ? 0.1919 0.2221 0.1828 -0.0162 -0.0478 0.0089  2   DG  B N1    
219 C  C2    . DG  B 2 ? 0.2153 0.2027 0.1496 0.0002  0.0002  -0.0123 2   DG  B C2    
220 N  N2    . DG  B 2 ? 0.2372 0.1973 0.1896 -0.0618 -0.0205 0.0126  2   DG  B N2    
221 N  N3    . DG  B 2 ? 0.2687 0.1751 0.1480 -0.0096 -0.0309 0.0029  2   DG  B N3    
222 C  C4    . DG  B 2 ? 0.2353 0.2123 0.1859 0.0102  0.0329  -0.0360 2   DG  B C4    
223 P  P     . DT  B 3 ? 0.2043 0.2139 0.2092 -0.0099 -0.0161 0.0090  3   DT  B P     
224 O  OP1   . DT  B 3 ? 0.2395 0.2332 0.2273 0.0277  -0.0395 0.0065  3   DT  B OP1   
225 O  OP2   . DT  B 3 ? 0.2440 0.1974 0.2008 0.0604  0.0261  -0.0361 3   DT  B OP2   
226 O  "O5'" . DT  B 3 ? 0.1826 0.2123 0.2388 0.0205  -0.0411 0.0374  3   DT  B "O5'" 
227 C  "C5'" . DT  B 3 ? 0.2262 0.1774 0.1616 -0.0331 -0.0433 0.0447  3   DT  B "C5'" 
228 C  "C4'" . DT  B 3 ? 0.2278 0.1851 0.2153 -0.0100 -0.0339 0.0013  3   DT  B "C4'" 
229 O  "O4'" . DT  B 3 ? 0.2477 0.1876 0.2140 0.0328  -0.0276 0.0290  3   DT  B "O4'" 
230 C  "C3'" . DT  B 3 ? 0.2442 0.1773 0.2305 -0.0013 -0.0461 -0.0009 3   DT  B "C3'" 
231 O  "O3'" . DT  B 3 ? 0.2093 0.2037 0.1918 -0.0036 -0.0244 0.0311  3   DT  B "O3'" 
232 C  "C2'" . DT  B 3 ? 0.1896 0.2167 0.2376 0.0202  -0.0554 0.0536  3   DT  B "C2'" 
233 C  "C1'" . DT  B 3 ? 0.2094 0.2935 0.2001 0.0453  -0.0269 -0.0252 3   DT  B "C1'" 
234 N  N1    . DT  B 3 ? 0.2602 0.2980 0.2381 0.0229  -0.0425 0.0269  3   DT  B N1    
235 C  C2    . DT  B 3 ? 0.2565 0.3083 0.2244 0.0458  -0.0480 0.0481  3   DT  B C2    
236 O  O2    . DT  B 3 ? 0.3426 0.3168 0.3501 0.0758  0.0305  0.0540  3   DT  B O2    
237 N  N3    . DT  B 3 ? 0.3057 0.3434 0.1893 0.0011  -0.0136 -0.0263 3   DT  B N3    
238 C  C4    . DT  B 3 ? 0.2740 0.3605 0.2543 -0.0215 0.0408  0.0011  3   DT  B C4    
239 O  O4    . DT  B 3 ? 0.2889 0.4808 0.2557 -0.0350 0.0530  0.0034  3   DT  B O4    
240 C  C5    . DT  B 3 ? 0.2211 0.2656 0.2500 -0.0458 -0.0494 -0.0080 3   DT  B C5    
241 C  C7    . DT  B 3 ? 0.2680 0.2870 0.2406 -0.0891 0.0332  0.0288  3   DT  B C7    
242 C  C6    . DT  B 3 ? 0.2139 0.2769 0.2800 0.0277  0.0305  -0.0468 3   DT  B C6    
243 P  P     . DT  B 4 ? 0.2185 0.1883 0.1850 0.0198  -0.0089 0.0090  4   DT  B P     
244 O  OP1   . DT  B 4 ? 0.2406 0.1446 0.2293 0.0239  -0.0452 -0.0105 4   DT  B OP1   
245 O  OP2   . DT  B 4 ? 0.2644 0.2061 0.2398 -0.0160 -0.0266 0.0078  4   DT  B OP2   
246 O  "O5'" . DT  B 4 ? 0.1846 0.2270 0.1676 0.0355  -0.0149 -0.0024 4   DT  B "O5'" 
247 C  "C5'" . DT  B 4 ? 0.1566 0.2067 0.1827 0.0056  -0.0079 -0.0405 4   DT  B "C5'" 
248 C  "C4'" . DT  B 4 ? 0.1873 0.1127 0.1654 -0.0056 -0.0132 -0.0276 4   DT  B "C4'" 
249 O  "O4'" . DT  B 4 ? 0.2085 0.1559 0.1433 -0.0048 -0.0390 -0.0069 4   DT  B "O4'" 
250 C  "C3'" . DT  B 4 ? 0.1589 0.2125 0.1710 -0.0106 -0.0266 -0.0443 4   DT  B "C3'" 
251 O  "O3'" . DT  B 4 ? 0.1713 0.1613 0.1582 -0.0027 -0.0264 0.0114  4   DT  B "O3'" 
252 C  "C2'" . DT  B 4 ? 0.2059 0.1917 0.1611 0.0173  0.0003  -0.0308 4   DT  B "C2'" 
253 C  "C1'" . DT  B 4 ? 0.2711 0.2023 0.1402 -0.0060 -0.0389 0.0156  4   DT  B "C1'" 
254 N  N1    . DT  B 4 ? 0.1538 0.1816 0.1540 0.0299  -0.0153 -0.0275 4   DT  B N1    
255 C  C2    . DT  B 4 ? 0.1943 0.1857 0.1593 -0.0113 -0.0134 0.0053  4   DT  B C2    
256 O  O2    . DT  B 4 ? 0.2569 0.1805 0.1790 -0.0067 0.0320  -0.0208 4   DT  B O2    
257 N  N3    . DT  B 4 ? 0.2001 0.1688 0.0817 -0.0013 0.0152  -0.0226 4   DT  B N3    
258 C  C4    . DT  B 4 ? 0.1393 0.1395 0.1331 -0.0016 0.0136  -0.0299 4   DT  B C4    
259 O  O4    . DT  B 4 ? 0.2569 0.1511 0.1712 -0.0028 -0.0116 -0.0145 4   DT  B O4    
260 C  C5    . DT  B 4 ? 0.2290 0.2031 0.1450 0.0102  0.0014  -0.0235 4   DT  B C5    
261 C  C7    . DT  B 4 ? 0.1774 0.1433 0.2382 0.0288  0.0638  -0.0192 4   DT  B C7    
262 C  C6    . DT  B 4 ? 0.2404 0.1945 0.1604 0.0200  0.0086  -0.0301 4   DT  B C6    
263 P  P     . DA  B 5 ? 0.2056 0.1756 0.1492 -0.0106 0.0038  0.0102  5   DA  B P     
264 O  OP1   . DA  B 5 ? 0.2278 0.2022 0.1818 -0.0238 -0.0107 0.0107  5   DA  B OP1   
265 O  OP2   . DA  B 5 ? 0.1798 0.1980 0.1460 0.0056  -0.0446 -0.0095 5   DA  B OP2   
266 O  "O5'" . DA  B 5 ? 0.2288 0.1563 0.1564 -0.0041 -0.0239 0.0101  5   DA  B "O5'" 
267 C  "C5'" . DA  B 5 ? 0.1883 0.1928 0.1485 -0.0147 0.0177  -0.0030 5   DA  B "C5'" 
268 C  "C4'" . DA  B 5 ? 0.1656 0.1613 0.1718 0.0144  -0.0383 0.0019  5   DA  B "C4'" 
269 O  "O4'" . DA  B 5 ? 0.1878 0.2375 0.1504 -0.0173 -0.0374 -0.0313 5   DA  B "O4'" 
270 C  "C3'" . DA  B 5 ? 0.1119 0.1654 0.1924 0.0311  0.0219  -0.0183 5   DA  B "C3'" 
271 O  "O3'" . DA  B 5 ? 0.1903 0.1804 0.2273 -0.0109 -0.0353 0.0043  5   DA  B "O3'" 
272 C  "C2'" . DA  B 5 ? 0.2429 0.2021 0.1196 0.0094  -0.0247 0.0073  5   DA  B "C2'" 
273 C  "C1'" . DA  B 5 ? 0.1991 0.1799 0.1654 0.0351  -0.0720 -0.0127 5   DA  B "C1'" 
274 N  N9    . DA  B 5 ? 0.1694 0.1885 0.1248 0.0204  -0.0550 -0.0298 5   DA  B N9    
275 C  C8    . DA  B 5 ? 0.1599 0.2066 0.1478 -0.0015 -0.0450 -0.0079 5   DA  B C8    
276 N  N7    . DA  B 5 ? 0.1440 0.1870 0.1519 -0.0063 -0.0454 0.0002  5   DA  B N7    
277 C  C5    . DA  B 5 ? 0.1912 0.1715 0.1747 -0.0343 -0.0459 -0.0201 5   DA  B C5    
278 C  C6    . DA  B 5 ? 0.1790 0.1912 0.1472 -0.0066 -0.0663 0.0071  5   DA  B C6    
279 N  N6    . DA  B 5 ? 0.2623 0.1456 0.1486 -0.0045 -0.0228 0.0165  5   DA  B N6    
280 N  N1    . DA  B 5 ? 0.1165 0.2001 0.2005 -0.0092 -0.0189 0.0077  5   DA  B N1    
281 C  C2    . DA  B 5 ? 0.1213 0.1723 0.1693 -0.0011 -0.0572 0.0105  5   DA  B C2    
282 N  N3    . DA  B 5 ? 0.1726 0.1773 0.2241 -0.0551 -0.0365 -0.0270 5   DA  B N3    
283 C  C4    . DA  B 5 ? 0.1349 0.2057 0.1504 -0.0086 -0.0757 -0.0003 5   DA  B C4    
284 P  P     . DG  B 6 ? 0.2357 0.2117 0.2041 0.0021  -0.0210 0.0059  6   DG  B P     
285 O  OP1   . DG  B 6 ? 0.3128 0.1903 0.2312 0.0218  -0.0600 0.0130  6   DG  B OP1   
286 O  OP2   . DG  B 6 ? 0.2108 0.2197 0.2742 0.0256  0.0039  -0.0422 6   DG  B OP2   
287 O  "O5'" . DG  B 6 ? 0.1941 0.1957 0.1864 0.0193  0.0102  0.0264  6   DG  B "O5'" 
288 C  "C5'" . DG  B 6 ? 0.2436 0.1872 0.1944 0.0158  -0.0050 0.0528  6   DG  B "C5'" 
289 C  "C4'" . DG  B 6 ? 0.2040 0.1829 0.2061 0.0351  -0.0346 0.0272  6   DG  B "C4'" 
290 O  "O4'" . DG  B 6 ? 0.2209 0.1932 0.1982 -0.0159 -0.0321 -0.0242 6   DG  B "O4'" 
291 C  "C3'" . DG  B 6 ? 0.2266 0.1681 0.1614 0.0091  -0.0670 -0.0120 6   DG  B "C3'" 
292 O  "O3'" . DG  B 6 ? 0.2168 0.1641 0.1724 -0.0144 -0.0342 -0.0025 6   DG  B "O3'" 
293 C  "C2'" . DG  B 6 ? 0.2164 0.1655 0.1676 -0.0296 -0.0528 0.0007  6   DG  B "C2'" 
294 C  "C1'" . DG  B 6 ? 0.2202 0.1913 0.1722 -0.0360 -0.0456 0.0131  6   DG  B "C1'" 
295 N  N9    . DG  B 6 ? 0.1502 0.1688 0.1896 0.0012  -0.0177 -0.0202 6   DG  B N9    
296 C  C8    . DG  B 6 ? 0.2047 0.2008 0.1613 -0.0096 -0.0844 -0.0207 6   DG  B C8    
297 N  N7    . DG  B 6 ? 0.1825 0.1927 0.1591 -0.0136 -0.0764 0.0038  6   DG  B N7    
298 C  C5    . DG  B 6 ? 0.1928 0.1579 0.1631 -0.0441 -0.0489 -0.0216 6   DG  B C5    
299 C  C6    . DG  B 6 ? 0.1094 0.1647 0.2142 -0.0410 -0.0512 0.0054  6   DG  B C6    
300 O  O6    . DG  B 6 ? 0.2280 0.1981 0.1911 -0.0223 -0.0378 0.0520  6   DG  B O6    
301 N  N1    . DG  B 6 ? 0.1729 0.1631 0.1734 -0.0157 -0.0543 -0.0127 6   DG  B N1    
302 C  C2    . DG  B 6 ? 0.1977 0.1789 0.2245 -0.0139 -0.0575 -0.0145 6   DG  B C2    
303 N  N2    . DG  B 6 ? 0.2403 0.1741 0.2592 -0.0176 -0.0325 0.0057  6   DG  B N2    
304 N  N3    . DG  B 6 ? 0.1663 0.1798 0.1787 -0.0300 -0.0381 -0.0027 6   DG  B N3    
305 C  C4    . DG  B 6 ? 0.1565 0.1579 0.1662 -0.0180 -0.0474 -0.0285 6   DG  B C4    
306 P  P     . DG  B 7 ? 0.2379 0.1993 0.1858 0.0192  -0.0211 0.0034  7   DG  B P     
307 O  OP1   . DG  B 7 ? 0.2378 0.2234 0.2119 0.0720  -0.0330 -0.0643 7   DG  B OP1   
308 O  OP2   . DG  B 7 ? 0.1864 0.2196 0.2162 -0.0051 -0.0022 0.0207  7   DG  B OP2   
309 O  "O5'" . DG  B 7 ? 0.2276 0.2249 0.2326 0.0075  -0.0620 0.0321  7   DG  B "O5'" 
310 C  "C5'" . DG  B 7 ? 0.2287 0.1493 0.2135 -0.0057 -0.0305 -0.0116 7   DG  B "C5'" 
311 C  "C4'" . DG  B 7 ? 0.1971 0.1649 0.1992 0.0165  -0.0033 -0.0438 7   DG  B "C4'" 
312 O  "O4'" . DG  B 7 ? 0.2138 0.1409 0.1856 0.0361  -0.0303 -0.0196 7   DG  B "O4'" 
313 C  "C3'" . DG  B 7 ? 0.2694 0.1908 0.2313 -0.0025 -0.0086 -0.0062 7   DG  B "C3'" 
314 O  "O3'" . DG  B 7 ? 0.2004 0.2058 0.2179 0.0412  -0.0359 -0.0151 7   DG  B "O3'" 
315 C  "C2'" . DG  B 7 ? 0.2553 0.1300 0.2332 -0.0173 -0.0126 0.0330  7   DG  B "C2'" 
316 C  "C1'" . DG  B 7 ? 0.2368 0.1944 0.1564 0.0142  -0.0053 -0.0416 7   DG  B "C1'" 
317 N  N9    . DG  B 7 ? 0.1985 0.1790 0.1866 -0.0007 -0.0477 0.0048  7   DG  B N9    
318 C  C8    . DG  B 7 ? 0.2607 0.2124 0.1825 0.0228  0.0352  -0.0147 7   DG  B C8    
319 N  N7    . DG  B 7 ? 0.2252 0.2108 0.1455 0.0160  -0.0083 0.0191  7   DG  B N7    
320 C  C5    . DG  B 7 ? 0.2397 0.1378 0.1624 -0.0205 -0.0229 0.0198  7   DG  B C5    
321 C  C6    . DG  B 7 ? 0.1870 0.1852 0.1672 -0.0012 0.0132  -0.0012 7   DG  B C6    
322 O  O6    . DG  B 7 ? 0.2775 0.2371 0.2045 -0.0509 -0.0513 -0.0121 7   DG  B O6    
323 N  N1    . DG  B 7 ? 0.1836 0.1593 0.1814 0.0023  -0.0362 0.0187  7   DG  B N1    
324 C  C2    . DG  B 7 ? 0.1165 0.1482 0.2406 0.0332  -0.0105 0.0329  7   DG  B C2    
325 N  N2    . DG  B 7 ? 0.1532 0.2171 0.1718 -0.0202 -0.0624 0.0247  7   DG  B N2    
326 N  N3    . DG  B 7 ? 0.1894 0.2079 0.2287 -0.0183 -0.0200 0.0344  7   DG  B N3    
327 C  C4    . DG  B 7 ? 0.1722 0.1314 0.1719 0.0072  -0.0491 0.0111  7   DG  B C4    
328 P  P     . DC  B 8 ? 0.2372 0.2008 0.2199 0.0110  -0.0284 -0.0233 8   DC  B P     
329 O  OP1   . DC  B 8 ? 0.1772 0.2867 0.3782 0.0492  -0.0356 0.0866  8   DC  B OP1   
330 O  OP2   . DC  B 8 ? 0.2576 0.1821 0.2006 0.0002  0.0006  -0.0552 8   DC  B OP2   
331 O  "O5'" . DC  B 8 ? 0.2503 0.2201 0.1982 0.0442  -0.0208 -0.0162 8   DC  B "O5'" 
332 C  "C5'" . DC  B 8 ? 0.1824 0.1649 0.2121 -0.0116 -0.0314 -0.0362 8   DC  B "C5'" 
333 C  "C4'" . DC  B 8 ? 0.2117 0.1755 0.2705 0.0114  -0.0628 0.0465  8   DC  B "C4'" 
334 O  "O4'" . DC  B 8 ? 0.1732 0.1847 0.2534 0.0045  -0.0247 -0.0161 8   DC  B "O4'" 
335 C  "C3'" . DC  B 8 ? 0.2791 0.2206 0.1536 0.0248  -0.0293 0.0005  8   DC  B "C3'" 
336 O  "O3'" . DC  B 8 ? 0.2392 0.2185 0.2087 0.0063  -0.0845 0.0246  8   DC  B "O3'" 
337 C  "C2'" . DC  B 8 ? 0.2202 0.1872 0.1971 0.0501  -0.0305 -0.0379 8   DC  B "C2'" 
338 C  "C1'" . DC  B 8 ? 0.1790 0.1930 0.1663 0.0547  -0.0086 -0.0184 8   DC  B "C1'" 
339 N  N1    . DC  B 8 ? 0.1759 0.2129 0.1838 0.0126  -0.0216 0.0102  8   DC  B N1    
340 C  C2    . DC  B 8 ? 0.1817 0.2084 0.2295 0.0553  -0.0101 -0.0003 8   DC  B C2    
341 O  O2    . DC  B 8 ? 0.2496 0.1559 0.2120 0.0118  -0.0382 0.0013  8   DC  B O2    
342 N  N3    . DC  B 8 ? 0.1394 0.1904 0.1901 0.0107  -0.0287 -0.0395 8   DC  B N3    
343 C  C4    . DC  B 8 ? 0.1570 0.2149 0.1944 -0.0063 -0.0165 -0.0202 8   DC  B C4    
344 N  N4    . DC  B 8 ? 0.1804 0.2256 0.1760 -0.0093 -0.0165 -0.0085 8   DC  B N4    
345 C  C5    . DC  B 8 ? 0.1956 0.1856 0.1957 0.0335  -0.0229 -0.0105 8   DC  B C5    
346 C  C6    . DC  B 8 ? 0.1385 0.2110 0.1542 0.0078  -0.0691 0.0015  8   DC  B C6    
347 P  P     . DG  B 9 ? 0.3501 0.2344 0.2591 0.0131  -0.0813 0.0162  9   DG  B P     
348 O  OP1   . DG  B 9 ? 0.3539 0.3749 0.3626 0.0003  -0.0446 0.0916  9   DG  B OP1   
349 O  OP2   . DG  B 9 ? 0.4513 0.4140 0.2141 0.1536  -0.0757 0.0439  9   DG  B OP2   
350 O  "O5'" . DG  B 9 ? 0.3602 0.2521 0.2082 0.0041  -0.0398 0.0188  9   DG  B "O5'" 
351 C  "C5'" . DG  B 9 ? 0.2746 0.1539 0.2188 -0.0238 -0.0248 0.0519  9   DG  B "C5'" 
352 C  "C4'" . DG  B 9 ? 0.2309 0.2207 0.2696 -0.0362 -0.0383 0.0462  9   DG  B "C4'" 
353 O  "O4'" . DG  B 9 ? 0.1643 0.1837 0.2425 0.0112  -0.0125 0.0172  9   DG  B "O4'" 
354 C  "C3'" . DG  B 9 ? 0.2035 0.2215 0.2540 -0.0409 -0.0133 -0.0129 9   DG  B "C3'" 
355 O  "O3'" . DG  B 9 ? 0.2478 0.2351 0.2347 0.0191  -0.0232 -0.0009 9   DG  B "O3'" 
356 C  "C2'" . DG  B 9 ? 0.1945 0.1336 0.2039 -0.0549 -0.0292 -0.0261 9   DG  B "C2'" 
357 C  "C1'" . DG  B 9 ? 0.1687 0.1800 0.2197 0.0204  0.0053  0.0175  9   DG  B "C1'" 
358 N  N9    . DG  B 9 ? 0.2305 0.1558 0.1559 0.0100  -0.0279 -0.0195 9   DG  B N9    
359 C  C8    . DG  B 9 ? 0.1820 0.0650 0.2015 0.0051  0.0111  -0.0492 9   DG  B C8    
360 N  N7    . DG  B 9 ? 0.1831 0.1695 0.1995 -0.0007 -0.0283 0.0036  9   DG  B N7    
361 C  C5    . DG  B 9 ? 0.1892 0.1633 0.2089 0.0030  0.0111  -0.0068 9   DG  B C5    
362 C  C6    . DG  B 9 ? 0.2043 0.1638 0.1845 0.0092  0.0184  -0.0058 9   DG  B C6    
363 O  O6    . DG  B 9 ? 0.2243 0.1964 0.1918 -0.0118 -0.0138 0.0236  9   DG  B O6    
364 N  N1    . DG  B 9 ? 0.1745 0.1889 0.1579 -0.0010 0.0081  -0.0125 9   DG  B N1    
365 C  C2    . DG  B 9 ? 0.1455 0.1915 0.1752 0.0087  -0.0129 0.0378  9   DG  B C2    
366 N  N2    . DG  B 9 ? 0.2191 0.2101 0.2150 0.0203  -0.0041 0.0351  9   DG  B N2    
367 N  N3    . DG  B 9 ? 0.1716 0.1767 0.1709 0.0006  0.0133  -0.0066 9   DG  B N3    
368 C  C4    . DG  B 9 ? 0.1565 0.1490 0.1765 0.0189  -0.0176 -0.0078 9   DG  B C4    
369 BA BA    A BA  C . ? 0.1935 0.1840 0.2062 -0.0007 -0.0214 0.0162  101 BA  A BA    
370 BA BA    B BA  C . ? 0.1709 0.2214 0.1360 -0.0121 -0.0436 0.0095  101 BA  A BA    
371 BA BA    . BA  D . ? 0.2715 0.2262 0.1854 0.0046  -0.0283 -0.0262 102 BA  A BA    
372 BA BA    . BA  E . ? 0.2587 0.2295 0.3006 -0.0180 0.0125  -0.0111 103 BA  A BA    
373 BA BA    . BA  F . ? 0.1993 0.1994 0.2672 0.0345  0.0473  0.0317  104 BA  A BA    
374 BA BA    . BA  G . ? 0.4436 0.3051 0.4432 -0.1472 0.0005  -0.0499 105 BA  A BA    
375 BA BA    . BA  H . ? 0.2324 0.1874 0.1636 -0.0361 -0.0378 -0.0181 101 BA  B BA    
376 BA BA    A BA  I . ? 0.2629 0.2397 0.2569 0.0480  -0.0118 0.0288  102 BA  B BA    
377 BA BA    B BA  I . ? 0.3094 0.2864 0.3732 0.0394  -0.0339 0.0319  102 BA  B BA    
378 BA BA    . BA  J . ? 0.3019 0.2135 0.2308 0.0218  -0.0260 -0.0514 103 BA  B BA    
379 BA BA    . BA  K . ? 0.3371 0.2359 0.2625 0.0076  0.0400  -0.0236 104 BA  B BA    
380 O  O     . HOH L . ? 0.4420 0.2390 0.4747 -0.0141 -0.0834 -0.0217 201 HOH A O     
381 O  O     . HOH L . ? 0.3907 0.3530 0.6175 -0.1508 0.1365  -0.2076 202 HOH A O     
382 O  O     . HOH L . ? 0.4277 0.2983 0.3726 -0.0684 0.0809  -0.1612 203 HOH A O     
383 O  O     . HOH L . ? 0.6536 0.3772 0.3384 0.1092  0.1587  -0.1192 204 HOH A O     
384 O  O     . HOH L . ? 0.3394 0.2740 0.2306 -0.0454 -0.1262 0.0375  205 HOH A O     
385 O  O     . HOH L . ? 0.2602 0.2370 0.3623 -0.0160 -0.0185 -0.0220 206 HOH A O     
386 O  O     . HOH L . ? 0.2820 0.6805 0.5072 -0.0400 -0.0637 0.1468  207 HOH A O     
387 O  O     . HOH L . ? 0.3065 0.4962 0.5600 0.0341  0.0096  -0.0037 208 HOH A O     
388 O  O     . HOH L . ? 0.3574 0.2986 0.4944 -0.0222 0.0846  0.0306  209 HOH A O     
389 O  O     . HOH L . ? 0.2353 0.2115 0.1804 0.0080  0.0064  0.0039  210 HOH A O     
390 O  O     . HOH L . ? 0.3719 0.2584 0.4830 0.0738  0.0715  0.0913  211 HOH A O     
391 O  O     . HOH L . ? 0.2681 0.2778 0.2461 -0.0359 -0.0621 -0.0357 212 HOH A O     
392 O  O     . HOH L . ? 0.3767 0.6310 0.3883 0.0825  -0.0391 0.1533  213 HOH A O     
393 O  O     . HOH L . ? 0.3638 0.2997 0.4688 -0.0757 0.0647  -0.1100 214 HOH A O     
394 O  O     . HOH L . ? 0.4570 0.3141 0.3048 0.1081  0.0915  0.0189  215 HOH A O     
395 O  O     . HOH L . ? 0.3693 0.5810 0.2095 -0.0062 0.1037  0.0207  216 HOH A O     
396 O  O     . HOH L . ? 0.2738 0.2234 0.3068 0.0314  -0.0230 -0.0618 217 HOH A O     
397 O  O     . HOH L . ? 0.4478 0.2717 0.5487 -0.0407 0.2491  -0.2000 218 HOH A O     
398 O  O     . HOH L . ? 0.3399 0.3669 0.3136 0.0813  0.0425  -0.0018 219 HOH A O     
399 O  O     . HOH L . ? 0.2906 0.1910 0.4709 0.0176  0.0921  0.0149  220 HOH A O     
400 O  O     . HOH L . ? 0.1750 0.2258 0.2053 0.0321  0.0215  -0.0921 221 HOH A O     
401 O  O     . HOH L . ? 0.3508 0.3787 0.3039 0.0856  0.0749  -0.0977 222 HOH A O     
402 O  O     . HOH L . ? 0.3532 0.3944 0.3690 -0.0735 0.1377  -0.1053 223 HOH A O     
403 O  O     . HOH L . ? 0.3601 0.2907 0.5012 -0.0202 0.0840  -0.0839 224 HOH A O     
404 O  O     . HOH L . ? 0.3709 0.4063 0.4810 -0.1963 -0.0574 -0.0177 225 HOH A O     
405 O  O     . HOH L . ? 0.3158 0.3146 0.4870 0.0741  0.0709  -0.1462 226 HOH A O     
406 O  O     . HOH L . ? 0.3983 0.3204 0.4154 -0.0948 -0.1223 0.0216  227 HOH A O     
407 O  O     . HOH L . ? 0.3419 0.5919 0.5864 0.0555  -0.0970 0.1683  228 HOH A O     
408 O  O     . HOH L . ? 0.2953 0.3121 0.3505 -0.0169 -0.0081 0.0009  229 HOH A O     
409 O  O     . HOH L . ? 0.3373 0.2169 0.4191 -0.1117 0.0918  -0.1025 230 HOH A O     
410 O  O     . HOH L . ? 0.5157 0.4240 0.5246 0.0031  -0.2332 -0.0953 231 HOH A O     
411 O  O     . HOH L . ? 0.2304 0.3373 0.3022 0.0170  0.0103  -0.0726 232 HOH A O     
412 O  O     . HOH L . ? 0.3158 0.5860 0.2496 0.1188  -0.0563 -0.0666 233 HOH A O     
413 O  O     . HOH L . ? 0.3466 0.3508 0.3413 0.0138  0.0539  0.1008  234 HOH A O     
414 O  O     . HOH L . ? 0.7522 0.5402 0.2623 -0.0216 -0.1364 -0.1323 235 HOH A O     
415 O  O     . HOH L . ? 0.4119 0.3953 0.2806 0.0587  -0.0121 0.0548  236 HOH A O     
416 O  O     . HOH L . ? 0.4904 0.3129 0.3796 0.0860  -0.0683 -0.1118 237 HOH A O     
417 O  O     . HOH L . ? 0.2267 0.4935 0.3514 0.0821  0.0195  -0.0275 238 HOH A O     
418 O  O     . HOH L . ? 0.5513 0.7558 0.2497 0.1610  -0.0662 0.0633  239 HOH A O     
419 O  O     . HOH L . ? 0.3508 0.3472 0.5658 -0.0521 0.0690  -0.1167 240 HOH A O     
420 O  O     . HOH L . ? 0.5919 0.3933 0.3615 -0.0175 0.0592  -0.0320 241 HOH A O     
421 O  O     . HOH L . ? 0.4503 0.3097 0.5491 0.1264  -0.1340 0.0407  242 HOH A O     
422 O  O     . HOH L . ? 0.4051 0.5820 0.2184 0.0609  -0.0849 -0.0555 243 HOH A O     
423 O  O     . HOH L . ? 0.4736 0.6141 0.3859 0.1698  0.0448  -0.1178 244 HOH A O     
424 O  O     . HOH L . ? 0.3628 0.5648 0.5314 0.0091  -0.0599 -0.0796 245 HOH A O     
425 O  O     . HOH L . ? 0.6073 0.5125 0.2581 0.1202  -0.1563 -0.0647 246 HOH A O     
426 O  O     . HOH L . ? 0.2896 0.5047 0.4366 -0.0838 0.0387  -0.0979 247 HOH A O     
427 O  O     . HOH L . ? 0.5069 0.4221 0.4387 -0.1171 0.1643  -0.0957 248 HOH A O     
428 O  O     . HOH L . ? 0.3656 0.3992 0.3122 -0.1052 0.0472  0.1294  249 HOH A O     
429 O  O     . HOH L . ? 0.3752 0.4706 0.5712 -0.0846 0.0571  0.0411  250 HOH A O     
430 O  O     . HOH L . ? 0.3834 0.5590 0.4257 0.2069  0.0078  0.1138  251 HOH A O     
431 O  O     . HOH L . ? 0.3412 0.3943 0.3055 0.0433  -0.0807 -0.0346 252 HOH A O     
432 O  O     . HOH L . ? 0.3019 0.6263 0.6467 0.0457  0.0143  0.1501  253 HOH A O     
433 O  O     . HOH L . ? 0.4432 0.4223 0.4607 0.0771  -0.1119 -0.0421 254 HOH A O     
434 O  O     . HOH L . ? 0.4289 0.4757 0.3971 0.0925  0.0272  -0.1141 255 HOH A O     
435 O  O     . HOH L . ? 0.2224 0.2703 0.2801 -0.0152 -0.0019 -0.0099 256 HOH A O     
436 O  O     . HOH L . ? 0.4056 0.3756 0.4882 0.0192  -0.1318 -0.0737 257 HOH A O     
437 O  O     . HOH L . ? 0.4239 0.4523 0.2368 0.1075  0.1361  0.0423  258 HOH A O     
438 O  O     A HOH L . ? 0.2117 0.1344 0.3667 0.0147  -0.0862 0.0470  259 HOH A O     
439 O  O     B HOH L . ? 0.3093 0.2440 0.0589 0.1344  0.0585  -0.0208 259 HOH A O     
440 O  O     . HOH L . ? 0.2575 0.2545 0.3517 0.0548  -0.0736 -0.0609 260 HOH A O     
441 O  O     . HOH L . ? 0.3275 0.3194 0.3178 -0.0658 0.0146  -0.0768 261 HOH A O     
442 O  O     . HOH L . ? 0.4249 0.3964 0.2492 0.0007  -0.0415 -0.1945 262 HOH A O     
443 O  O     . HOH L . ? 0.5892 0.3840 0.4638 -0.1627 -0.1019 -0.1607 263 HOH A O     
444 O  O     . HOH L . ? 0.2119 0.2958 0.3119 -0.0083 -0.0104 0.0509  264 HOH A O     
445 O  O     . HOH L . ? 0.3413 0.4887 0.4985 0.1579  -0.1604 -0.0385 265 HOH A O     
446 O  O     . HOH L . ? 0.5475 0.3395 0.1387 -0.0025 -0.0134 -0.0151 266 HOH A O     
447 O  O     . HOH L . ? 0.5076 0.4610 0.4149 0.1334  -0.1920 -0.0547 267 HOH A O     
448 O  O     . HOH L . ? 0.3766 0.2386 0.3332 -0.0356 -0.0496 -0.0209 268 HOH A O     
449 O  O     . HOH L . ? 0.2346 0.4392 0.4792 -0.0520 -0.0262 -0.0582 269 HOH A O     
450 O  O     . HOH M . ? 0.4672 0.3407 0.3641 0.0181  0.0084  -0.0396 201 HOH B O     
451 O  O     . HOH M . ? 0.3846 0.4931 0.3559 -0.0348 0.0523  -0.0542 202 HOH B O     
452 O  O     . HOH M . ? 0.4027 0.5027 0.0944 0.0768  0.0150  0.0292  203 HOH B O     
453 O  O     . HOH M . ? 0.5175 0.6066 0.3987 0.1673  -0.1828 0.0388  204 HOH B O     
454 O  O     . HOH M . ? 0.2952 0.2663 0.4115 0.0660  0.0122  -0.0930 205 HOH B O     
455 O  O     . HOH M . ? 0.2716 0.3415 0.2865 0.0335  -0.0280 -0.0223 206 HOH B O     
456 O  O     . HOH M . ? 0.6661 0.4379 0.6417 0.3102  -0.1208 0.1140  207 HOH B O     
457 O  O     . HOH M . ? 0.4046 0.3539 0.5314 0.1228  -0.1906 -0.0906 208 HOH B O     
458 O  O     . HOH M . ? 0.2884 0.7036 0.9263 0.2422  0.1339  -0.1105 209 HOH B O     
459 O  O     . HOH M . ? 0.3983 0.5955 0.6369 -0.1360 0.0846  0.1399  210 HOH B O     
460 O  O     . HOH M . ? 0.3202 0.1561 0.2958 0.0384  0.0297  0.0008  211 HOH B O     
461 O  O     . HOH M . ? 0.4266 0.3460 0.4535 0.0249  0.0285  -0.0334 212 HOH B O     
462 O  O     . HOH M . ? 0.2943 0.2566 0.2405 -0.0107 -0.0078 0.0091  213 HOH B O     
463 O  O     . HOH M . ? 0.4842 0.3515 0.4053 0.0658  0.0555  -0.0053 214 HOH B O     
464 O  O     . HOH M . ? 0.3550 0.3312 0.3531 0.0131  0.0413  -0.0999 215 HOH B O     
465 O  O     . HOH M . ? 0.2341 0.2767 0.1784 0.0103  -0.0100 -0.0451 216 HOH B O     
466 O  O     . HOH M . ? 0.4797 0.2610 0.3335 0.0392  0.1422  0.0536  217 HOH B O     
467 O  O     . HOH M . ? 0.2536 0.2735 0.2681 0.0262  -0.0278 0.0005  218 HOH B O     
468 O  O     . HOH M . ? 0.2983 0.2043 0.2639 -0.0117 0.0406  0.0013  219 HOH B O     
469 O  O     . HOH M . ? 0.4293 0.6450 0.3004 -0.0699 -0.0915 0.0547  220 HOH B O     
470 O  O     . HOH M . ? 0.2548 0.3354 0.2522 0.1362  -0.1996 -0.0644 221 HOH B O     
471 O  O     . HOH M . ? 0.2096 0.2234 0.1896 -0.0271 -0.0558 -0.0158 222 HOH B O     
472 O  O     . HOH M . ? 0.4342 0.6159 0.3613 -0.0319 -0.0702 -0.0656 223 HOH B O     
473 O  O     . HOH M . ? 0.4693 0.2619 0.2752 -0.0999 0.0739  0.0347  224 HOH B O     
474 O  O     . HOH M . ? 0.3356 0.3181 0.4738 0.0172  -0.1503 0.0053  225 HOH B O     
475 O  O     . HOH M . ? 0.3164 0.2407 0.3032 0.0702  -0.0142 -0.0280 226 HOH B O     
476 O  O     . HOH M . ? 0.3020 0.4027 0.2536 -0.0831 -0.0393 0.0125  227 HOH B O     
477 O  O     . HOH M . ? 0.4883 0.4252 0.4777 -0.0767 -0.0562 0.2899  228 HOH B O     
478 O  O     . HOH M . ? 0.3352 0.1987 0.1711 0.0316  -0.0534 -0.0309 229 HOH B O     
479 O  O     . HOH M . ? 0.3101 0.2332 0.3320 -0.0838 -0.0847 0.0195  230 HOH B O     
480 O  O     . HOH M . ? 0.4764 0.2799 0.2421 -0.0098 0.0950  0.0088  231 HOH B O     
481 O  O     . HOH M . ? 0.2347 0.1615 0.1664 -0.0437 -0.0572 -0.0191 232 HOH B O     
482 O  O     . HOH M . ? 0.2926 0.2321 0.3661 -0.0531 -0.0097 -0.0330 233 HOH B O     
483 O  O     . HOH M . ? 0.4929 0.2582 0.3713 -0.0151 0.0077  0.0052  234 HOH B O     
484 O  O     . HOH M . ? 0.3117 0.4213 0.2810 0.1340  0.0785  -0.0214 235 HOH B O     
485 O  O     . HOH M . ? 0.5155 0.2642 0.3453 0.0163  0.0619  -0.0166 236 HOH B O     
486 O  O     . HOH M . ? 0.0497 0.3043 0.2890 -0.0781 0.0513  -0.1002 237 HOH B O     
487 O  O     . HOH M . ? 0.2973 0.1802 0.3868 -0.0164 -0.1079 -0.0303 238 HOH B O     
488 O  O     . HOH M . ? 0.2912 0.4909 0.5370 0.0318  0.0988  -0.1250 239 HOH B O     
489 O  O     . HOH M . ? 0.6273 0.2498 0.5835 -0.0390 0.0116  -0.0101 240 HOH B O     
490 O  O     . HOH M . ? 0.3374 0.2932 0.2481 -0.0150 -0.0464 0.0044  241 HOH B O     
491 O  O     . HOH M . ? 0.4688 0.2480 0.2365 -0.0299 0.0077  -0.0808 242 HOH B O     
492 O  O     . HOH M . ? 0.4718 0.1954 0.5158 0.0031  -0.0383 -0.0117 243 HOH B O     
493 O  O     . HOH M . ? 0.3508 0.2682 0.2962 -0.0322 0.1160  -0.0587 244 HOH B O     
494 O  O     . HOH M . ? 0.3626 0.3593 0.3236 0.0365  -0.0350 -0.0206 245 HOH B O     
495 O  O     . HOH M . ? 0.4102 0.3709 0.5453 0.0714  -0.2083 -0.0714 246 HOH B O     
496 O  O     . HOH M . ? 0.2817 0.3248 0.3553 0.0209  0.0806  -0.0687 247 HOH B O     
497 O  O     . HOH M . ? 0.4065 0.5682 0.4305 0.1568  0.0038  0.0605  248 HOH B O     
498 O  O     . HOH M . ? 0.4313 0.4315 0.3197 -0.1081 -0.1435 0.0120  249 HOH B O     
499 O  O     . HOH M . ? 0.4593 0.4058 0.5100 -0.0489 -0.0460 -0.1282 250 HOH B O     
500 O  O     . HOH M . ? 0.3083 0.3604 0.3442 0.1373  0.0038  -0.1129 251 HOH B O     
501 O  O     . HOH M . ? 0.3114 0.3082 0.1961 0.0320  -0.0298 -0.0118 252 HOH B O     
502 O  O     A HOH M . ? 0.2457 0.2684 0.3587 0.0608  0.0664  -0.1741 253 HOH B O     
503 O  O     B HOH M . ? 0.2721 0.2877 0.3306 0.0636  0.2409  -0.0248 253 HOH B O     
504 O  O     . HOH M . ? 0.3645 0.6266 0.4281 -0.0173 -0.0074 -0.1305 254 HOH B O     
505 O  O     . HOH M . ? 0.3817 0.2540 0.1993 0.0434  -0.0238 0.0115  255 HOH B O     
506 O  O     . HOH M . ? 0.3593 0.2959 0.4906 -0.0525 0.0248  0.0162  256 HOH B O     
507 O  O     . HOH M . ? 0.2591 0.2218 0.3503 0.0360  -0.0346 -0.0027 257 HOH B O     
508 O  O     . HOH M . ? 0.4358 0.3640 0.3252 -0.0715 0.0792  0.0115  258 HOH B O     
509 O  O     . HOH M . ? 0.5279 0.2560 0.2637 -0.0169 -0.0003 0.0142  259 HOH B O     
510 O  O     . HOH M . ? 0.3657 0.2887 0.7427 -0.0869 -0.0249 -0.1440 260 HOH B O     
511 O  O     . HOH M . ? 0.1556 0.2586 0.0809 0.0191  0.0251  -0.0605 261 HOH B O     
512 O  O     . HOH M . ? 0.2661 0.1796 0.3479 0.0204  0.0354  0.0018  262 HOH B O     
513 O  O     . HOH M . ? 0.3435 0.3064 0.4123 0.0433  -0.1133 0.0073  263 HOH B O     
514 O  O     . HOH M . ? 0.4872 0.2733 0.4476 -0.0218 0.0789  -0.1244 264 HOH B O     
515 O  O     . HOH M . ? 0.4466 0.4562 0.4684 0.0047  0.1715  0.0312  265 HOH B O     
516 O  O     . HOH M . ? 0.4664 0.4218 0.4057 0.1306  0.0096  -0.0549 266 HOH B O     
517 O  O     . HOH M . ? 0.5424 0.2572 0.2668 -0.0406 0.0802  0.0243  267 HOH B O     
# 
